data_2AHW
#
_entry.id   2AHW
#
_cell.length_a   80.883
_cell.length_b   137.095
_cell.length_c   110.424
_cell.angle_alpha   90.00
_cell.angle_beta   105.83
_cell.angle_gamma   90.00
#
_symmetry.space_group_name_H-M   'P 1 21 1'
#
loop_
_entity.id
_entity.type
_entity.pdbx_description
1 polymer 'putative enzyme YdiF'
2 non-polymer 'COENZYME A'
3 water water
#
_entity_poly.entity_id   1
_entity_poly.type   'polypeptide(L)'
_entity_poly.pdbx_seq_one_letter_code
;MKPVKPPRINGRVPVLSAQEAVNYIPDEATLCVLGAGGGILEATTLITALADKYKQTQTPRNLSIISPTGLGDRADRGIS
PLAQEGLVKWALCGHWGQSPRISDLAEQNKIIAYNYPQGVLTQTLRAAAAHQPGIISDIGIGTFVDPRQQGGKLNEVTKE
DLIKLVEFDNKEYLYYKAIAPDIAFIRATTCDSEGYATFEDEVMYLDALVIAQAVHNNGGIVMMQVQKMVKKATLHPKSV
RIPGYLVDIVVVDPDQSQLYGGAPVNRFISGDFTLDDSTKLSLPLNQRKLVARRALFEMRKGAVGNVGVGIADGIGLVAR
EEGCADDFILTVETGPIGGITSQGIAFGANVNTRAILDMTSQFDFYHGGGLDVCYLSFAEVDQHGNVGVHKFNGKIMGTG
GFIDISATSKKIIFCGTLTAGSLKTEIADGKLNIVQEGRVKKFIRELPEITFSGKIALERGLDVRYITERAVFTLKEDGL
HLIEIAPGVDLQKDILDKMDFTPVISPELKLMDERLFIDAAMGFVLPEAAH
;
_entity_poly.pdbx_strand_id   A,B,C,D
#
loop_
_chem_comp.id
_chem_comp.type
_chem_comp.name
_chem_comp.formula
COA non-polymer 'COENZYME A' 'C21 H36 N7 O16 P3 S'
#
# COMPACT_ATOMS: atom_id res chain seq x y z
N VAL A 4 -30.46 -25.48 -5.41
CA VAL A 4 -31.08 -24.50 -4.45
C VAL A 4 -30.05 -23.97 -3.44
N LYS A 5 -29.73 -22.68 -3.56
CA LYS A 5 -28.72 -22.02 -2.74
C LYS A 5 -29.38 -21.10 -1.70
N PRO A 6 -28.68 -20.80 -0.59
CA PRO A 6 -29.25 -19.93 0.44
C PRO A 6 -29.42 -18.51 -0.07
N PRO A 7 -30.44 -17.79 0.41
CA PRO A 7 -30.72 -16.44 -0.08
C PRO A 7 -29.75 -15.41 0.47
N ARG A 8 -29.44 -14.40 -0.33
CA ARG A 8 -28.68 -13.25 0.15
C ARG A 8 -29.64 -12.37 0.99
N ILE A 9 -29.44 -12.38 2.31
CA ILE A 9 -30.22 -11.50 3.20
C ILE A 9 -29.57 -10.13 3.23
N ASN A 10 -30.33 -9.10 2.87
CA ASN A 10 -29.88 -7.70 2.88
C ASN A 10 -28.64 -7.38 2.01
N GLY A 11 -28.54 -8.05 0.86
CA GLY A 11 -27.42 -7.85 -0.04
C GLY A 11 -26.14 -8.52 0.44
N ARG A 12 -26.20 -9.18 1.59
CA ARG A 12 -25.04 -9.84 2.17
C ARG A 12 -24.92 -11.29 1.69
N VAL A 13 -23.70 -11.70 1.34
CA VAL A 13 -23.44 -13.11 1.02
C VAL A 13 -23.65 -13.94 2.29
N PRO A 14 -24.39 -15.05 2.20
CA PRO A 14 -24.58 -15.91 3.37
C PRO A 14 -23.28 -16.47 3.93
N VAL A 15 -23.14 -16.43 5.25
CA VAL A 15 -21.97 -16.98 5.92
C VAL A 15 -22.45 -18.21 6.70
N LEU A 16 -21.83 -19.36 6.44
CA LEU A 16 -22.21 -20.60 7.08
C LEU A 16 -20.98 -21.27 7.64
N SER A 17 -21.20 -22.31 8.45
CA SER A 17 -20.12 -23.19 8.87
C SER A 17 -19.84 -24.12 7.69
N ALA A 18 -18.66 -24.74 7.70
CA ALA A 18 -18.30 -25.70 6.66
C ALA A 18 -19.33 -26.83 6.60
N GLN A 19 -19.68 -27.36 7.78
CA GLN A 19 -20.71 -28.37 7.96
C GLN A 19 -22.03 -27.98 7.30
N GLU A 20 -22.53 -26.76 7.59
CA GLU A 20 -23.74 -26.27 6.93
C GLU A 20 -23.58 -26.08 5.42
N ALA A 21 -22.42 -25.59 4.98
CA ALA A 21 -22.22 -25.27 3.55
C ALA A 21 -22.34 -26.50 2.67
N VAL A 22 -21.72 -27.61 3.07
CA VAL A 22 -21.66 -28.81 2.25
C VAL A 22 -22.99 -29.60 2.18
N ASN A 23 -23.94 -29.29 3.07
CA ASN A 23 -25.29 -29.85 2.98
C ASN A 23 -26.01 -29.42 1.71
N TYR A 24 -25.48 -28.39 1.06
CA TYR A 24 -26.03 -27.89 -0.20
C TYR A 24 -25.53 -28.70 -1.40
N ILE A 25 -24.71 -29.72 -1.15
CA ILE A 25 -24.17 -30.56 -2.22
C ILE A 25 -25.06 -31.80 -2.45
N PRO A 26 -25.73 -31.87 -3.59
CA PRO A 26 -26.60 -33.03 -3.86
C PRO A 26 -25.82 -34.20 -4.43
N ASP A 27 -26.44 -35.38 -4.39
CA ASP A 27 -25.98 -36.55 -5.15
C ASP A 27 -25.56 -36.19 -6.58
N GLU A 28 -24.47 -36.79 -7.04
CA GLU A 28 -24.04 -36.64 -8.42
C GLU A 28 -23.69 -35.21 -8.87
N ALA A 29 -23.48 -34.30 -7.93
CA ALA A 29 -22.98 -32.95 -8.27
C ALA A 29 -21.57 -33.06 -8.88
N THR A 30 -21.17 -32.08 -9.68
CA THR A 30 -19.78 -31.99 -10.17
C THR A 30 -19.02 -30.95 -9.35
N LEU A 31 -18.09 -31.42 -8.54
CA LEU A 31 -17.41 -30.56 -7.59
C LEU A 31 -16.02 -30.22 -8.07
N CYS A 32 -15.73 -28.92 -8.15
CA CYS A 32 -14.40 -28.43 -8.55
C CYS A 32 -13.65 -27.89 -7.34
N VAL A 33 -12.45 -28.42 -7.10
CA VAL A 33 -11.67 -28.09 -5.91
C VAL A 33 -10.40 -27.27 -6.27
N LEU A 34 -10.39 -26.02 -5.80
CA LEU A 34 -9.24 -25.13 -5.96
C LEU A 34 -8.08 -25.59 -5.07
N GLY A 35 -6.86 -25.40 -5.55
CA GLY A 35 -5.70 -25.56 -4.66
C GLY A 35 -4.56 -26.29 -5.34
N ALA A 36 -3.39 -26.18 -4.74
CA ALA A 36 -2.24 -26.93 -5.25
C ALA A 36 -1.62 -27.69 -4.09
N GLY A 37 -0.42 -28.19 -4.27
CA GLY A 37 0.22 -29.07 -3.30
C GLY A 37 0.46 -28.43 -1.93
N GLY A 38 0.41 -29.27 -0.91
CA GLY A 38 0.84 -28.88 0.43
C GLY A 38 0.02 -27.75 1.04
N GLY A 39 -1.22 -27.59 0.59
CA GLY A 39 -2.18 -26.68 1.23
C GLY A 39 -2.32 -25.31 0.59
N ILE A 40 -1.58 -25.08 -0.49
CA ILE A 40 -1.71 -23.83 -1.27
C ILE A 40 -3.17 -23.60 -1.69
N LEU A 41 -3.76 -22.51 -1.20
CA LEU A 41 -5.13 -22.08 -1.58
C LEU A 41 -6.18 -23.17 -1.40
N GLU A 42 -5.97 -24.06 -0.45
CA GLU A 42 -6.91 -25.14 -0.21
C GLU A 42 -8.00 -24.73 0.80
N ALA A 43 -9.27 -24.84 0.39
CA ALA A 43 -10.40 -24.67 1.33
C ALA A 43 -10.57 -25.92 2.17
N THR A 44 -9.62 -26.12 3.09
CA THR A 44 -9.55 -27.33 3.88
C THR A 44 -10.81 -27.66 4.69
N THR A 45 -11.51 -26.65 5.20
CA THR A 45 -12.67 -26.93 6.06
C THR A 45 -13.81 -27.53 5.26
N LEU A 46 -13.90 -27.14 3.99
CA LEU A 46 -14.95 -27.63 3.11
C LEU A 46 -14.71 -29.08 2.69
N ILE A 47 -13.46 -29.41 2.34
CA ILE A 47 -13.08 -30.78 2.07
C ILE A 47 -13.33 -31.65 3.31
N THR A 48 -12.80 -31.21 4.45
CA THR A 48 -12.96 -31.91 5.73
C THR A 48 -14.44 -32.13 6.07
N ALA A 49 -15.25 -31.09 5.90
CA ALA A 49 -16.68 -31.17 6.20
C ALA A 49 -17.40 -32.14 5.25
N LEU A 50 -17.10 -32.10 3.96
CA LEU A 50 -17.67 -33.06 3.01
C LEU A 50 -17.30 -34.50 3.41
N ALA A 51 -16.01 -34.75 3.62
CA ALA A 51 -15.50 -36.02 4.09
C ALA A 51 -16.20 -36.51 5.38
N ASP A 52 -16.33 -35.61 6.35
CA ASP A 52 -17.01 -35.90 7.61
C ASP A 52 -18.47 -36.26 7.43
N LYS A 53 -19.17 -35.54 6.56
CA LYS A 53 -20.58 -35.81 6.29
C LYS A 53 -20.78 -37.20 5.69
N TYR A 54 -19.93 -37.57 4.73
CA TYR A 54 -20.01 -38.89 4.14
C TYR A 54 -19.68 -40.00 5.15
N LYS A 55 -18.63 -39.79 5.95
CA LYS A 55 -18.24 -40.79 6.94
C LYS A 55 -19.40 -41.08 7.89
N GLN A 56 -20.09 -40.02 8.31
CA GLN A 56 -21.17 -40.13 9.27
C GLN A 56 -22.47 -40.66 8.65
N THR A 57 -22.80 -40.21 7.44
CA THR A 57 -24.13 -40.45 6.87
C THR A 57 -24.19 -41.23 5.55
N GLN A 58 -23.03 -41.42 4.90
CA GLN A 58 -22.95 -42.09 3.60
C GLN A 58 -23.64 -41.30 2.46
N THR A 59 -23.83 -40.00 2.68
CA THR A 59 -24.27 -39.05 1.65
C THR A 59 -23.32 -37.81 1.66
N PRO A 60 -23.24 -37.05 0.56
CA PRO A 60 -23.95 -37.32 -0.68
C PRO A 60 -23.22 -38.42 -1.46
N ARG A 61 -23.75 -38.83 -2.61
CA ARG A 61 -23.15 -39.98 -3.30
C ARG A 61 -22.87 -39.70 -4.75
N ASN A 62 -21.85 -40.39 -5.27
CA ASN A 62 -21.57 -40.45 -6.70
C ASN A 62 -21.30 -39.07 -7.29
N LEU A 63 -20.49 -38.31 -6.56
CA LEU A 63 -20.00 -37.03 -7.03
C LEU A 63 -19.00 -37.23 -8.17
N SER A 64 -18.94 -36.24 -9.05
CA SER A 64 -17.84 -36.14 -9.98
C SER A 64 -16.91 -35.04 -9.44
N ILE A 65 -15.60 -35.27 -9.58
CA ILE A 65 -14.57 -34.33 -9.09
C ILE A 65 -13.78 -33.73 -10.25
N ILE A 66 -13.58 -32.41 -10.20
CA ILE A 66 -12.60 -31.74 -11.02
C ILE A 66 -11.55 -31.08 -10.14
N SER A 67 -10.30 -31.49 -10.33
CA SER A 67 -9.17 -30.92 -9.63
C SER A 67 -8.16 -30.43 -10.69
N PRO A 68 -8.17 -29.14 -11.00
CA PRO A 68 -7.22 -28.61 -11.98
C PRO A 68 -5.76 -29.03 -11.69
N THR A 69 -5.32 -28.98 -10.44
CA THR A 69 -4.02 -29.57 -10.13
C THR A 69 -4.06 -30.52 -8.95
N GLY A 70 -2.89 -31.03 -8.57
CA GLY A 70 -2.82 -32.00 -7.49
C GLY A 70 -2.83 -31.37 -6.12
N LEU A 71 -3.87 -31.67 -5.34
CA LEU A 71 -3.95 -31.22 -3.93
C LEU A 71 -3.32 -32.22 -2.98
N GLY A 72 -2.75 -31.73 -1.89
CA GLY A 72 -2.38 -32.57 -0.76
C GLY A 72 -0.90 -32.75 -0.50
N ASP A 73 -0.59 -33.83 0.23
CA ASP A 73 0.77 -34.11 0.70
C ASP A 73 1.27 -35.49 0.26
N ARG A 74 0.76 -35.98 -0.88
CA ARG A 74 1.10 -37.33 -1.38
C ARG A 74 0.74 -38.43 -0.38
N ALA A 75 -0.27 -38.19 0.45
CA ALA A 75 -0.68 -39.15 1.45
C ALA A 75 -2.19 -39.05 1.72
N ASP A 76 -2.56 -38.66 2.94
CA ASP A 76 -3.96 -38.68 3.35
C ASP A 76 -4.64 -37.30 3.41
N ARG A 77 -3.95 -36.26 2.99
CA ARG A 77 -4.54 -34.92 2.95
C ARG A 77 -5.05 -34.59 1.54
N GLY A 78 -5.12 -33.31 1.16
CA GLY A 78 -5.67 -32.94 -0.15
C GLY A 78 -7.08 -33.47 -0.28
N ILE A 79 -7.39 -34.11 -1.41
CA ILE A 79 -8.71 -34.78 -1.56
C ILE A 79 -8.73 -36.30 -1.30
N SER A 80 -7.67 -36.83 -0.70
CA SER A 80 -7.68 -38.21 -0.18
C SER A 80 -8.90 -38.54 0.73
N PRO A 81 -9.26 -37.65 1.66
CA PRO A 81 -10.47 -37.84 2.45
C PRO A 81 -11.73 -38.14 1.61
N LEU A 82 -11.73 -37.71 0.35
CA LEU A 82 -12.90 -37.85 -0.50
C LEU A 82 -12.93 -39.20 -1.23
N ALA A 83 -11.90 -40.01 -1.02
CA ALA A 83 -11.78 -41.36 -1.62
C ALA A 83 -12.57 -42.48 -0.92
N GLN A 84 -13.41 -42.09 0.04
CA GLN A 84 -14.31 -43.03 0.71
C GLN A 84 -15.25 -43.67 -0.30
N GLU A 85 -15.20 -44.99 -0.44
CA GLU A 85 -16.00 -45.67 -1.47
C GLU A 85 -17.47 -45.28 -1.46
N GLY A 86 -17.95 -44.84 -2.63
CA GLY A 86 -19.33 -44.43 -2.84
C GLY A 86 -19.55 -42.93 -2.97
N LEU A 87 -18.60 -42.16 -2.41
CA LEU A 87 -18.66 -40.68 -2.48
C LEU A 87 -18.37 -40.17 -3.91
N VAL A 88 -17.26 -40.62 -4.49
CA VAL A 88 -16.88 -40.21 -5.83
C VAL A 88 -17.07 -41.37 -6.80
N LYS A 89 -17.51 -41.10 -8.02
CA LYS A 89 -17.60 -42.12 -9.06
C LYS A 89 -16.80 -41.73 -10.30
N TRP A 90 -16.36 -40.47 -10.36
CA TRP A 90 -15.81 -39.88 -11.59
C TRP A 90 -14.88 -38.74 -11.19
N ALA A 91 -13.68 -38.71 -11.77
CA ALA A 91 -12.72 -37.66 -11.46
C ALA A 91 -11.95 -37.26 -12.72
N LEU A 92 -11.82 -35.94 -12.90
CA LEU A 92 -10.94 -35.36 -13.93
C LEU A 92 -9.93 -34.43 -13.26
N CYS A 93 -8.65 -34.85 -13.22
CA CYS A 93 -7.57 -34.13 -12.52
C CYS A 93 -6.35 -33.89 -13.39
N GLY A 94 -5.69 -32.75 -13.16
CA GLY A 94 -4.47 -32.42 -13.90
C GLY A 94 -3.30 -33.18 -13.31
N HIS A 95 -3.47 -33.63 -12.06
CA HIS A 95 -2.43 -34.39 -11.37
C HIS A 95 -3.07 -35.35 -10.41
N TRP A 96 -2.57 -36.59 -10.40
CA TRP A 96 -3.20 -37.68 -9.66
C TRP A 96 -2.47 -38.17 -8.40
N GLY A 97 -1.15 -38.09 -8.39
CA GLY A 97 -0.34 -38.64 -7.31
C GLY A 97 -0.38 -37.89 -5.99
N GLN A 98 -0.74 -36.61 -6.02
CA GLN A 98 -0.70 -35.76 -4.82
C GLN A 98 -1.76 -36.17 -3.78
N SER A 99 -2.89 -36.72 -4.22
CA SER A 99 -3.88 -37.35 -3.33
C SER A 99 -4.04 -38.83 -3.67
N PRO A 100 -3.09 -39.66 -3.25
CA PRO A 100 -3.01 -41.06 -3.69
C PRO A 100 -4.21 -41.98 -3.35
N ARG A 101 -5.02 -41.63 -2.35
CA ARG A 101 -6.24 -42.41 -2.05
C ARG A 101 -7.25 -42.38 -3.21
N ILE A 102 -7.30 -41.25 -3.91
CA ILE A 102 -8.13 -41.10 -5.11
C ILE A 102 -7.51 -41.83 -6.32
N SER A 103 -6.20 -41.65 -6.52
CA SER A 103 -5.50 -42.36 -7.59
C SER A 103 -5.57 -43.87 -7.37
N ASP A 104 -5.62 -44.31 -6.10
CA ASP A 104 -5.87 -45.72 -5.78
C ASP A 104 -7.19 -46.21 -6.39
N LEU A 105 -8.26 -45.44 -6.16
CA LEU A 105 -9.58 -45.76 -6.71
C LEU A 105 -9.55 -45.98 -8.23
N ALA A 106 -8.81 -45.12 -8.92
CA ALA A 106 -8.63 -45.21 -10.36
C ALA A 106 -7.86 -46.48 -10.76
N GLU A 107 -6.78 -46.76 -10.04
CA GLU A 107 -5.93 -47.91 -10.30
C GLU A 107 -6.73 -49.20 -10.13
N GLN A 108 -7.65 -49.21 -9.16
CA GLN A 108 -8.45 -50.40 -8.88
C GLN A 108 -9.73 -50.41 -9.70
N ASN A 109 -9.80 -49.54 -10.71
CA ASN A 109 -10.98 -49.44 -11.58
C ASN A 109 -12.29 -49.21 -10.86
N LYS A 110 -12.29 -48.36 -9.83
CA LYS A 110 -13.50 -48.10 -9.05
C LYS A 110 -14.18 -46.80 -9.45
N ILE A 111 -13.47 -45.97 -10.20
CA ILE A 111 -14.03 -44.71 -10.67
C ILE A 111 -13.65 -44.50 -12.11
N ILE A 112 -14.47 -43.71 -12.82
CA ILE A 112 -14.07 -43.19 -14.13
C ILE A 112 -13.01 -42.10 -13.88
N ALA A 113 -11.90 -42.21 -14.58
CA ALA A 113 -10.72 -41.39 -14.31
C ALA A 113 -10.09 -40.84 -15.61
N TYR A 114 -9.96 -39.52 -15.68
CA TYR A 114 -9.32 -38.84 -16.80
C TYR A 114 -8.19 -37.92 -16.32
N ASN A 115 -7.23 -37.67 -17.20
CA ASN A 115 -6.15 -36.71 -16.97
C ASN A 115 -6.05 -35.84 -18.22
N TYR A 116 -6.63 -34.63 -18.19
CA TYR A 116 -6.25 -33.60 -19.15
C TYR A 116 -4.89 -33.02 -18.68
N PRO A 117 -4.06 -32.52 -19.59
CA PRO A 117 -2.88 -31.78 -19.15
C PRO A 117 -3.39 -30.68 -18.24
N GLN A 118 -2.70 -30.44 -17.12
CA GLN A 118 -3.11 -29.43 -16.13
C GLN A 118 -3.47 -28.08 -16.75
N GLY A 119 -2.62 -27.60 -17.66
CA GLY A 119 -2.82 -26.32 -18.32
C GLY A 119 -4.06 -26.31 -19.20
N VAL A 120 -4.24 -27.38 -19.98
CA VAL A 120 -5.46 -27.54 -20.80
C VAL A 120 -6.71 -27.59 -19.94
N LEU A 121 -6.61 -28.33 -18.85
CA LEU A 121 -7.70 -28.49 -17.90
C LEU A 121 -8.24 -27.13 -17.41
N THR A 122 -7.35 -26.24 -17.00
CA THR A 122 -7.81 -24.94 -16.49
C THR A 122 -8.33 -24.05 -17.62
N GLN A 123 -7.73 -24.14 -18.80
CA GLN A 123 -8.28 -23.44 -19.96
C GLN A 123 -9.71 -23.93 -20.32
N THR A 124 -9.99 -25.23 -20.17
CA THR A 124 -11.34 -25.72 -20.47
C THR A 124 -12.40 -25.23 -19.47
N LEU A 125 -12.01 -25.04 -18.21
CA LEU A 125 -12.88 -24.43 -17.21
C LEU A 125 -13.18 -22.97 -17.55
N ARG A 126 -12.19 -22.29 -18.12
CA ARG A 126 -12.33 -20.91 -18.54
C ARG A 126 -13.24 -20.88 -19.77
N ALA A 127 -13.04 -21.81 -20.68
CA ALA A 127 -13.98 -21.98 -21.80
C ALA A 127 -15.41 -22.20 -21.30
N ALA A 128 -15.57 -23.11 -20.33
CA ALA A 128 -16.88 -23.48 -19.79
C ALA A 128 -17.59 -22.30 -19.10
N ALA A 129 -16.81 -21.37 -18.53
CA ALA A 129 -17.35 -20.12 -17.98
C ALA A 129 -18.02 -19.32 -19.05
N ALA A 130 -17.46 -19.40 -20.25
CA ALA A 130 -17.95 -18.67 -21.41
C ALA A 130 -18.97 -19.48 -22.23
N HIS A 131 -19.31 -20.68 -21.76
CA HIS A 131 -20.19 -21.60 -22.49
C HIS A 131 -19.65 -22.01 -23.88
N GLN A 132 -18.33 -22.04 -23.99
CA GLN A 132 -17.68 -22.63 -25.14
C GLN A 132 -17.66 -24.15 -24.94
N PRO A 133 -17.92 -24.94 -25.99
CA PRO A 133 -18.09 -26.38 -25.79
C PRO A 133 -16.76 -27.10 -25.52
N GLY A 134 -15.65 -26.47 -25.90
CA GLY A 134 -14.30 -27.04 -25.72
C GLY A 134 -13.24 -26.13 -26.30
N ILE A 135 -11.99 -26.56 -26.20
CA ILE A 135 -10.87 -25.82 -26.80
C ILE A 135 -10.09 -26.67 -27.78
N ILE A 136 -9.46 -25.99 -28.74
CA ILE A 136 -8.64 -26.63 -29.75
C ILE A 136 -7.16 -26.36 -29.45
N SER A 137 -6.38 -27.43 -29.32
CA SER A 137 -5.00 -27.28 -28.91
C SER A 137 -4.13 -28.42 -29.45
N ASP A 138 -2.89 -28.12 -29.82
CA ASP A 138 -1.96 -29.21 -30.16
C ASP A 138 -1.23 -29.76 -28.95
N ILE A 139 -1.51 -29.19 -27.77
CA ILE A 139 -0.91 -29.70 -26.55
C ILE A 139 -1.44 -31.11 -26.24
N GLY A 140 -0.56 -32.09 -26.37
CA GLY A 140 -0.93 -33.46 -26.06
C GLY A 140 -0.96 -34.37 -27.27
N ILE A 141 -0.91 -33.80 -28.46
CA ILE A 141 -0.81 -34.59 -29.70
C ILE A 141 0.36 -35.56 -29.54
N GLY A 142 0.11 -36.84 -29.85
CA GLY A 142 1.17 -37.84 -29.79
C GLY A 142 1.47 -38.41 -28.43
N THR A 143 0.65 -38.08 -27.43
CA THR A 143 0.80 -38.65 -26.10
C THR A 143 -0.43 -39.46 -25.72
N PHE A 144 -0.41 -40.04 -24.52
CA PHE A 144 -1.56 -40.77 -23.99
C PHE A 144 -2.88 -40.00 -23.99
N VAL A 145 -2.83 -38.66 -23.99
CA VAL A 145 -4.08 -37.85 -24.06
C VAL A 145 -4.64 -37.78 -25.48
N ASP A 146 -3.79 -38.07 -26.47
CA ASP A 146 -4.22 -38.24 -27.85
C ASP A 146 -5.21 -39.41 -27.92
N PRO A 147 -6.38 -39.22 -28.53
CA PRO A 147 -7.35 -40.32 -28.65
C PRO A 147 -6.84 -41.51 -29.45
N ARG A 148 -5.80 -41.33 -30.25
CA ARG A 148 -5.18 -42.45 -30.96
C ARG A 148 -4.35 -43.32 -30.04
N GLN A 149 -4.12 -42.84 -28.83
CA GLN A 149 -3.56 -43.72 -27.79
C GLN A 149 -4.63 -43.99 -26.72
N GLN A 150 -4.59 -43.29 -25.57
CA GLN A 150 -5.54 -43.55 -24.47
C GLN A 150 -6.64 -42.49 -24.29
N GLY A 151 -6.59 -41.40 -25.06
CA GLY A 151 -7.55 -40.31 -24.90
C GLY A 151 -7.67 -39.73 -23.48
N GLY A 152 -6.56 -39.71 -22.75
CA GLY A 152 -6.57 -39.24 -21.37
C GLY A 152 -7.19 -40.16 -20.33
N LYS A 153 -7.70 -41.31 -20.76
CA LYS A 153 -8.35 -42.29 -19.89
C LYS A 153 -7.29 -43.09 -19.16
N LEU A 154 -7.51 -43.35 -17.88
CA LEU A 154 -6.45 -43.83 -17.02
C LEU A 154 -6.60 -45.30 -16.63
N ASN A 155 -7.81 -45.83 -16.84
CA ASN A 155 -8.09 -47.24 -16.52
C ASN A 155 -9.10 -47.85 -17.50
N GLU A 156 -9.43 -49.12 -17.27
CA GLU A 156 -10.29 -49.89 -18.15
C GLU A 156 -11.76 -49.41 -18.15
N VAL A 157 -12.30 -49.13 -16.97
CA VAL A 157 -13.72 -48.75 -16.86
C VAL A 157 -14.10 -47.41 -17.50
N THR A 158 -13.10 -46.55 -17.70
CA THR A 158 -13.30 -45.24 -18.35
C THR A 158 -13.48 -45.40 -19.86
N LYS A 159 -14.65 -45.04 -20.38
CA LYS A 159 -15.04 -45.33 -21.78
C LYS A 159 -15.36 -44.09 -22.65
N GLU A 160 -16.19 -43.20 -22.12
CA GLU A 160 -16.62 -41.98 -22.82
C GLU A 160 -15.41 -41.19 -23.31
N ASP A 161 -15.42 -40.85 -24.60
CA ASP A 161 -14.38 -40.03 -25.20
C ASP A 161 -14.63 -38.56 -24.87
N LEU A 162 -13.70 -37.95 -24.13
CA LEU A 162 -13.75 -36.50 -23.92
C LEU A 162 -12.89 -35.72 -24.93
N ILE A 163 -11.90 -36.42 -25.50
CA ILE A 163 -10.93 -35.80 -26.40
C ILE A 163 -11.09 -36.35 -27.82
N LYS A 164 -11.01 -35.45 -28.79
CA LYS A 164 -11.34 -35.73 -30.17
C LYS A 164 -10.22 -35.13 -31.01
N LEU A 165 -9.86 -35.83 -32.08
CA LEU A 165 -8.92 -35.29 -33.04
C LEU A 165 -9.71 -34.47 -34.04
N VAL A 166 -9.21 -33.29 -34.40
CA VAL A 166 -9.85 -32.39 -35.37
C VAL A 166 -8.78 -31.77 -36.28
N GLU A 167 -9.22 -31.06 -37.31
CA GLU A 167 -8.30 -30.43 -38.27
C GLU A 167 -8.70 -29.01 -38.63
N PHE A 168 -7.74 -28.09 -38.53
CA PHE A 168 -7.90 -26.70 -39.00
C PHE A 168 -6.63 -26.27 -39.71
N ASP A 169 -6.77 -25.45 -40.75
CA ASP A 169 -5.63 -25.02 -41.59
C ASP A 169 -4.70 -26.19 -41.98
N ASN A 170 -5.30 -27.35 -42.23
CA ASN A 170 -4.59 -28.60 -42.51
C ASN A 170 -3.57 -29.02 -41.44
N LYS A 171 -3.84 -28.68 -40.18
CA LYS A 171 -3.02 -29.17 -39.08
C LYS A 171 -3.85 -30.01 -38.10
N GLU A 172 -3.19 -30.91 -37.41
CA GLU A 172 -3.85 -31.76 -36.41
C GLU A 172 -3.98 -31.00 -35.10
N TYR A 173 -5.15 -31.08 -34.48
CA TYR A 173 -5.36 -30.56 -33.13
C TYR A 173 -6.21 -31.49 -32.31
N LEU A 174 -6.07 -31.39 -31.00
CA LEU A 174 -7.00 -32.04 -30.10
C LEU A 174 -8.11 -31.09 -29.75
N TYR A 175 -9.32 -31.63 -29.60
CA TYR A 175 -10.46 -30.90 -29.09
C TYR A 175 -10.76 -31.49 -27.73
N TYR A 176 -10.57 -30.70 -26.67
CA TYR A 176 -10.86 -31.18 -25.33
C TYR A 176 -12.23 -30.63 -24.96
N LYS A 177 -13.13 -31.51 -24.54
CA LYS A 177 -14.47 -31.10 -24.13
C LYS A 177 -14.39 -30.25 -22.84
N ALA A 178 -15.06 -29.09 -22.86
CA ALA A 178 -15.17 -28.21 -21.69
C ALA A 178 -16.28 -28.67 -20.78
N ILE A 179 -15.95 -29.09 -19.57
CA ILE A 179 -16.96 -29.51 -18.59
C ILE A 179 -17.08 -28.51 -17.44
N ALA A 180 -18.30 -28.04 -17.19
CA ALA A 180 -18.54 -27.12 -16.06
C ALA A 180 -18.96 -27.84 -14.77
N PRO A 181 -18.40 -27.43 -13.62
CA PRO A 181 -18.81 -27.96 -12.34
C PRO A 181 -20.09 -27.33 -11.79
N ASP A 182 -20.70 -28.02 -10.81
CA ASP A 182 -21.93 -27.62 -10.11
C ASP A 182 -21.61 -26.92 -8.79
N ILE A 183 -20.50 -27.34 -8.19
CA ILE A 183 -20.05 -26.81 -6.92
C ILE A 183 -18.58 -26.40 -7.07
N ALA A 184 -18.22 -25.31 -6.41
CA ALA A 184 -16.81 -24.93 -6.25
C ALA A 184 -16.44 -24.80 -4.78
N PHE A 185 -15.32 -25.40 -4.40
CA PHE A 185 -14.64 -25.09 -3.15
C PHE A 185 -13.47 -24.16 -3.50
N ILE A 186 -13.66 -22.85 -3.36
CA ILE A 186 -12.57 -21.90 -3.53
C ILE A 186 -12.14 -21.24 -2.21
N ARG A 187 -11.14 -20.36 -2.27
CA ARG A 187 -10.60 -19.71 -1.08
C ARG A 187 -9.97 -18.36 -1.43
N ALA A 188 -10.01 -17.44 -0.47
CA ALA A 188 -9.31 -16.17 -0.54
C ALA A 188 -8.77 -15.86 0.84
N THR A 189 -7.96 -14.81 0.96
CA THR A 189 -7.53 -14.34 2.28
C THR A 189 -8.73 -13.69 3.01
N THR A 190 -9.33 -12.69 2.36
CA THR A 190 -10.28 -11.80 3.00
C THR A 190 -11.41 -11.55 2.00
N CYS A 191 -12.63 -11.37 2.48
CA CYS A 191 -13.67 -10.82 1.63
C CYS A 191 -14.55 -9.81 2.38
N ASP A 192 -15.23 -8.94 1.65
CA ASP A 192 -16.16 -8.03 2.29
C ASP A 192 -17.54 -8.68 2.47
N SER A 193 -18.52 -7.93 2.99
CA SER A 193 -19.84 -8.50 3.34
C SER A 193 -20.66 -8.98 2.13
N GLU A 194 -20.30 -8.50 0.95
CA GLU A 194 -20.91 -8.97 -0.30
C GLU A 194 -20.08 -10.00 -1.09
N GLY A 195 -18.95 -10.42 -0.53
CA GLY A 195 -18.19 -11.51 -1.14
C GLY A 195 -16.98 -11.09 -1.98
N TYR A 196 -16.78 -9.79 -2.13
CA TYR A 196 -15.62 -9.25 -2.84
C TYR A 196 -14.32 -9.64 -2.11
N ALA A 197 -13.47 -10.41 -2.78
CA ALA A 197 -12.37 -11.14 -2.12
C ALA A 197 -10.97 -10.77 -2.59
N THR A 198 -10.06 -10.61 -1.64
CA THR A 198 -8.66 -10.34 -1.94
C THR A 198 -7.77 -11.48 -1.46
N PHE A 199 -6.54 -11.50 -1.98
CA PHE A 199 -5.61 -12.62 -1.86
C PHE A 199 -4.25 -12.21 -1.25
N GLU A 200 -4.27 -11.15 -0.45
CA GLU A 200 -3.04 -10.53 0.05
C GLU A 200 -2.12 -11.46 0.83
N ASP A 201 -2.67 -12.46 1.52
CA ASP A 201 -1.83 -13.40 2.27
C ASP A 201 -1.73 -14.77 1.67
N GLU A 202 -2.42 -14.99 0.55
CA GLU A 202 -2.33 -16.29 -0.15
C GLU A 202 -0.98 -16.48 -0.86
N VAL A 203 -0.54 -17.74 -0.95
CA VAL A 203 0.71 -18.05 -1.64
C VAL A 203 0.65 -17.55 -3.09
N MET A 204 -0.52 -17.68 -3.71
CA MET A 204 -0.74 -17.33 -5.12
C MET A 204 -2.26 -17.26 -5.43
N TYR A 205 -2.63 -17.23 -6.73
CA TYR A 205 -4.04 -17.12 -7.15
C TYR A 205 -4.63 -18.37 -7.73
N LEU A 206 -3.79 -19.24 -8.28
CA LEU A 206 -4.25 -20.37 -9.08
C LEU A 206 -5.31 -19.93 -10.10
N ASP A 207 -6.38 -20.71 -10.26
CA ASP A 207 -7.47 -20.34 -11.19
C ASP A 207 -8.78 -20.05 -10.44
N ALA A 208 -8.66 -19.39 -9.29
CA ALA A 208 -9.81 -19.15 -8.42
C ALA A 208 -10.95 -18.42 -9.12
N LEU A 209 -10.65 -17.34 -9.84
CA LEU A 209 -11.69 -16.60 -10.57
C LEU A 209 -12.35 -17.44 -11.67
N VAL A 210 -11.54 -18.13 -12.46
CA VAL A 210 -12.01 -19.01 -13.52
C VAL A 210 -12.96 -20.09 -12.98
N ILE A 211 -12.58 -20.73 -11.86
CA ILE A 211 -13.42 -21.75 -11.26
C ILE A 211 -14.76 -21.11 -10.83
N ALA A 212 -14.70 -19.95 -10.18
CA ALA A 212 -15.88 -19.26 -9.70
C ALA A 212 -16.82 -18.90 -10.86
N GLN A 213 -16.24 -18.41 -11.96
CA GLN A 213 -17.03 -18.09 -13.16
C GLN A 213 -17.65 -19.31 -13.84
N ALA A 214 -16.89 -20.39 -13.94
CA ALA A 214 -17.40 -21.63 -14.55
C ALA A 214 -18.56 -22.23 -13.75
N VAL A 215 -18.47 -22.20 -12.42
CA VAL A 215 -19.55 -22.69 -11.58
C VAL A 215 -20.74 -21.72 -11.62
N HIS A 216 -20.45 -20.42 -11.43
CA HIS A 216 -21.51 -19.41 -11.46
C HIS A 216 -22.36 -19.47 -12.73
N ASN A 217 -21.71 -19.53 -13.90
CA ASN A 217 -22.43 -19.52 -15.18
C ASN A 217 -23.03 -20.88 -15.54
N ASN A 218 -22.83 -21.86 -14.66
CA ASN A 218 -23.48 -23.15 -14.77
C ASN A 218 -24.65 -23.33 -13.81
N GLY A 219 -25.09 -22.23 -13.19
CA GLY A 219 -26.18 -22.25 -12.20
C GLY A 219 -25.78 -22.96 -10.93
N GLY A 220 -24.47 -23.03 -10.67
CA GLY A 220 -23.94 -23.83 -9.57
C GLY A 220 -23.76 -23.00 -8.30
N ILE A 221 -23.20 -23.64 -7.28
CA ILE A 221 -22.99 -22.99 -5.99
C ILE A 221 -21.49 -22.81 -5.73
N VAL A 222 -21.07 -21.56 -5.59
CA VAL A 222 -19.67 -21.26 -5.28
C VAL A 222 -19.52 -21.04 -3.79
N MET A 223 -18.72 -21.91 -3.17
CA MET A 223 -18.42 -21.84 -1.75
C MET A 223 -16.95 -21.39 -1.52
N MET A 224 -16.76 -20.31 -0.75
CA MET A 224 -15.45 -19.70 -0.59
C MET A 224 -15.05 -19.60 0.88
N GLN A 225 -13.93 -20.23 1.21
CA GLN A 225 -13.31 -20.10 2.53
C GLN A 225 -12.40 -18.90 2.53
N VAL A 226 -12.48 -18.12 3.60
CA VAL A 226 -11.65 -16.94 3.84
C VAL A 226 -11.17 -16.96 5.29
N GLN A 227 -10.11 -16.21 5.56
CA GLN A 227 -9.62 -16.06 6.94
C GLN A 227 -10.51 -15.09 7.75
N LYS A 228 -10.98 -14.03 7.08
CA LYS A 228 -11.79 -13.01 7.74
C LYS A 228 -12.67 -12.28 6.76
N MET A 229 -13.67 -11.58 7.30
CA MET A 229 -14.56 -10.73 6.50
C MET A 229 -14.53 -9.30 7.01
N VAL A 230 -14.76 -8.36 6.10
CA VAL A 230 -14.58 -6.94 6.40
C VAL A 230 -15.81 -6.17 5.92
N LYS A 231 -15.88 -4.89 6.29
CA LYS A 231 -17.00 -4.03 5.89
C LYS A 231 -17.13 -3.90 4.37
N LYS A 232 -18.38 -3.95 3.88
CA LYS A 232 -18.71 -3.65 2.48
C LYS A 232 -17.89 -2.49 1.92
N ALA A 233 -17.33 -2.69 0.72
CA ALA A 233 -16.71 -1.63 -0.07
C ALA A 233 -15.53 -0.93 0.60
N THR A 234 -14.79 -1.67 1.43
CA THR A 234 -13.59 -1.10 2.08
C THR A 234 -12.28 -1.67 1.54
N LEU A 235 -12.33 -2.72 0.73
CA LEU A 235 -11.11 -3.28 0.09
C LEU A 235 -10.72 -2.46 -1.13
N HIS A 236 -9.42 -2.44 -1.46
CA HIS A 236 -8.92 -1.68 -2.61
C HIS A 236 -9.41 -2.40 -3.87
N PRO A 237 -10.09 -1.68 -4.76
CA PRO A 237 -10.68 -2.33 -5.94
C PRO A 237 -9.66 -3.05 -6.84
N LYS A 238 -8.43 -2.55 -6.88
CA LYS A 238 -7.39 -3.18 -7.68
C LYS A 238 -6.80 -4.41 -6.99
N SER A 239 -7.16 -4.66 -5.74
CA SER A 239 -6.70 -5.88 -5.07
C SER A 239 -7.77 -6.99 -5.13
N VAL A 240 -9.00 -6.64 -5.47
CA VAL A 240 -10.09 -7.61 -5.51
C VAL A 240 -9.93 -8.56 -6.71
N ARG A 241 -9.84 -9.86 -6.44
CA ARG A 241 -9.68 -10.83 -7.52
C ARG A 241 -11.00 -11.53 -7.88
N ILE A 242 -11.94 -11.55 -6.95
CA ILE A 242 -13.22 -12.23 -7.16
C ILE A 242 -14.34 -11.25 -6.82
N PRO A 243 -15.12 -10.86 -7.81
CA PRO A 243 -16.31 -10.03 -7.58
C PRO A 243 -17.31 -10.82 -6.74
N GLY A 244 -17.93 -10.14 -5.79
CA GLY A 244 -18.78 -10.78 -4.79
C GLY A 244 -19.95 -11.53 -5.35
N TYR A 245 -20.55 -11.05 -6.43
CA TYR A 245 -21.73 -11.72 -7.02
C TYR A 245 -21.45 -13.13 -7.55
N LEU A 246 -20.17 -13.51 -7.64
CA LEU A 246 -19.80 -14.89 -7.99
C LEU A 246 -19.81 -15.82 -6.79
N VAL A 247 -19.86 -15.27 -5.59
CA VAL A 247 -19.83 -16.10 -4.37
C VAL A 247 -21.23 -16.32 -3.76
N ASP A 248 -21.58 -17.56 -3.47
CA ASP A 248 -22.91 -17.89 -2.93
C ASP A 248 -22.88 -18.24 -1.46
N ILE A 249 -21.78 -18.85 -1.01
CA ILE A 249 -21.59 -19.20 0.40
C ILE A 249 -20.17 -18.84 0.85
N VAL A 250 -20.07 -18.09 1.93
CA VAL A 250 -18.76 -17.88 2.57
C VAL A 250 -18.63 -18.68 3.86
N VAL A 251 -17.50 -19.38 3.98
CA VAL A 251 -17.07 -20.00 5.25
C VAL A 251 -15.84 -19.23 5.80
N VAL A 252 -15.91 -18.79 7.06
CA VAL A 252 -14.81 -18.07 7.70
C VAL A 252 -14.05 -19.01 8.63
N ASP A 253 -12.76 -19.18 8.34
CA ASP A 253 -11.87 -19.98 9.17
C ASP A 253 -10.75 -19.07 9.65
N PRO A 254 -10.86 -18.53 10.86
CA PRO A 254 -9.90 -17.53 11.33
C PRO A 254 -8.52 -18.14 11.58
N ASP A 255 -8.44 -19.46 11.58
CA ASP A 255 -7.16 -20.17 11.76
C ASP A 255 -6.57 -20.64 10.43
N GLN A 256 -7.18 -20.17 9.33
CA GLN A 256 -6.69 -20.45 7.98
C GLN A 256 -5.18 -20.23 7.88
N SER A 257 -4.51 -21.22 7.30
CA SER A 257 -3.08 -21.23 7.23
C SER A 257 -2.66 -21.16 5.78
N GLN A 258 -1.59 -20.42 5.50
CA GLN A 258 -1.09 -20.26 4.13
C GLN A 258 -0.80 -21.62 3.47
N LEU A 259 -0.16 -22.52 4.24
CA LEU A 259 0.21 -23.86 3.83
C LEU A 259 -0.18 -24.87 4.91
N TYR A 260 -0.14 -26.16 4.60
CA TYR A 260 -0.25 -27.20 5.63
C TYR A 260 0.76 -26.93 6.77
N GLY A 261 0.38 -27.25 8.00
CA GLY A 261 1.30 -27.24 9.15
C GLY A 261 0.91 -26.20 10.18
N GLY A 262 -0.11 -25.40 9.85
CA GLY A 262 -0.67 -24.41 10.78
C GLY A 262 0.26 -23.32 11.28
N ALA A 263 1.31 -22.99 10.51
CA ALA A 263 2.15 -21.84 10.86
C ALA A 263 1.40 -20.51 10.72
N PRO A 264 1.72 -19.52 11.57
CA PRO A 264 1.19 -18.17 11.42
C PRO A 264 1.50 -17.55 10.04
N VAL A 265 0.70 -16.58 9.63
CA VAL A 265 0.94 -15.90 8.35
C VAL A 265 2.39 -15.42 8.27
N ASN A 266 3.00 -15.70 7.13
CA ASN A 266 4.34 -15.28 6.87
C ASN A 266 4.30 -14.19 5.81
N ARG A 267 4.67 -12.96 6.18
CA ARG A 267 4.44 -11.81 5.28
C ARG A 267 5.44 -11.71 4.13
N PHE A 268 6.57 -12.41 4.25
CA PHE A 268 7.47 -12.61 3.09
C PHE A 268 6.76 -13.47 2.03
N ILE A 269 6.12 -14.56 2.48
CA ILE A 269 5.32 -15.39 1.56
C ILE A 269 4.15 -14.61 0.93
N SER A 270 3.50 -13.77 1.73
CA SER A 270 2.42 -12.90 1.26
C SER A 270 2.89 -12.04 0.10
N GLY A 271 4.19 -11.70 0.09
CA GLY A 271 4.75 -10.82 -0.92
C GLY A 271 5.00 -9.38 -0.45
N ASP A 272 4.82 -9.13 0.85
CA ASP A 272 4.79 -7.77 1.42
C ASP A 272 6.16 -7.21 1.83
N PHE A 273 7.12 -8.12 2.06
CA PHE A 273 8.45 -7.73 2.51
C PHE A 273 9.52 -8.50 1.76
N THR A 274 10.70 -7.91 1.69
CA THR A 274 11.83 -8.48 0.99
C THR A 274 12.73 -9.16 1.99
N LEU A 275 12.86 -10.47 1.87
CA LEU A 275 13.76 -11.25 2.71
C LEU A 275 15.23 -10.87 2.44
N ASP A 276 16.01 -10.73 3.50
CA ASP A 276 17.40 -10.37 3.39
C ASP A 276 18.18 -11.60 2.94
N PRO A 284 25.77 -29.86 -0.27
CA PRO A 284 26.57 -31.08 -0.40
C PRO A 284 26.51 -31.65 -1.82
N LEU A 285 27.69 -31.99 -2.36
CA LEU A 285 27.79 -32.52 -3.71
C LEU A 285 27.37 -33.99 -3.81
N ASN A 286 26.08 -34.20 -4.04
CA ASN A 286 25.53 -35.53 -4.27
C ASN A 286 25.07 -35.67 -5.73
N GLN A 287 24.38 -36.75 -6.05
CA GLN A 287 23.93 -36.97 -7.42
C GLN A 287 22.86 -35.94 -7.86
N ARG A 288 22.08 -35.43 -6.90
CA ARG A 288 21.03 -34.46 -7.22
C ARG A 288 21.64 -33.11 -7.57
N LYS A 289 22.67 -32.72 -6.82
CA LYS A 289 23.40 -31.50 -7.11
C LYS A 289 24.13 -31.58 -8.46
N LEU A 290 24.68 -32.74 -8.77
CA LEU A 290 25.41 -32.95 -10.04
C LEU A 290 24.48 -32.75 -11.24
N VAL A 291 23.32 -33.37 -11.18
CA VAL A 291 22.32 -33.23 -12.24
C VAL A 291 21.88 -31.76 -12.38
N ALA A 292 21.61 -31.10 -11.24
CA ALA A 292 21.22 -29.69 -11.22
C ALA A 292 22.29 -28.81 -11.83
N ARG A 293 23.54 -29.09 -11.47
CA ARG A 293 24.70 -28.38 -12.05
C ARG A 293 24.75 -28.52 -13.54
N ARG A 294 24.70 -29.76 -14.03
CA ARG A 294 24.74 -29.98 -15.48
C ARG A 294 23.54 -29.30 -16.16
N ALA A 295 22.36 -29.41 -15.54
CA ALA A 295 21.17 -28.73 -16.04
C ALA A 295 21.36 -27.21 -16.15
N LEU A 296 22.06 -26.62 -15.18
CA LEU A 296 22.31 -25.17 -15.23
C LEU A 296 23.11 -24.74 -16.49
N PHE A 297 23.95 -25.64 -17.03
CA PHE A 297 24.70 -25.39 -18.28
C PHE A 297 23.78 -25.14 -19.46
N GLU A 298 22.51 -25.58 -19.35
CA GLU A 298 21.52 -25.36 -20.44
C GLU A 298 20.91 -23.96 -20.41
N MET A 299 21.14 -23.23 -19.33
CA MET A 299 20.61 -21.88 -19.16
C MET A 299 21.50 -20.83 -19.87
N ARG A 300 20.94 -19.65 -20.18
CA ARG A 300 21.71 -18.51 -20.67
C ARG A 300 21.10 -17.22 -20.12
N LYS A 301 21.88 -16.14 -20.15
CA LYS A 301 21.40 -14.86 -19.66
C LYS A 301 20.10 -14.52 -20.38
N GLY A 302 19.15 -14.00 -19.61
CA GLY A 302 17.93 -13.44 -20.17
C GLY A 302 16.93 -14.51 -20.58
N ALA A 303 17.23 -15.78 -20.30
CA ALA A 303 16.28 -16.86 -20.62
C ALA A 303 15.19 -17.00 -19.56
N VAL A 304 14.05 -17.56 -19.97
CA VAL A 304 12.94 -17.84 -19.10
C VAL A 304 12.82 -19.36 -19.02
N GLY A 305 12.89 -19.87 -17.80
CA GLY A 305 12.76 -21.29 -17.54
C GLY A 305 11.64 -21.53 -16.54
N ASN A 306 11.43 -22.79 -16.20
CA ASN A 306 10.41 -23.14 -15.23
C ASN A 306 11.09 -23.81 -14.04
N VAL A 307 10.65 -23.46 -12.82
CA VAL A 307 11.01 -24.25 -11.64
C VAL A 307 10.49 -25.70 -11.86
N GLY A 308 11.40 -26.65 -11.99
CA GLY A 308 11.02 -28.05 -12.14
C GLY A 308 10.78 -28.71 -10.79
N VAL A 309 10.17 -29.89 -10.81
CA VAL A 309 9.84 -30.62 -9.57
C VAL A 309 10.50 -31.99 -9.63
N GLY A 310 11.31 -32.29 -8.62
CA GLY A 310 12.13 -33.50 -8.61
C GLY A 310 13.61 -33.15 -8.65
N ILE A 311 14.41 -34.03 -9.22
CA ILE A 311 15.87 -33.90 -9.24
C ILE A 311 16.37 -32.55 -9.78
N ALA A 312 15.52 -31.85 -10.52
CA ALA A 312 15.88 -30.56 -11.10
C ALA A 312 15.84 -29.41 -10.09
N ASP A 313 14.91 -29.48 -9.13
CA ASP A 313 14.51 -28.33 -8.32
C ASP A 313 15.63 -27.58 -7.59
N GLY A 314 16.81 -28.18 -7.50
CA GLY A 314 17.99 -27.50 -6.97
C GLY A 314 18.74 -26.59 -7.95
N ILE A 315 18.23 -26.42 -9.17
CA ILE A 315 18.90 -25.51 -10.13
C ILE A 315 19.07 -24.09 -9.56
N GLY A 316 17.99 -23.57 -8.97
CA GLY A 316 17.96 -22.21 -8.44
C GLY A 316 19.03 -21.96 -7.41
N LEU A 317 19.15 -22.90 -6.48
CA LEU A 317 20.19 -22.84 -5.45
C LEU A 317 21.60 -23.00 -6.01
N VAL A 318 21.78 -23.83 -7.03
CA VAL A 318 23.10 -23.90 -7.70
C VAL A 318 23.47 -22.58 -8.39
N ALA A 319 22.49 -21.92 -8.99
CA ALA A 319 22.74 -20.67 -9.66
C ALA A 319 23.11 -19.58 -8.66
N ARG A 320 22.51 -19.61 -7.47
CA ARG A 320 22.86 -18.65 -6.40
C ARG A 320 24.29 -18.86 -5.89
N GLU A 321 24.67 -20.13 -5.71
CA GLU A 321 26.03 -20.49 -5.32
C GLU A 321 27.04 -20.00 -6.36
N GLU A 322 26.66 -20.05 -7.62
CA GLU A 322 27.54 -19.67 -8.71
C GLU A 322 27.42 -18.18 -9.07
N GLY A 323 26.52 -17.48 -8.40
CA GLY A 323 26.36 -16.04 -8.61
C GLY A 323 25.75 -15.58 -9.92
N CYS A 324 24.98 -16.44 -10.60
CA CYS A 324 24.27 -16.02 -11.81
C CYS A 324 22.72 -16.06 -11.69
N ALA A 325 22.21 -16.15 -10.48
CA ALA A 325 20.76 -16.36 -10.28
C ALA A 325 19.90 -15.20 -10.76
N ASP A 326 20.47 -14.00 -10.79
CA ASP A 326 19.76 -12.81 -11.22
C ASP A 326 19.86 -12.50 -12.70
N ASP A 327 20.60 -13.36 -13.44
CA ASP A 327 20.80 -13.20 -14.88
C ASP A 327 19.73 -13.83 -15.78
N PHE A 328 18.89 -14.68 -15.21
CA PHE A 328 17.75 -15.25 -15.94
C PHE A 328 16.58 -15.39 -14.96
N ILE A 329 15.45 -15.89 -15.44
CA ILE A 329 14.24 -15.95 -14.62
C ILE A 329 13.52 -17.30 -14.72
N LEU A 330 13.15 -17.84 -13.55
CA LEU A 330 12.38 -19.08 -13.43
C LEU A 330 10.94 -18.77 -13.05
N THR A 331 10.01 -19.37 -13.77
CA THR A 331 8.59 -19.23 -13.52
C THR A 331 8.06 -20.56 -12.95
N VAL A 332 7.05 -20.46 -12.09
CA VAL A 332 6.39 -21.62 -11.47
C VAL A 332 5.05 -21.80 -12.20
N GLU A 333 4.74 -23.04 -12.59
CA GLU A 333 3.56 -23.35 -13.42
C GLU A 333 2.27 -22.80 -12.88
N THR A 334 2.23 -22.63 -11.56
CA THR A 334 1.01 -22.24 -10.86
C THR A 334 0.82 -20.72 -10.82
N GLY A 335 1.80 -19.98 -11.36
CA GLY A 335 1.70 -18.54 -11.49
C GLY A 335 2.86 -17.65 -10.99
N PRO A 336 3.51 -18.00 -9.88
CA PRO A 336 4.62 -17.18 -9.39
C PRO A 336 5.78 -17.08 -10.37
N ILE A 337 6.41 -15.92 -10.35
CA ILE A 337 7.55 -15.63 -11.23
C ILE A 337 8.72 -15.14 -10.38
N GLY A 338 9.87 -15.79 -10.52
CA GLY A 338 11.07 -15.40 -9.77
C GLY A 338 10.95 -15.78 -8.32
N GLY A 339 11.84 -15.28 -7.46
CA GLY A 339 11.80 -15.64 -6.05
C GLY A 339 12.91 -16.60 -5.65
N ILE A 340 13.02 -16.84 -4.34
CA ILE A 340 14.02 -17.73 -3.74
C ILE A 340 13.35 -18.58 -2.69
N THR A 341 14.00 -19.69 -2.36
CA THR A 341 13.62 -20.53 -1.24
C THR A 341 14.38 -20.03 -0.01
N ALA A 349 6.47 -22.56 -1.11
CA ALA A 349 6.38 -21.10 -1.08
C ALA A 349 7.75 -20.39 -1.16
N ASN A 350 7.95 -19.72 -2.29
CA ASN A 350 9.11 -18.88 -2.44
C ASN A 350 8.82 -17.49 -1.89
N VAL A 351 9.87 -16.73 -1.66
CA VAL A 351 9.74 -15.34 -1.26
C VAL A 351 10.52 -14.46 -2.25
N ASN A 352 10.36 -13.14 -2.13
CA ASN A 352 10.95 -12.18 -3.07
C ASN A 352 10.59 -12.47 -4.54
N THR A 353 9.35 -12.89 -4.77
CA THR A 353 8.89 -13.10 -6.14
C THR A 353 8.84 -11.77 -6.87
N ARG A 354 8.88 -11.83 -8.20
CA ARG A 354 8.83 -10.64 -9.05
C ARG A 354 7.42 -10.32 -9.54
N ALA A 355 6.58 -11.34 -9.59
CA ALA A 355 5.21 -11.22 -10.08
C ALA A 355 4.49 -12.50 -9.75
N ILE A 356 3.15 -12.43 -9.77
CA ILE A 356 2.32 -13.63 -9.68
C ILE A 356 1.20 -13.48 -10.69
N LEU A 357 1.15 -14.39 -11.66
CA LEU A 357 0.05 -14.45 -12.62
C LEU A 357 -0.96 -15.47 -12.12
N ASP A 358 -2.18 -15.41 -12.67
CA ASP A 358 -3.11 -16.49 -12.48
C ASP A 358 -2.59 -17.70 -13.26
N MET A 359 -3.02 -18.88 -12.85
CA MET A 359 -2.47 -20.11 -13.38
C MET A 359 -2.82 -20.31 -14.84
N THR A 360 -4.08 -20.02 -15.20
CA THR A 360 -4.50 -20.16 -16.60
C THR A 360 -3.60 -19.36 -17.56
N SER A 361 -3.35 -18.09 -17.22
CA SER A 361 -2.49 -17.19 -17.97
C SER A 361 -1.07 -17.69 -18.04
N GLN A 362 -0.58 -18.30 -16.96
CA GLN A 362 0.76 -18.85 -16.96
C GLN A 362 0.85 -19.91 -18.06
N PHE A 363 -0.11 -20.82 -18.09
CA PHE A 363 -0.19 -21.85 -19.12
C PHE A 363 -0.43 -21.37 -20.57
N ASP A 364 -1.21 -20.31 -20.78
CA ASP A 364 -1.32 -19.69 -22.10
C ASP A 364 0.09 -19.37 -22.60
N PHE A 365 0.91 -18.80 -21.72
CA PHE A 365 2.28 -18.38 -22.04
C PHE A 365 3.13 -19.58 -22.41
N TYR A 366 3.03 -20.65 -21.61
CA TYR A 366 3.79 -21.87 -21.85
C TYR A 366 3.42 -22.52 -23.16
N HIS A 367 2.11 -22.61 -23.44
CA HIS A 367 1.60 -23.29 -24.62
C HIS A 367 2.09 -22.68 -25.90
N GLY A 368 2.24 -21.36 -25.91
CA GLY A 368 2.75 -20.68 -27.07
C GLY A 368 4.27 -20.72 -27.16
N GLY A 369 4.92 -21.55 -26.36
CA GLY A 369 6.37 -21.72 -26.43
C GLY A 369 7.14 -20.64 -25.70
N GLY A 370 6.56 -20.13 -24.61
CA GLY A 370 7.17 -19.02 -23.87
C GLY A 370 8.47 -19.40 -23.17
N LEU A 371 8.59 -20.65 -22.76
CA LEU A 371 9.78 -21.13 -22.06
C LEU A 371 10.97 -21.32 -23.01
N ASP A 372 12.08 -20.67 -22.69
CA ASP A 372 13.31 -20.89 -23.46
C ASP A 372 13.91 -22.23 -23.07
N VAL A 373 13.72 -22.58 -21.80
CA VAL A 373 14.29 -23.79 -21.24
C VAL A 373 13.34 -24.37 -20.22
N CYS A 374 13.08 -25.65 -20.36
CA CYS A 374 12.33 -26.30 -19.32
C CYS A 374 13.03 -27.53 -18.80
N TYR A 375 12.86 -27.76 -17.51
CA TYR A 375 13.53 -28.82 -16.82
C TYR A 375 12.49 -29.74 -16.28
N LEU A 376 12.63 -31.03 -16.57
CA LEU A 376 11.62 -32.02 -16.24
C LEU A 376 12.27 -33.30 -15.82
N SER A 377 11.67 -33.97 -14.85
CA SER A 377 12.11 -35.28 -14.45
C SER A 377 11.55 -36.32 -15.39
N PHE A 378 12.13 -37.52 -15.33
CA PHE A 378 11.58 -38.65 -16.07
C PHE A 378 11.53 -39.86 -15.15
N ALA A 379 10.55 -40.72 -15.40
CA ALA A 379 10.54 -42.03 -14.75
C ALA A 379 11.11 -43.05 -15.75
N GLU A 380 10.71 -42.94 -17.02
CA GLU A 380 11.20 -43.83 -18.07
C GLU A 380 11.41 -43.10 -19.38
N VAL A 381 12.44 -43.54 -20.13
CA VAL A 381 12.73 -43.07 -21.48
C VAL A 381 12.83 -44.28 -22.42
N ASP A 382 12.23 -44.19 -23.59
CA ASP A 382 12.35 -45.28 -24.54
C ASP A 382 13.23 -44.89 -25.72
N GLN A 383 13.33 -45.79 -26.70
CA GLN A 383 14.31 -45.68 -27.79
C GLN A 383 14.00 -44.57 -28.80
N HIS A 384 12.74 -44.13 -28.81
CA HIS A 384 12.31 -42.99 -29.63
C HIS A 384 12.50 -41.68 -28.87
N GLY A 385 13.00 -41.79 -27.64
CA GLY A 385 13.10 -40.61 -26.79
C GLY A 385 11.78 -40.17 -26.20
N ASN A 386 10.77 -41.04 -26.23
CA ASN A 386 9.54 -40.80 -25.48
C ASN A 386 9.84 -40.84 -24.00
N VAL A 387 9.19 -39.96 -23.24
CA VAL A 387 9.33 -39.95 -21.79
C VAL A 387 7.99 -40.30 -21.11
N GLY A 388 8.07 -41.04 -20.02
CA GLY A 388 6.88 -41.45 -19.26
C GLY A 388 7.02 -40.97 -17.83
N VAL A 389 5.99 -40.27 -17.35
CA VAL A 389 5.89 -39.89 -15.93
C VAL A 389 4.50 -40.11 -15.31
N HIS A 390 3.45 -40.18 -16.14
CA HIS A 390 2.05 -40.18 -15.62
C HIS A 390 1.64 -41.50 -14.98
N LYS A 391 2.26 -42.57 -15.46
CA LYS A 391 2.08 -43.88 -14.90
C LYS A 391 3.47 -44.47 -14.87
N PHE A 392 3.78 -45.14 -13.77
CA PHE A 392 4.96 -46.00 -13.72
C PHE A 392 4.88 -46.82 -12.44
N ASN A 393 5.50 -48.00 -12.48
CA ASN A 393 5.64 -48.85 -11.29
C ASN A 393 4.27 -49.29 -10.76
N GLY A 394 3.31 -49.46 -11.67
CA GLY A 394 1.95 -49.87 -11.31
C GLY A 394 1.03 -48.75 -10.83
N LYS A 395 1.58 -47.55 -10.62
CA LYS A 395 0.85 -46.43 -9.98
C LYS A 395 0.49 -45.31 -10.96
N ILE A 396 -0.63 -44.64 -10.70
CA ILE A 396 -1.03 -43.45 -11.47
C ILE A 396 -0.48 -42.20 -10.77
N MET A 397 0.36 -41.45 -11.47
CA MET A 397 0.89 -40.20 -10.96
C MET A 397 0.17 -38.98 -11.58
N GLY A 398 -0.20 -39.11 -12.86
CA GLY A 398 -0.73 -37.99 -13.64
C GLY A 398 0.37 -37.07 -14.17
N THR A 399 -0.01 -36.06 -14.93
CA THR A 399 0.93 -35.19 -15.64
C THR A 399 1.44 -33.98 -14.87
N GLY A 400 0.62 -33.44 -13.97
CA GLY A 400 0.75 -32.04 -13.59
C GLY A 400 0.80 -31.23 -14.88
N GLY A 401 1.70 -30.26 -14.94
CA GLY A 401 1.93 -29.47 -16.15
C GLY A 401 2.99 -30.01 -17.10
N PHE A 402 3.45 -31.24 -16.87
CA PHE A 402 4.51 -31.89 -17.67
C PHE A 402 4.28 -31.76 -19.18
N ILE A 403 3.05 -32.06 -19.62
CA ILE A 403 2.73 -31.99 -21.05
C ILE A 403 2.60 -30.54 -21.54
N ASP A 404 2.02 -29.67 -20.71
CA ASP A 404 1.87 -28.26 -21.10
C ASP A 404 3.24 -27.61 -21.38
N ILE A 405 4.27 -28.16 -20.72
CA ILE A 405 5.62 -27.58 -20.67
C ILE A 405 6.58 -28.27 -21.66
N SER A 406 6.41 -29.57 -21.85
CA SER A 406 7.28 -30.34 -22.72
C SER A 406 6.78 -30.36 -24.18
N ALA A 407 5.56 -29.87 -24.38
CA ALA A 407 4.96 -29.85 -25.71
C ALA A 407 5.64 -28.91 -26.67
N THR A 408 5.99 -27.70 -26.22
CA THR A 408 6.47 -26.64 -27.13
C THR A 408 7.62 -25.75 -26.63
N SER A 409 8.13 -25.97 -25.44
CA SER A 409 9.27 -25.15 -24.98
C SER A 409 10.50 -25.37 -25.91
N LYS A 410 11.35 -24.36 -26.01
CA LYS A 410 12.43 -24.33 -27.01
C LYS A 410 13.48 -25.41 -26.75
N LYS A 411 13.89 -25.54 -25.50
CA LYS A 411 14.82 -26.59 -25.08
C LYS A 411 14.13 -27.39 -24.02
N ILE A 412 14.13 -28.71 -24.18
CA ILE A 412 13.50 -29.58 -23.21
C ILE A 412 14.56 -30.43 -22.55
N ILE A 413 14.76 -30.22 -21.25
CA ILE A 413 15.83 -30.84 -20.53
C ILE A 413 15.27 -31.81 -19.52
N PHE A 414 15.30 -33.11 -19.86
CA PHE A 414 14.98 -34.16 -18.93
C PHE A 414 16.15 -34.53 -18.02
N CYS A 415 15.85 -34.64 -16.73
CA CYS A 415 16.84 -34.85 -15.69
C CYS A 415 16.42 -35.99 -14.80
N GLY A 416 17.37 -36.86 -14.49
CA GLY A 416 17.10 -38.00 -13.62
C GLY A 416 18.30 -38.91 -13.65
N THR A 417 18.30 -39.94 -12.81
CA THR A 417 19.38 -40.91 -12.78
C THR A 417 19.14 -41.96 -13.87
N LEU A 418 20.21 -42.61 -14.30
CA LEU A 418 20.12 -43.56 -15.41
C LEU A 418 19.44 -44.86 -14.98
N THR A 419 19.65 -45.25 -13.72
CA THR A 419 18.91 -46.37 -13.12
C THR A 419 18.24 -45.93 -11.83
N ALA A 420 17.33 -46.77 -11.32
CA ALA A 420 16.53 -46.41 -10.15
C ALA A 420 16.43 -47.53 -9.10
N GLY A 421 16.00 -47.16 -7.90
CA GLY A 421 15.87 -48.11 -6.79
C GLY A 421 17.17 -48.43 -6.06
N SER A 422 17.41 -47.68 -5.00
CA SER A 422 18.60 -47.87 -4.14
C SER A 422 19.94 -47.71 -4.89
N LEU A 423 19.94 -46.81 -5.88
CA LEU A 423 21.18 -46.39 -6.53
C LEU A 423 21.99 -45.57 -5.54
N LYS A 424 23.27 -45.88 -5.40
CA LYS A 424 24.15 -45.12 -4.52
C LYS A 424 25.41 -44.75 -5.27
N THR A 425 25.69 -43.45 -5.34
CA THR A 425 26.91 -42.98 -6.00
C THR A 425 27.70 -42.11 -5.06
N GLU A 426 29.01 -42.10 -5.24
CA GLU A 426 29.88 -41.19 -4.54
C GLU A 426 30.54 -40.27 -5.56
N ILE A 427 30.57 -38.98 -5.25
CA ILE A 427 31.38 -38.05 -6.02
C ILE A 427 32.65 -37.75 -5.23
N ALA A 428 33.73 -38.46 -5.61
CA ALA A 428 35.05 -38.30 -4.95
C ALA A 428 36.16 -38.22 -5.99
N ASP A 429 37.18 -37.41 -5.69
CA ASP A 429 38.33 -37.14 -6.57
C ASP A 429 37.96 -36.65 -7.98
N GLY A 430 36.93 -35.81 -8.11
CA GLY A 430 36.47 -35.34 -9.44
C GLY A 430 35.91 -36.43 -10.34
N LYS A 431 35.39 -37.49 -9.72
CA LYS A 431 34.87 -38.65 -10.42
C LYS A 431 33.48 -38.99 -9.91
N LEU A 432 32.72 -39.71 -10.71
CA LEU A 432 31.54 -40.39 -10.21
C LEU A 432 31.92 -41.84 -9.93
N ASN A 433 31.61 -42.31 -8.73
CA ASN A 433 31.77 -43.72 -8.41
C ASN A 433 30.44 -44.38 -8.02
N ILE A 434 29.99 -45.31 -8.87
CA ILE A 434 28.78 -46.06 -8.59
C ILE A 434 29.07 -47.14 -7.53
N VAL A 435 28.75 -46.84 -6.27
CA VAL A 435 29.01 -47.80 -5.20
C VAL A 435 27.97 -48.92 -5.21
N GLN A 436 26.72 -48.58 -5.53
CA GLN A 436 25.64 -49.55 -5.60
C GLN A 436 24.72 -49.21 -6.77
N GLU A 437 24.77 -50.04 -7.82
CA GLU A 437 23.92 -49.85 -8.99
C GLU A 437 22.43 -50.02 -8.65
N GLY A 438 21.59 -49.17 -9.25
CA GLY A 438 20.15 -49.19 -9.00
C GLY A 438 19.50 -50.43 -9.57
N ARG A 439 18.38 -50.83 -8.95
CA ARG A 439 17.67 -52.06 -9.35
C ARG A 439 17.02 -51.98 -10.74
N VAL A 440 16.36 -50.85 -11.00
CA VAL A 440 15.46 -50.70 -12.14
C VAL A 440 16.11 -49.90 -13.24
N LYS A 441 16.12 -50.45 -14.46
CA LYS A 441 16.51 -49.70 -15.65
C LYS A 441 15.40 -48.73 -16.05
N LYS A 442 15.78 -47.47 -16.28
CA LYS A 442 14.84 -46.41 -16.65
C LYS A 442 14.77 -46.22 -18.16
N PHE A 443 15.85 -46.63 -18.84
CA PHE A 443 15.90 -46.51 -20.30
C PHE A 443 15.51 -47.86 -20.91
N ILE A 444 14.27 -47.90 -21.40
CA ILE A 444 13.64 -49.14 -21.88
C ILE A 444 13.37 -49.10 -23.39
N ARG A 445 13.01 -50.25 -23.95
CA ARG A 445 12.75 -50.36 -25.38
C ARG A 445 11.57 -49.51 -25.79
N GLU A 446 10.41 -49.74 -25.16
CA GLU A 446 9.14 -49.12 -25.56
C GLU A 446 8.30 -48.75 -24.35
N LEU A 447 7.91 -47.48 -24.25
CA LEU A 447 7.03 -47.05 -23.16
C LEU A 447 5.66 -47.73 -23.29
N PRO A 448 5.14 -48.33 -22.22
CA PRO A 448 3.73 -48.73 -22.22
C PRO A 448 2.80 -47.54 -22.50
N GLU A 449 3.08 -46.38 -21.91
CA GLU A 449 2.31 -45.15 -22.17
C GLU A 449 3.17 -43.88 -22.28
N ILE A 450 2.84 -43.04 -23.24
CA ILE A 450 3.66 -41.88 -23.59
C ILE A 450 3.15 -40.59 -22.94
N THR A 451 4.04 -39.91 -22.20
CA THR A 451 3.75 -38.56 -21.67
C THR A 451 4.36 -37.44 -22.50
N PHE A 452 5.49 -37.75 -23.14
CA PHE A 452 6.16 -36.84 -24.06
C PHE A 452 6.55 -37.66 -25.29
N SER A 453 6.31 -37.12 -26.47
CA SER A 453 6.62 -37.81 -27.70
C SER A 453 7.95 -37.29 -28.30
N GLY A 454 8.94 -38.17 -28.44
CA GLY A 454 10.18 -37.86 -29.15
C GLY A 454 9.90 -37.36 -30.56
N LYS A 455 9.05 -38.09 -31.27
CA LYS A 455 8.67 -37.79 -32.66
C LYS A 455 8.10 -36.37 -32.81
N ILE A 456 7.15 -36.01 -31.95
CA ILE A 456 6.50 -34.70 -32.06
C ILE A 456 7.46 -33.56 -31.74
N ALA A 457 8.28 -33.72 -30.71
CA ALA A 457 9.28 -32.70 -30.38
C ALA A 457 10.22 -32.41 -31.55
N LEU A 458 10.68 -33.48 -32.20
CA LEU A 458 11.53 -33.34 -33.39
C LEU A 458 10.74 -32.66 -34.53
N GLU A 459 9.47 -33.04 -34.72
CA GLU A 459 8.63 -32.39 -35.72
C GLU A 459 8.53 -30.90 -35.43
N ARG A 460 8.48 -30.57 -34.14
CA ARG A 460 8.36 -29.17 -33.67
C ARG A 460 9.70 -28.40 -33.69
N GLY A 461 10.79 -29.10 -33.95
CA GLY A 461 12.11 -28.44 -34.05
C GLY A 461 12.73 -28.13 -32.69
N LEU A 462 12.39 -28.92 -31.69
CA LEU A 462 12.80 -28.63 -30.32
C LEU A 462 14.11 -29.33 -29.96
N ASP A 463 14.90 -28.70 -29.09
CA ASP A 463 16.18 -29.25 -28.65
C ASP A 463 16.00 -30.05 -27.36
N VAL A 464 16.11 -31.38 -27.47
CA VAL A 464 15.82 -32.29 -26.35
C VAL A 464 17.09 -32.95 -25.77
N ARG A 465 17.29 -32.73 -24.46
CA ARG A 465 18.40 -33.29 -23.70
C ARG A 465 17.90 -34.31 -22.69
N TYR A 466 18.75 -35.28 -22.38
CA TYR A 466 18.53 -36.21 -21.28
C TYR A 466 19.79 -36.22 -20.42
N ILE A 467 19.67 -35.66 -19.21
CA ILE A 467 20.78 -35.50 -18.30
C ILE A 467 20.68 -36.48 -17.13
N THR A 468 21.62 -37.41 -17.04
CA THR A 468 21.74 -38.28 -15.86
C THR A 468 23.00 -37.91 -15.10
N GLU A 469 23.23 -38.57 -13.95
CA GLU A 469 24.43 -38.34 -13.17
C GLU A 469 25.69 -38.89 -13.87
N ARG A 470 25.52 -39.79 -14.83
CA ARG A 470 26.66 -40.51 -15.43
C ARG A 470 26.80 -40.34 -16.95
N ALA A 471 25.78 -39.73 -17.59
CA ALA A 471 25.67 -39.67 -19.02
C ALA A 471 24.69 -38.61 -19.47
N VAL A 472 24.99 -37.96 -20.59
CA VAL A 472 24.09 -36.95 -21.18
C VAL A 472 23.82 -37.33 -22.63
N PHE A 473 22.55 -37.26 -23.03
CA PHE A 473 22.11 -37.58 -24.37
C PHE A 473 21.38 -36.40 -24.99
N THR A 474 21.33 -36.38 -26.31
CA THR A 474 20.50 -35.46 -27.06
C THR A 474 19.69 -36.27 -28.07
N LEU A 475 18.40 -35.94 -28.20
CA LEU A 475 17.54 -36.58 -29.19
C LEU A 475 17.78 -36.08 -30.61
N LYS A 476 18.08 -37.00 -31.51
CA LYS A 476 18.21 -36.69 -32.93
C LYS A 476 17.27 -37.60 -33.73
N GLU A 477 17.22 -37.42 -35.05
CA GLU A 477 16.30 -38.19 -35.90
C GLU A 477 16.50 -39.71 -35.83
N ASP A 478 17.75 -40.14 -35.67
CA ASP A 478 18.06 -41.56 -35.53
C ASP A 478 18.14 -42.06 -34.08
N GLY A 479 17.57 -41.29 -33.14
CA GLY A 479 17.44 -41.69 -31.74
C GLY A 479 18.32 -40.88 -30.80
N LEU A 480 18.46 -41.35 -29.56
CA LEU A 480 19.35 -40.74 -28.58
C LEU A 480 20.82 -40.85 -28.96
N HIS A 481 21.51 -39.72 -28.90
CA HIS A 481 22.96 -39.68 -29.05
C HIS A 481 23.58 -39.45 -27.70
N LEU A 482 24.43 -40.39 -27.28
CA LEU A 482 25.22 -40.18 -26.10
C LEU A 482 26.28 -39.14 -26.45
N ILE A 483 26.23 -38.00 -25.78
CA ILE A 483 27.15 -36.89 -26.10
C ILE A 483 28.18 -36.66 -25.02
N GLU A 484 27.84 -37.02 -23.77
CA GLU A 484 28.77 -36.85 -22.65
C GLU A 484 28.72 -38.05 -21.72
N ILE A 485 29.84 -38.34 -21.08
CA ILE A 485 29.98 -39.45 -20.14
C ILE A 485 30.77 -38.98 -18.92
N ALA A 486 30.34 -39.39 -17.72
CA ALA A 486 31.01 -38.96 -16.48
C ALA A 486 32.42 -39.56 -16.39
N PRO A 487 33.39 -38.81 -15.87
CA PRO A 487 34.63 -39.43 -15.40
C PRO A 487 34.34 -40.39 -14.25
N GLY A 488 34.96 -41.56 -14.28
CA GLY A 488 34.80 -42.59 -13.23
C GLY A 488 33.85 -43.71 -13.61
N VAL A 489 33.38 -43.68 -14.85
CA VAL A 489 32.31 -44.54 -15.33
C VAL A 489 32.76 -45.27 -16.60
N ASP A 490 32.42 -46.55 -16.70
CA ASP A 490 32.73 -47.34 -17.90
C ASP A 490 31.56 -47.33 -18.86
N LEU A 491 31.89 -47.08 -20.13
CA LEU A 491 30.87 -46.95 -21.17
C LEU A 491 30.02 -48.21 -21.29
N GLN A 492 30.67 -49.36 -21.35
CA GLN A 492 29.96 -50.62 -21.56
C GLN A 492 29.18 -51.07 -20.32
N LYS A 493 29.85 -51.10 -19.17
CA LYS A 493 29.29 -51.67 -17.96
C LYS A 493 28.21 -50.79 -17.31
N ASP A 494 28.44 -49.48 -17.33
CA ASP A 494 27.60 -48.55 -16.56
C ASP A 494 26.53 -47.82 -17.39
N ILE A 495 26.72 -47.77 -18.69
CA ILE A 495 25.74 -47.12 -19.55
C ILE A 495 25.07 -48.13 -20.50
N LEU A 496 25.86 -48.72 -21.40
CA LEU A 496 25.30 -49.56 -22.46
C LEU A 496 24.58 -50.80 -21.92
N ASP A 497 25.13 -51.44 -20.90
CA ASP A 497 24.49 -52.63 -20.29
C ASP A 497 23.31 -52.23 -19.42
N LYS A 498 23.17 -50.94 -19.17
CA LYS A 498 22.10 -50.46 -18.31
C LYS A 498 20.93 -49.86 -19.09
N MET A 499 21.02 -49.91 -20.42
CA MET A 499 19.94 -49.45 -21.30
C MET A 499 19.42 -50.63 -22.12
N ASP A 500 18.11 -50.64 -22.42
CA ASP A 500 17.49 -51.70 -23.20
C ASP A 500 17.40 -51.38 -24.68
N PHE A 501 18.07 -50.31 -25.07
CA PHE A 501 18.24 -50.02 -26.47
C PHE A 501 19.68 -49.55 -26.64
N THR A 502 20.10 -49.34 -27.88
CA THR A 502 21.45 -48.93 -28.18
C THR A 502 21.42 -47.51 -28.68
N PRO A 503 21.94 -46.58 -27.87
CA PRO A 503 22.02 -45.19 -28.29
C PRO A 503 23.13 -45.06 -29.30
N VAL A 504 23.06 -44.06 -30.17
CA VAL A 504 24.19 -43.69 -31.01
C VAL A 504 25.27 -43.08 -30.11
N ILE A 505 26.53 -43.46 -30.32
CA ILE A 505 27.65 -42.78 -29.67
C ILE A 505 28.10 -41.61 -30.53
N SER A 506 27.99 -40.39 -30.00
CA SER A 506 28.47 -39.21 -30.70
C SER A 506 29.97 -39.35 -31.02
N PRO A 507 30.36 -39.07 -32.26
CA PRO A 507 31.78 -39.04 -32.64
C PRO A 507 32.54 -37.97 -31.83
N GLU A 508 31.81 -36.98 -31.34
CA GLU A 508 32.39 -36.00 -30.42
C GLU A 508 32.14 -36.36 -28.95
N LEU A 509 32.01 -37.66 -28.63
CA LEU A 509 31.74 -38.06 -27.24
C LEU A 509 32.79 -37.48 -26.30
N LYS A 510 32.34 -36.77 -25.27
CA LYS A 510 33.28 -36.13 -24.35
C LYS A 510 33.00 -36.44 -22.90
N LEU A 511 34.00 -36.25 -22.06
CA LEU A 511 33.80 -36.30 -20.62
C LEU A 511 32.90 -35.13 -20.21
N MET A 512 32.01 -35.39 -19.27
CA MET A 512 31.24 -34.32 -18.63
C MET A 512 32.23 -33.42 -17.93
N ASP A 513 31.99 -32.11 -17.99
CA ASP A 513 32.85 -31.08 -17.42
C ASP A 513 33.32 -31.44 -16.01
N GLU A 514 34.65 -31.46 -15.85
CA GLU A 514 35.32 -31.82 -14.59
C GLU A 514 34.79 -31.11 -13.36
N ARG A 515 34.44 -29.83 -13.52
CA ARG A 515 34.02 -28.98 -12.41
C ARG A 515 32.72 -29.44 -11.74
N LEU A 516 31.90 -30.18 -12.49
CA LEU A 516 30.63 -30.72 -11.98
C LEU A 516 30.84 -31.65 -10.79
N PHE A 517 31.97 -32.36 -10.80
CA PHE A 517 32.27 -33.42 -9.85
C PHE A 517 33.23 -32.95 -8.75
N ILE A 518 33.51 -31.65 -8.71
CA ILE A 518 34.38 -31.08 -7.68
C ILE A 518 33.56 -30.25 -6.68
N ASP A 519 33.77 -30.54 -5.39
CA ASP A 519 33.00 -29.93 -4.31
C ASP A 519 33.50 -28.53 -3.98
N ALA A 520 33.50 -27.68 -4.99
CA ALA A 520 33.86 -26.27 -4.86
C ALA A 520 33.08 -25.54 -5.94
N ALA A 521 32.92 -24.22 -5.80
CA ALA A 521 32.19 -23.41 -6.78
C ALA A 521 32.87 -23.59 -8.11
N MET A 522 32.06 -23.82 -9.14
CA MET A 522 32.57 -24.19 -10.45
C MET A 522 33.22 -23.01 -11.18
N GLY A 523 32.90 -21.78 -10.78
CA GLY A 523 33.27 -20.62 -11.58
C GLY A 523 32.54 -20.66 -12.92
N PHE A 524 31.34 -21.24 -12.91
CA PHE A 524 30.50 -21.32 -14.10
C PHE A 524 30.24 -19.91 -14.63
N VAL A 525 30.40 -19.72 -15.94
CA VAL A 525 30.01 -18.46 -16.56
C VAL A 525 28.77 -18.69 -17.41
N LEU A 526 27.69 -18.00 -17.05
CA LEU A 526 26.45 -18.11 -17.80
C LEU A 526 26.63 -17.55 -19.20
N PRO A 527 26.29 -18.33 -20.23
CA PRO A 527 26.36 -17.86 -21.63
C PRO A 527 25.55 -16.60 -21.88
N GLU A 528 25.93 -15.85 -22.91
CA GLU A 528 25.30 -14.58 -23.24
C GLU A 528 23.93 -14.80 -23.85
N ALA A 529 23.07 -13.79 -23.72
CA ALA A 529 21.73 -13.81 -24.31
C ALA A 529 21.81 -13.98 -25.83
N VAL B 4 13.84 -8.49 -35.49
CA VAL B 4 15.03 -7.92 -34.77
C VAL B 4 14.67 -6.85 -33.73
N LYS B 5 14.77 -7.23 -32.46
CA LYS B 5 14.58 -6.29 -31.36
C LYS B 5 15.96 -5.84 -30.85
N PRO B 6 16.03 -4.65 -30.23
CA PRO B 6 17.29 -4.18 -29.66
C PRO B 6 17.68 -5.04 -28.46
N PRO B 7 18.97 -5.28 -28.25
CA PRO B 7 19.40 -6.15 -27.16
C PRO B 7 19.18 -5.55 -25.76
N ARG B 8 18.93 -6.42 -24.79
CA ARG B 8 18.87 -6.03 -23.40
C ARG B 8 20.31 -5.97 -22.90
N ILE B 9 20.70 -4.84 -22.35
CA ILE B 9 22.05 -4.69 -21.82
C ILE B 9 22.00 -4.88 -20.32
N ASN B 10 22.72 -5.89 -19.84
CA ASN B 10 22.76 -6.27 -18.43
C ASN B 10 21.37 -6.64 -17.85
N GLY B 11 20.51 -7.14 -18.72
CA GLY B 11 19.16 -7.52 -18.32
C GLY B 11 18.16 -6.38 -18.35
N ARG B 12 18.65 -5.17 -18.60
CA ARG B 12 17.80 -3.98 -18.65
C ARG B 12 17.01 -3.92 -19.93
N VAL B 13 15.70 -3.69 -19.80
CA VAL B 13 14.83 -3.50 -20.96
C VAL B 13 15.27 -2.21 -21.66
N PRO B 14 15.48 -2.26 -22.97
CA PRO B 14 15.76 -1.06 -23.75
C PRO B 14 14.71 0.03 -23.55
N VAL B 15 15.17 1.21 -23.20
CA VAL B 15 14.34 2.40 -23.12
C VAL B 15 14.62 3.25 -24.36
N LEU B 16 13.58 3.57 -25.13
CA LEU B 16 13.74 4.41 -26.31
C LEU B 16 12.69 5.52 -26.36
N SER B 17 12.98 6.55 -27.16
CA SER B 17 11.96 7.53 -27.53
C SER B 17 10.94 6.83 -28.42
N ALA B 18 9.71 7.33 -28.45
CA ALA B 18 8.69 6.81 -29.37
C ALA B 18 9.17 6.75 -30.83
N GLN B 19 9.89 7.80 -31.23
CA GLN B 19 10.47 7.92 -32.57
C GLN B 19 11.39 6.73 -32.87
N GLU B 20 12.37 6.51 -32.00
CA GLU B 20 13.29 5.36 -32.15
C GLU B 20 12.55 4.03 -32.12
N ALA B 21 11.54 3.94 -31.25
CA ALA B 21 10.81 2.68 -31.05
C ALA B 21 10.08 2.22 -32.29
N VAL B 22 9.31 3.11 -32.91
CA VAL B 22 8.48 2.71 -34.06
C VAL B 22 9.32 2.39 -35.32
N ASN B 23 10.57 2.86 -35.34
CA ASN B 23 11.51 2.48 -36.39
C ASN B 23 11.68 0.97 -36.52
N TYR B 24 11.40 0.23 -35.45
CA TYR B 24 11.48 -1.23 -35.47
C TYR B 24 10.31 -1.94 -36.17
N ILE B 25 9.30 -1.18 -36.60
CA ILE B 25 8.15 -1.76 -37.30
C ILE B 25 8.41 -1.87 -38.81
N PRO B 26 8.44 -3.09 -39.34
CA PRO B 26 8.66 -3.30 -40.77
C PRO B 26 7.37 -3.21 -41.56
N ASP B 27 7.49 -3.11 -42.89
CA ASP B 27 6.33 -3.22 -43.77
C ASP B 27 5.54 -4.49 -43.51
N GLU B 28 4.23 -4.37 -43.59
CA GLU B 28 3.30 -5.50 -43.46
C GLU B 28 3.26 -6.18 -42.09
N ALA B 29 3.77 -5.49 -41.07
CA ALA B 29 3.65 -5.96 -39.70
C ALA B 29 2.19 -5.88 -39.21
N THR B 30 1.81 -6.81 -38.35
CA THR B 30 0.51 -6.75 -37.73
C THR B 30 0.63 -6.07 -36.37
N LEU B 31 0.03 -4.88 -36.29
CA LEU B 31 0.10 -4.05 -35.11
C LEU B 31 -1.18 -4.13 -34.26
N CYS B 32 -0.99 -4.50 -33.00
CA CYS B 32 -2.07 -4.57 -32.03
C CYS B 32 -1.97 -3.40 -31.06
N VAL B 33 -3.05 -2.64 -30.97
CA VAL B 33 -3.06 -1.41 -30.18
C VAL B 33 -3.97 -1.56 -28.95
N LEU B 34 -3.37 -1.47 -27.76
CA LEU B 34 -4.10 -1.37 -26.50
C LEU B 34 -4.84 -0.02 -26.36
N GLY B 35 -5.99 -0.07 -25.71
CA GLY B 35 -6.67 1.16 -25.34
C GLY B 35 -8.17 1.06 -25.50
N ALA B 36 -8.90 1.97 -24.86
CA ALA B 36 -10.32 2.16 -25.12
C ALA B 36 -10.55 3.65 -25.37
N GLY B 37 -11.81 4.06 -25.28
CA GLY B 37 -12.19 5.43 -25.64
C GLY B 37 -11.62 6.48 -24.72
N GLY B 38 -11.37 7.66 -25.28
CA GLY B 38 -11.03 8.83 -24.49
C GLY B 38 -9.66 8.79 -23.84
N GLY B 39 -8.79 7.92 -24.36
CA GLY B 39 -7.39 7.83 -23.92
C GLY B 39 -7.08 6.75 -22.90
N ILE B 40 -8.10 5.96 -22.51
CA ILE B 40 -7.91 4.86 -21.55
C ILE B 40 -6.82 3.89 -22.03
N LEU B 41 -5.74 3.81 -21.28
CA LEU B 41 -4.64 2.88 -21.56
C LEU B 41 -4.04 3.02 -22.95
N GLU B 42 -4.06 4.22 -23.50
CA GLU B 42 -3.56 4.44 -24.85
C GLU B 42 -2.10 4.86 -24.82
N ALA B 43 -1.26 4.14 -25.56
CA ALA B 43 0.14 4.53 -25.76
C ALA B 43 0.24 5.60 -26.85
N THR B 44 -0.21 6.80 -26.48
CA THR B 44 -0.37 7.89 -27.44
C THR B 44 0.92 8.27 -28.15
N THR B 45 2.06 8.32 -27.42
CA THR B 45 3.34 8.68 -28.07
C THR B 45 3.73 7.74 -29.20
N LEU B 46 3.45 6.46 -29.03
CA LEU B 46 3.78 5.45 -30.04
C LEU B 46 2.91 5.57 -31.29
N ILE B 47 1.60 5.75 -31.10
CA ILE B 47 0.68 6.08 -32.21
C ILE B 47 1.09 7.37 -32.91
N THR B 48 1.29 8.44 -32.12
CA THR B 48 1.75 9.74 -32.63
C THR B 48 3.02 9.63 -33.49
N ALA B 49 4.02 8.90 -32.99
CA ALA B 49 5.32 8.76 -33.65
C ALA B 49 5.26 7.92 -34.92
N LEU B 50 4.45 6.88 -34.92
CA LEU B 50 4.23 6.09 -36.13
C LEU B 50 3.51 6.93 -37.20
N ALA B 51 2.53 7.73 -36.77
CA ALA B 51 1.82 8.61 -37.69
C ALA B 51 2.76 9.68 -38.28
N ASP B 52 3.59 10.28 -37.43
CA ASP B 52 4.57 11.27 -37.86
C ASP B 52 5.55 10.67 -38.86
N LYS B 53 6.01 9.44 -38.59
CA LYS B 53 7.00 8.78 -39.44
C LYS B 53 6.48 8.52 -40.85
N TYR B 54 5.25 8.04 -40.94
CA TYR B 54 4.64 7.83 -42.24
C TYR B 54 4.49 9.16 -42.97
N LYS B 55 3.95 10.18 -42.29
CA LYS B 55 3.81 11.50 -42.89
C LYS B 55 5.15 11.96 -43.51
N GLN B 56 6.22 11.86 -42.72
CA GLN B 56 7.54 12.29 -43.15
C GLN B 56 8.21 11.37 -44.17
N THR B 57 7.96 10.07 -44.11
CA THR B 57 8.74 9.12 -44.91
C THR B 57 7.95 8.14 -45.79
N GLN B 58 6.62 8.14 -45.66
CA GLN B 58 5.76 7.14 -46.35
C GLN B 58 6.17 5.69 -46.05
N THR B 59 6.86 5.50 -44.91
CA THR B 59 7.14 4.17 -44.34
C THR B 59 6.68 4.15 -42.87
N PRO B 60 6.34 2.96 -42.34
CA PRO B 60 6.35 1.71 -43.10
C PRO B 60 5.07 1.53 -43.91
N ARG B 61 4.95 0.42 -44.62
CA ARG B 61 3.85 0.24 -45.56
C ARG B 61 2.95 -0.93 -45.23
N ASN B 62 1.69 -0.80 -45.62
CA ASN B 62 0.74 -1.92 -45.67
C ASN B 62 0.67 -2.70 -44.36
N LEU B 63 0.52 -1.99 -43.25
CA LEU B 63 0.37 -2.60 -41.93
C LEU B 63 -1.01 -3.22 -41.79
N SER B 64 -1.08 -4.33 -41.05
CA SER B 64 -2.34 -4.83 -40.54
C SER B 64 -2.54 -4.31 -39.11
N ILE B 65 -3.77 -3.92 -38.76
CA ILE B 65 -4.13 -3.40 -37.44
C ILE B 65 -5.14 -4.32 -36.72
N ILE B 66 -4.87 -4.61 -35.45
CA ILE B 66 -5.84 -5.24 -34.56
C ILE B 66 -6.07 -4.32 -33.39
N SER B 67 -7.32 -3.91 -33.25
CA SER B 67 -7.71 -3.02 -32.17
C SER B 67 -8.84 -3.70 -31.41
N PRO B 68 -8.51 -4.41 -30.32
CA PRO B 68 -9.55 -5.13 -29.53
C PRO B 68 -10.81 -4.28 -29.32
N THR B 69 -10.65 -3.03 -28.91
CA THR B 69 -11.80 -2.13 -28.90
C THR B 69 -11.49 -0.79 -29.55
N GLY B 70 -12.44 0.13 -29.45
CA GLY B 70 -12.34 1.42 -30.13
C GLY B 70 -11.57 2.42 -29.34
N LEU B 71 -10.46 2.90 -29.92
CA LEU B 71 -9.70 3.99 -29.36
C LEU B 71 -10.20 5.31 -29.91
N GLY B 72 -10.00 6.38 -29.15
CA GLY B 72 -10.21 7.70 -29.69
C GLY B 72 -11.35 8.48 -29.13
N ASP B 73 -11.69 9.55 -29.85
CA ASP B 73 -12.65 10.54 -29.41
C ASP B 73 -13.71 10.77 -30.48
N ARG B 74 -13.92 9.74 -31.32
CA ARG B 74 -14.89 9.78 -32.42
C ARG B 74 -14.57 10.84 -33.47
N ALA B 75 -13.28 11.16 -33.60
CA ALA B 75 -12.79 12.18 -34.52
C ALA B 75 -11.36 11.87 -34.97
N ASP B 76 -10.40 12.74 -34.66
CA ASP B 76 -9.04 12.58 -35.18
C ASP B 76 -7.97 12.02 -34.22
N ARG B 77 -8.39 11.64 -33.01
CA ARG B 77 -7.48 10.97 -32.09
C ARG B 77 -7.62 9.43 -32.22
N GLY B 78 -7.21 8.67 -31.20
CA GLY B 78 -7.25 7.20 -31.28
C GLY B 78 -6.27 6.71 -32.34
N ILE B 79 -6.69 5.75 -33.16
CA ILE B 79 -5.90 5.33 -34.33
C ILE B 79 -6.27 6.04 -35.63
N SER B 80 -7.06 7.11 -35.52
CA SER B 80 -7.38 7.94 -36.69
C SER B 80 -6.14 8.46 -37.40
N PRO B 81 -5.11 8.92 -36.67
CA PRO B 81 -3.86 9.34 -37.30
C PRO B 81 -3.18 8.25 -38.14
N LEU B 82 -3.57 7.00 -37.96
CA LEU B 82 -3.02 5.90 -38.74
C LEU B 82 -3.72 5.71 -40.10
N ALA B 83 -4.72 6.55 -40.37
CA ALA B 83 -5.52 6.44 -41.60
C ALA B 83 -4.89 7.10 -42.83
N GLN B 84 -3.59 7.33 -42.82
CA GLN B 84 -2.88 7.91 -43.96
C GLN B 84 -2.82 6.85 -45.06
N GLU B 85 -3.32 7.18 -46.25
CA GLU B 85 -3.48 6.14 -47.29
C GLU B 85 -2.18 5.43 -47.58
N GLY B 86 -2.21 4.11 -47.49
CA GLY B 86 -1.06 3.26 -47.79
C GLY B 86 -0.29 2.77 -46.57
N LEU B 87 -0.54 3.40 -45.42
CA LEU B 87 0.03 2.94 -44.15
C LEU B 87 -0.66 1.66 -43.70
N VAL B 88 -1.99 1.63 -43.76
CA VAL B 88 -2.77 0.47 -43.34
C VAL B 88 -3.47 -0.16 -44.54
N LYS B 89 -3.44 -1.48 -44.65
CA LYS B 89 -4.19 -2.15 -45.72
C LYS B 89 -5.30 -3.08 -45.20
N TRP B 90 -5.36 -3.27 -43.89
CA TRP B 90 -6.13 -4.36 -43.28
C TRP B 90 -6.30 -4.02 -41.80
N ALA B 91 -7.52 -4.22 -41.30
CA ALA B 91 -7.86 -3.96 -39.89
C ALA B 91 -8.95 -4.90 -39.38
N LEU B 92 -8.70 -5.45 -38.19
CA LEU B 92 -9.70 -6.19 -37.41
C LEU B 92 -9.87 -5.42 -36.10
N CYS B 93 -11.08 -4.94 -35.85
CA CYS B 93 -11.35 -4.10 -34.67
C CYS B 93 -12.65 -4.54 -34.02
N GLY B 94 -12.71 -4.41 -32.68
CA GLY B 94 -13.94 -4.71 -31.94
C GLY B 94 -14.97 -3.61 -32.08
N HIS B 95 -14.51 -2.41 -32.38
CA HIS B 95 -15.37 -1.25 -32.52
C HIS B 95 -14.68 -0.36 -33.52
N TRP B 96 -15.47 0.25 -34.40
CA TRP B 96 -14.91 0.98 -35.53
C TRP B 96 -15.13 2.48 -35.45
N GLY B 97 -16.30 2.89 -34.96
CA GLY B 97 -16.71 4.29 -34.90
C GLY B 97 -15.83 5.24 -34.09
N GLN B 98 -15.09 4.69 -33.13
CA GLN B 98 -14.29 5.53 -32.22
C GLN B 98 -13.10 6.23 -32.90
N SER B 99 -12.48 5.59 -33.90
CA SER B 99 -11.51 6.24 -34.80
C SER B 99 -12.10 6.27 -36.21
N PRO B 100 -12.97 7.25 -36.49
CA PRO B 100 -13.78 7.27 -37.71
C PRO B 100 -12.99 7.48 -39.01
N ARG B 101 -11.78 8.00 -38.91
CA ARG B 101 -10.89 8.09 -40.10
C ARG B 101 -10.50 6.72 -40.66
N ILE B 102 -10.34 5.73 -39.78
CA ILE B 102 -10.11 4.34 -40.19
C ILE B 102 -11.38 3.72 -40.77
N SER B 103 -12.51 3.91 -40.09
CA SER B 103 -13.76 3.35 -40.59
C SER B 103 -14.17 3.99 -41.92
N ASP B 104 -13.82 5.28 -42.13
CA ASP B 104 -13.96 5.94 -43.44
C ASP B 104 -13.26 5.14 -44.55
N LEU B 105 -12.00 4.77 -44.31
CA LEU B 105 -11.21 3.99 -45.27
C LEU B 105 -11.92 2.71 -45.64
N ALA B 106 -12.55 2.09 -44.65
CA ALA B 106 -13.28 0.84 -44.85
C ALA B 106 -14.56 1.09 -45.64
N GLU B 107 -15.28 2.15 -45.30
CA GLU B 107 -16.52 2.54 -46.00
C GLU B 107 -16.22 2.77 -47.47
N GLN B 108 -15.07 3.40 -47.74
CA GLN B 108 -14.64 3.72 -49.09
C GLN B 108 -13.96 2.54 -49.81
N ASN B 109 -13.99 1.35 -49.20
CA ASN B 109 -13.32 0.16 -49.73
C ASN B 109 -11.81 0.27 -49.98
N LYS B 110 -11.10 1.06 -49.18
CA LYS B 110 -9.64 1.23 -49.33
C LYS B 110 -8.84 0.20 -48.51
N ILE B 111 -9.49 -0.44 -47.55
CA ILE B 111 -8.81 -1.42 -46.70
C ILE B 111 -9.67 -2.65 -46.54
N ILE B 112 -9.02 -3.79 -46.29
CA ILE B 112 -9.71 -5.00 -45.83
C ILE B 112 -10.13 -4.76 -44.37
N ALA B 113 -11.35 -5.18 -44.02
CA ALA B 113 -12.01 -4.74 -42.78
C ALA B 113 -12.93 -5.80 -42.16
N TYR B 114 -12.61 -6.19 -40.92
CA TYR B 114 -13.44 -7.14 -40.16
C TYR B 114 -13.85 -6.60 -38.78
N ASN B 115 -14.95 -7.12 -38.26
CA ASN B 115 -15.43 -6.81 -36.92
C ASN B 115 -15.77 -8.14 -36.25
N TYR B 116 -14.85 -8.65 -35.43
CA TYR B 116 -15.19 -9.73 -34.50
C TYR B 116 -15.90 -9.03 -33.35
N PRO B 117 -16.81 -9.69 -32.66
CA PRO B 117 -17.33 -9.12 -31.42
C PRO B 117 -16.14 -8.82 -30.51
N GLN B 118 -16.19 -7.68 -29.84
CA GLN B 118 -15.09 -7.21 -28.98
C GLN B 118 -14.58 -8.25 -28.00
N GLY B 119 -15.52 -8.99 -27.37
CA GLY B 119 -15.20 -10.03 -26.40
C GLY B 119 -14.57 -11.26 -27.03
N VAL B 120 -15.12 -11.69 -28.15
CA VAL B 120 -14.51 -12.78 -28.92
C VAL B 120 -13.11 -12.39 -29.41
N LEU B 121 -12.95 -11.16 -29.88
CA LEU B 121 -11.70 -10.72 -30.43
C LEU B 121 -10.60 -10.82 -29.37
N THR B 122 -10.85 -10.26 -28.19
CA THR B 122 -9.84 -10.33 -27.12
C THR B 122 -9.55 -11.79 -26.71
N GLN B 123 -10.59 -12.65 -26.76
CA GLN B 123 -10.42 -14.08 -26.48
C GLN B 123 -9.58 -14.81 -27.56
N THR B 124 -9.70 -14.40 -28.82
CA THR B 124 -8.84 -14.98 -29.88
C THR B 124 -7.38 -14.53 -29.76
N LEU B 125 -7.15 -13.35 -29.19
CA LEU B 125 -5.77 -12.91 -28.92
C LEU B 125 -5.11 -13.76 -27.83
N ARG B 126 -5.88 -14.05 -26.80
CA ARG B 126 -5.49 -14.95 -25.75
C ARG B 126 -5.22 -16.35 -26.30
N ALA B 127 -6.08 -16.82 -27.19
CA ALA B 127 -5.93 -18.14 -27.81
C ALA B 127 -4.63 -18.16 -28.62
N ALA B 128 -4.33 -17.06 -29.29
CA ALA B 128 -3.14 -16.92 -30.11
C ALA B 128 -1.86 -16.94 -29.27
N ALA B 129 -1.96 -16.43 -28.03
CA ALA B 129 -0.85 -16.47 -27.07
C ALA B 129 -0.46 -17.93 -26.78
N ALA B 130 -1.47 -18.81 -26.80
CA ALA B 130 -1.29 -20.22 -26.54
C ALA B 130 -1.09 -21.08 -27.81
N HIS B 131 -0.98 -20.42 -28.97
CA HIS B 131 -0.87 -21.08 -30.29
C HIS B 131 -2.07 -21.96 -30.63
N GLN B 132 -3.22 -21.60 -30.06
CA GLN B 132 -4.48 -22.23 -30.42
C GLN B 132 -4.93 -21.61 -31.74
N PRO B 133 -5.42 -22.42 -32.69
CA PRO B 133 -5.72 -21.89 -34.05
C PRO B 133 -6.92 -20.93 -34.08
N GLY B 134 -7.84 -21.10 -33.12
CA GLY B 134 -9.06 -20.29 -33.06
C GLY B 134 -9.95 -20.72 -31.92
N ILE B 135 -11.09 -20.04 -31.74
CA ILE B 135 -12.04 -20.40 -30.67
C ILE B 135 -13.43 -20.77 -31.18
N ILE B 136 -14.10 -21.63 -30.42
CA ILE B 136 -15.45 -22.08 -30.76
C ILE B 136 -16.44 -21.39 -29.85
N SER B 137 -17.35 -20.63 -30.45
CA SER B 137 -18.33 -19.82 -29.71
C SER B 137 -19.68 -19.70 -30.42
N ASP B 138 -20.78 -19.74 -29.67
CA ASP B 138 -22.07 -19.42 -30.29
C ASP B 138 -22.39 -17.93 -30.23
N ILE B 139 -21.47 -17.15 -29.69
CA ILE B 139 -21.61 -15.69 -29.69
C ILE B 139 -21.51 -15.20 -31.13
N GLY B 140 -22.61 -14.63 -31.62
CA GLY B 140 -22.65 -14.06 -32.96
C GLY B 140 -23.46 -14.88 -33.98
N ILE B 141 -23.86 -16.10 -33.61
CA ILE B 141 -24.76 -16.89 -34.46
C ILE B 141 -26.02 -16.07 -34.77
N GLY B 142 -26.37 -16.02 -36.05
CA GLY B 142 -27.57 -15.33 -36.50
C GLY B 142 -27.43 -13.83 -36.69
N THR B 143 -26.18 -13.34 -36.68
CA THR B 143 -25.89 -11.94 -36.92
C THR B 143 -24.94 -11.81 -38.11
N PHE B 144 -24.59 -10.56 -38.44
CA PHE B 144 -23.66 -10.26 -39.54
C PHE B 144 -22.28 -10.93 -39.40
N VAL B 145 -21.89 -11.36 -38.19
CA VAL B 145 -20.59 -12.05 -38.03
C VAL B 145 -20.70 -13.53 -38.41
N ASP B 146 -21.91 -14.08 -38.31
CA ASP B 146 -22.24 -15.40 -38.83
C ASP B 146 -21.87 -15.47 -40.33
N PRO B 147 -21.09 -16.47 -40.73
CA PRO B 147 -20.69 -16.61 -42.13
C PRO B 147 -21.87 -16.74 -43.10
N ARG B 148 -22.99 -17.32 -42.65
CA ARG B 148 -24.23 -17.39 -43.44
C ARG B 148 -24.83 -16.03 -43.76
N GLN B 149 -24.29 -14.98 -43.12
CA GLN B 149 -24.64 -13.60 -43.41
C GLN B 149 -23.41 -12.89 -43.99
N GLN B 150 -22.69 -12.08 -43.20
CA GLN B 150 -21.53 -11.38 -43.73
C GLN B 150 -20.16 -11.88 -43.24
N GLY B 151 -20.14 -12.88 -42.37
CA GLY B 151 -18.87 -13.41 -41.84
C GLY B 151 -17.96 -12.35 -41.20
N GLY B 152 -18.56 -11.25 -40.75
CA GLY B 152 -17.85 -10.19 -40.03
C GLY B 152 -17.15 -9.18 -40.91
N LYS B 153 -17.38 -9.29 -42.22
CA LYS B 153 -16.74 -8.47 -43.24
C LYS B 153 -17.55 -7.22 -43.45
N LEU B 154 -16.89 -6.09 -43.46
CA LEU B 154 -17.59 -4.81 -43.39
C LEU B 154 -17.77 -4.09 -44.74
N ASN B 155 -17.12 -4.61 -45.78
CA ASN B 155 -17.18 -3.99 -47.10
C ASN B 155 -16.97 -4.98 -48.27
N GLU B 156 -16.95 -4.45 -49.49
CA GLU B 156 -16.88 -5.29 -50.71
C GLU B 156 -15.52 -5.94 -50.90
N VAL B 157 -14.46 -5.20 -50.60
CA VAL B 157 -13.09 -5.63 -50.87
C VAL B 157 -12.62 -6.78 -49.96
N THR B 158 -13.31 -6.95 -48.83
CA THR B 158 -12.99 -7.99 -47.84
C THR B 158 -13.57 -9.37 -48.21
N LYS B 159 -12.70 -10.32 -48.56
CA LYS B 159 -13.11 -11.63 -49.09
C LYS B 159 -12.75 -12.86 -48.27
N GLU B 160 -11.53 -12.92 -47.73
CA GLU B 160 -11.07 -14.10 -46.97
C GLU B 160 -11.97 -14.37 -45.77
N ASP B 161 -12.40 -15.63 -45.63
CA ASP B 161 -13.20 -16.11 -44.52
C ASP B 161 -12.35 -16.31 -43.28
N LEU B 162 -12.64 -15.55 -42.23
CA LEU B 162 -12.00 -15.75 -40.95
C LEU B 162 -12.88 -16.54 -40.01
N ILE B 163 -14.19 -16.48 -40.26
CA ILE B 163 -15.17 -17.11 -39.40
C ILE B 163 -15.85 -18.24 -40.14
N LYS B 164 -15.97 -19.39 -39.48
CA LYS B 164 -16.54 -20.59 -40.08
C LYS B 164 -17.58 -21.24 -39.16
N LEU B 165 -18.64 -21.76 -39.75
CA LEU B 165 -19.68 -22.47 -39.02
C LEU B 165 -19.21 -23.88 -38.74
N VAL B 166 -19.39 -24.34 -37.50
CA VAL B 166 -18.95 -25.68 -37.10
C VAL B 166 -20.03 -26.33 -36.25
N GLU B 167 -19.84 -27.60 -35.89
CA GLU B 167 -20.82 -28.28 -35.08
C GLU B 167 -20.19 -29.20 -34.04
N PHE B 168 -20.70 -29.09 -32.80
CA PHE B 168 -20.27 -29.93 -31.70
C PHE B 168 -21.51 -30.23 -30.86
N ASP B 169 -21.64 -31.49 -30.42
CA ASP B 169 -22.81 -31.93 -29.62
C ASP B 169 -24.17 -31.58 -30.27
N ASN B 170 -24.26 -31.72 -31.60
CA ASN B 170 -25.48 -31.41 -32.35
C ASN B 170 -25.96 -29.96 -32.18
N LYS B 171 -25.02 -29.02 -32.01
CA LYS B 171 -25.37 -27.60 -31.88
C LYS B 171 -24.46 -26.75 -32.75
N GLU B 172 -24.97 -25.59 -33.15
CA GLU B 172 -24.24 -24.71 -34.05
C GLU B 172 -23.26 -23.85 -33.25
N TYR B 173 -22.05 -23.69 -33.77
CA TYR B 173 -21.08 -22.77 -33.20
C TYR B 173 -20.35 -22.05 -34.32
N LEU B 174 -19.75 -20.91 -33.98
CA LEU B 174 -18.87 -20.20 -34.88
C LEU B 174 -17.41 -20.51 -34.53
N TYR B 175 -16.58 -20.66 -35.55
CA TYR B 175 -15.15 -20.82 -35.33
C TYR B 175 -14.49 -19.54 -35.81
N TYR B 176 -13.84 -18.84 -34.88
CA TYR B 176 -13.19 -17.58 -35.16
C TYR B 176 -11.69 -17.81 -35.19
N LYS B 177 -11.06 -17.52 -36.33
CA LYS B 177 -9.61 -17.69 -36.51
C LYS B 177 -8.85 -16.79 -35.52
N ALA B 178 -7.90 -17.39 -34.79
CA ALA B 178 -7.02 -16.63 -33.91
C ALA B 178 -5.83 -16.08 -34.67
N ILE B 179 -5.71 -14.76 -34.72
CA ILE B 179 -4.60 -14.08 -35.39
C ILE B 179 -3.65 -13.43 -34.37
N ALA B 180 -2.37 -13.79 -34.44
CA ALA B 180 -1.36 -13.24 -33.55
C ALA B 180 -0.73 -11.98 -34.17
N PRO B 181 -0.59 -10.89 -33.42
CA PRO B 181 0.07 -9.71 -33.97
C PRO B 181 1.60 -9.86 -33.92
N ASP B 182 2.30 -8.93 -34.56
CA ASP B 182 3.77 -8.89 -34.69
C ASP B 182 4.34 -7.79 -33.83
N ILE B 183 3.54 -6.75 -33.62
CA ILE B 183 3.90 -5.59 -32.81
C ILE B 183 2.73 -5.29 -31.87
N ALA B 184 3.05 -4.82 -30.67
CA ALA B 184 2.04 -4.34 -29.72
C ALA B 184 2.43 -2.95 -29.28
N PHE B 185 1.44 -2.05 -29.23
CA PHE B 185 1.56 -0.81 -28.48
C PHE B 185 0.75 -1.00 -27.20
N ILE B 186 1.43 -1.28 -26.10
CA ILE B 186 0.76 -1.38 -24.79
C ILE B 186 1.22 -0.25 -23.88
N ARG B 187 0.75 -0.26 -22.64
CA ARG B 187 0.98 0.84 -21.73
C ARG B 187 0.71 0.34 -20.33
N ALA B 188 1.44 0.89 -19.36
CA ALA B 188 1.23 0.66 -17.94
C ALA B 188 1.52 1.99 -17.19
N THR B 189 1.34 2.07 -15.88
CA THR B 189 1.74 3.29 -15.15
C THR B 189 3.27 3.36 -14.97
N THR B 190 3.82 2.27 -14.43
CA THR B 190 5.19 2.24 -13.92
C THR B 190 5.77 0.89 -14.30
N CYS B 191 7.05 0.86 -14.66
CA CYS B 191 7.74 -0.44 -14.73
C CYS B 191 9.12 -0.35 -14.10
N ASP B 192 9.68 -1.49 -13.73
CA ASP B 192 11.05 -1.51 -13.22
C ASP B 192 12.07 -1.61 -14.37
N SER B 193 13.36 -1.65 -14.02
CA SER B 193 14.39 -1.56 -15.06
C SER B 193 14.44 -2.78 -15.98
N GLU B 194 13.75 -3.86 -15.60
CA GLU B 194 13.62 -5.06 -16.45
C GLU B 194 12.25 -5.21 -17.12
N GLY B 195 11.39 -4.21 -17.03
CA GLY B 195 10.08 -4.28 -17.68
C GLY B 195 8.87 -4.68 -16.85
N TYR B 196 9.08 -5.12 -15.61
CA TYR B 196 7.96 -5.53 -14.77
C TYR B 196 7.04 -4.34 -14.47
N ALA B 197 5.75 -4.48 -14.77
CA ALA B 197 4.87 -3.33 -14.94
C ALA B 197 3.66 -3.35 -14.00
N THR B 198 3.42 -2.21 -13.34
CA THR B 198 2.23 -1.99 -12.54
C THR B 198 1.28 -0.98 -13.21
N PHE B 199 0.01 -1.06 -12.83
CA PHE B 199 -1.08 -0.25 -13.38
C PHE B 199 -1.79 0.55 -12.29
N GLU B 200 -1.06 1.00 -11.29
CA GLU B 200 -1.65 1.72 -10.12
C GLU B 200 -2.44 3.00 -10.44
N ASP B 201 -2.01 3.77 -11.44
CA ASP B 201 -2.78 4.93 -11.84
C ASP B 201 -3.59 4.76 -13.13
N GLU B 202 -3.51 3.60 -13.79
CA GLU B 202 -4.34 3.40 -14.99
C GLU B 202 -5.84 3.30 -14.63
N VAL B 203 -6.70 3.71 -15.56
CA VAL B 203 -8.16 3.65 -15.38
C VAL B 203 -8.57 2.19 -15.18
N MET B 204 -7.91 1.30 -15.93
CA MET B 204 -8.19 -0.14 -15.88
C MET B 204 -6.99 -0.93 -16.44
N TYR B 205 -7.22 -2.19 -16.80
CA TYR B 205 -6.18 -3.09 -17.30
C TYR B 205 -6.39 -3.51 -18.75
N LEU B 206 -7.65 -3.53 -19.17
CA LEU B 206 -8.04 -4.04 -20.49
C LEU B 206 -7.42 -5.44 -20.74
N ASP B 207 -6.83 -5.65 -21.92
CA ASP B 207 -6.19 -6.95 -22.19
C ASP B 207 -4.68 -6.84 -22.46
N ALA B 208 -4.03 -5.97 -21.69
CA ALA B 208 -2.61 -5.67 -21.83
C ALA B 208 -1.74 -6.90 -21.78
N LEU B 209 -1.94 -7.75 -20.79
CA LEU B 209 -1.17 -8.98 -20.64
C LEU B 209 -1.39 -9.93 -21.80
N VAL B 210 -2.66 -10.16 -22.15
CA VAL B 210 -3.03 -11.01 -23.30
C VAL B 210 -2.33 -10.50 -24.56
N ILE B 211 -2.41 -9.19 -24.79
CA ILE B 211 -1.73 -8.61 -25.94
C ILE B 211 -0.22 -8.89 -25.90
N ALA B 212 0.43 -8.60 -24.77
CA ALA B 212 1.88 -8.83 -24.65
C ALA B 212 2.28 -10.29 -24.90
N GLN B 213 1.51 -11.24 -24.34
CA GLN B 213 1.77 -12.68 -24.52
C GLN B 213 1.53 -13.11 -25.97
N ALA B 214 0.43 -12.63 -26.57
CA ALA B 214 0.14 -12.95 -27.98
C ALA B 214 1.32 -12.56 -28.91
N VAL B 215 1.82 -11.35 -28.74
CA VAL B 215 2.90 -10.83 -29.59
C VAL B 215 4.22 -11.48 -29.25
N HIS B 216 4.51 -11.60 -27.96
CA HIS B 216 5.73 -12.27 -27.52
C HIS B 216 5.87 -13.68 -28.12
N ASN B 217 4.81 -14.48 -28.00
CA ASN B 217 4.85 -15.88 -28.46
C ASN B 217 4.72 -16.01 -29.97
N ASN B 218 4.63 -14.88 -30.65
CA ASN B 218 4.64 -14.84 -32.11
C ASN B 218 5.99 -14.31 -32.66
N GLY B 219 6.99 -14.23 -31.79
CA GLY B 219 8.32 -13.75 -32.19
C GLY B 219 8.34 -12.26 -32.43
N GLY B 220 7.29 -11.56 -31.94
CA GLY B 220 7.11 -10.15 -32.22
C GLY B 220 7.78 -9.24 -31.20
N ILE B 221 7.55 -7.94 -31.37
CA ILE B 221 8.13 -6.90 -30.51
C ILE B 221 7.03 -6.19 -29.71
N VAL B 222 7.17 -6.20 -28.39
CA VAL B 222 6.19 -5.58 -27.51
C VAL B 222 6.76 -4.26 -27.02
N MET B 223 6.08 -3.18 -27.37
CA MET B 223 6.47 -1.84 -26.97
C MET B 223 5.49 -1.30 -25.92
N MET B 224 6.03 -0.77 -24.83
CA MET B 224 5.22 -0.34 -23.70
C MET B 224 5.56 1.07 -23.24
N GLN B 225 4.57 1.97 -23.34
CA GLN B 225 4.68 3.30 -22.79
C GLN B 225 4.39 3.25 -21.29
N VAL B 226 5.21 3.93 -20.49
CA VAL B 226 4.97 4.08 -19.06
C VAL B 226 5.20 5.55 -18.66
N GLN B 227 4.70 5.92 -17.48
CA GLN B 227 4.90 7.25 -16.96
C GLN B 227 6.27 7.39 -16.31
N LYS B 228 6.74 6.32 -15.65
CA LYS B 228 8.04 6.35 -15.01
C LYS B 228 8.62 4.95 -14.87
N MET B 229 9.92 4.91 -14.60
CA MET B 229 10.61 3.66 -14.34
C MET B 229 11.28 3.68 -12.98
N VAL B 230 11.40 2.51 -12.39
CA VAL B 230 11.86 2.36 -11.02
C VAL B 230 12.96 1.30 -10.92
N LYS B 231 13.65 1.30 -9.80
CA LYS B 231 14.72 0.33 -9.57
C LYS B 231 14.17 -1.10 -9.62
N LYS B 232 14.96 -1.98 -10.24
CA LYS B 232 14.62 -3.39 -10.40
C LYS B 232 14.15 -4.00 -9.08
N ALA B 233 13.09 -4.79 -9.16
CA ALA B 233 12.59 -5.60 -8.04
C ALA B 233 12.14 -4.79 -6.81
N THR B 234 11.60 -3.59 -7.03
CA THR B 234 11.06 -2.79 -5.91
C THR B 234 9.53 -2.64 -5.95
N LEU B 235 8.89 -3.14 -7.01
CA LEU B 235 7.43 -3.12 -7.09
C LEU B 235 6.87 -4.31 -6.33
N HIS B 236 5.65 -4.15 -5.80
CA HIS B 236 4.99 -5.25 -5.12
C HIS B 236 4.64 -6.32 -6.16
N PRO B 237 5.07 -7.56 -5.94
CA PRO B 237 4.82 -8.64 -6.89
C PRO B 237 3.34 -8.90 -7.11
N LYS B 238 2.49 -8.63 -6.13
CA LYS B 238 1.05 -8.81 -6.37
C LYS B 238 0.42 -7.66 -7.13
N SER B 239 1.19 -6.61 -7.41
CA SER B 239 0.69 -5.46 -8.18
C SER B 239 1.15 -5.52 -9.63
N VAL B 240 2.21 -6.29 -9.88
CA VAL B 240 2.76 -6.45 -11.22
C VAL B 240 1.77 -7.19 -12.13
N ARG B 241 1.37 -6.57 -13.23
CA ARG B 241 0.41 -7.24 -14.13
C ARG B 241 1.11 -7.82 -15.35
N ILE B 242 2.27 -7.25 -15.70
CA ILE B 242 3.04 -7.73 -16.87
C ILE B 242 4.49 -8.07 -16.51
N PRO B 243 4.83 -9.37 -16.59
CA PRO B 243 6.20 -9.82 -16.36
C PRO B 243 7.12 -9.12 -17.35
N GLY B 244 8.28 -8.67 -16.87
CA GLY B 244 9.19 -7.89 -17.69
C GLY B 244 9.74 -8.54 -18.94
N TYR B 245 9.94 -9.85 -18.92
CA TYR B 245 10.45 -10.58 -20.11
C TYR B 245 9.51 -10.56 -21.33
N LEU B 246 8.27 -10.08 -21.16
CA LEU B 246 7.33 -9.91 -22.28
C LEU B 246 7.50 -8.59 -23.01
N VAL B 247 8.20 -7.65 -22.38
CA VAL B 247 8.33 -6.30 -22.91
C VAL B 247 9.69 -6.18 -23.62
N ASP B 248 9.69 -5.65 -24.85
CA ASP B 248 10.95 -5.54 -25.60
C ASP B 248 11.49 -4.12 -25.65
N ILE B 249 10.58 -3.15 -25.64
CA ILE B 249 10.96 -1.73 -25.62
C ILE B 249 10.04 -0.96 -24.69
N VAL B 250 10.64 -0.13 -23.84
CA VAL B 250 9.88 0.84 -23.04
C VAL B 250 10.07 2.27 -23.56
N VAL B 251 8.97 3.01 -23.63
CA VAL B 251 9.01 4.45 -23.91
C VAL B 251 8.47 5.16 -22.67
N VAL B 252 9.27 6.06 -22.12
CA VAL B 252 8.87 6.73 -20.88
C VAL B 252 8.29 8.09 -21.23
N ASP B 253 7.04 8.30 -20.82
CA ASP B 253 6.38 9.59 -21.05
C ASP B 253 6.01 10.21 -19.71
N PRO B 254 6.83 11.11 -19.19
CA PRO B 254 6.59 11.63 -17.85
C PRO B 254 5.31 12.46 -17.77
N ASP B 255 4.85 12.93 -18.92
CA ASP B 255 3.58 13.68 -19.07
C ASP B 255 2.38 12.78 -19.36
N GLN B 256 2.56 11.47 -19.29
CA GLN B 256 1.45 10.53 -19.48
C GLN B 256 0.25 10.87 -18.59
N SER B 257 -0.94 10.76 -19.18
CA SER B 257 -2.16 11.22 -18.58
C SER B 257 -3.18 10.09 -18.61
N GLN B 258 -3.99 9.99 -17.56
CA GLN B 258 -4.92 8.87 -17.40
C GLN B 258 -5.90 8.81 -18.56
N LEU B 259 -6.33 9.99 -19.02
CA LEU B 259 -7.32 10.12 -20.08
C LEU B 259 -6.85 11.22 -21.02
N TYR B 260 -7.49 11.37 -22.17
CA TYR B 260 -7.25 12.56 -23.02
C TYR B 260 -7.46 13.84 -22.22
N GLY B 261 -6.79 14.91 -22.63
CA GLY B 261 -7.04 16.23 -22.04
C GLY B 261 -5.98 16.75 -21.07
N GLY B 262 -4.94 15.95 -20.82
CA GLY B 262 -3.82 16.37 -19.96
C GLY B 262 -4.03 16.74 -18.50
N ALA B 263 -5.15 16.36 -17.89
CA ALA B 263 -5.37 16.57 -16.44
C ALA B 263 -4.32 15.81 -15.64
N PRO B 264 -3.87 16.34 -14.49
CA PRO B 264 -3.01 15.57 -13.58
C PRO B 264 -3.66 14.28 -13.08
N VAL B 265 -2.84 13.38 -12.57
CA VAL B 265 -3.30 12.09 -12.08
C VAL B 265 -4.40 12.35 -11.07
N ASN B 266 -5.51 11.64 -11.22
CA ASN B 266 -6.61 11.66 -10.24
C ASN B 266 -6.58 10.37 -9.43
N ARG B 267 -6.31 10.45 -8.13
CA ARG B 267 -6.14 9.24 -7.31
C ARG B 267 -7.46 8.56 -6.93
N PHE B 268 -8.59 9.22 -7.13
CA PHE B 268 -9.87 8.52 -7.03
C PHE B 268 -10.04 7.57 -8.25
N ILE B 269 -9.71 8.07 -9.45
CA ILE B 269 -9.71 7.28 -10.67
C ILE B 269 -8.72 6.09 -10.61
N SER B 270 -7.55 6.30 -10.02
CA SER B 270 -6.58 5.24 -9.68
C SER B 270 -7.15 4.16 -8.80
N GLY B 271 -8.12 4.50 -7.97
CA GLY B 271 -8.75 3.49 -7.09
C GLY B 271 -8.26 3.57 -5.65
N ASP B 272 -7.46 4.59 -5.32
CA ASP B 272 -6.76 4.71 -4.03
C ASP B 272 -7.59 5.38 -2.92
N PHE B 273 -8.59 6.16 -3.30
CA PHE B 273 -9.40 6.92 -2.34
C PHE B 273 -10.90 6.80 -2.62
N THR B 274 -11.70 6.96 -1.58
CA THR B 274 -13.13 6.90 -1.67
C THR B 274 -13.68 8.33 -1.80
N LEU B 275 -14.26 8.63 -2.95
CA LEU B 275 -14.89 9.94 -3.16
C LEU B 275 -16.14 10.07 -2.27
N ASP B 276 -16.28 11.21 -1.59
CA ASP B 276 -17.42 11.40 -0.67
C ASP B 276 -18.72 11.59 -1.43
N PRO B 284 -32.54 16.41 -14.24
CA PRO B 284 -33.15 17.15 -15.35
C PRO B 284 -34.02 16.25 -16.22
N LEU B 285 -35.31 16.49 -16.19
CA LEU B 285 -36.27 15.60 -16.82
C LEU B 285 -36.40 15.83 -18.33
N ASN B 286 -35.69 15.00 -19.10
CA ASN B 286 -35.82 14.99 -20.55
C ASN B 286 -36.00 13.57 -21.09
N GLN B 287 -36.13 13.44 -22.41
CA GLN B 287 -36.39 12.13 -23.02
C GLN B 287 -35.38 11.04 -22.60
N ARG B 288 -34.12 11.44 -22.42
CA ARG B 288 -33.07 10.50 -22.00
C ARG B 288 -33.27 10.03 -20.57
N LYS B 289 -33.65 10.95 -19.68
CA LYS B 289 -33.90 10.60 -18.28
C LYS B 289 -35.13 9.71 -18.20
N LEU B 290 -36.11 10.01 -19.04
CA LEU B 290 -37.33 9.24 -19.12
C LEU B 290 -37.03 7.78 -19.45
N VAL B 291 -36.18 7.57 -20.46
CA VAL B 291 -35.83 6.22 -20.90
C VAL B 291 -35.04 5.52 -19.80
N ALA B 292 -34.02 6.20 -19.25
CA ALA B 292 -33.20 5.67 -18.16
C ALA B 292 -34.08 5.19 -16.98
N ARG B 293 -35.05 6.02 -16.60
CA ARG B 293 -36.06 5.69 -15.58
C ARG B 293 -36.88 4.44 -15.87
N ARG B 294 -37.42 4.37 -17.07
CA ARG B 294 -38.19 3.18 -17.47
C ARG B 294 -37.27 1.95 -17.56
N ALA B 295 -36.00 2.18 -17.92
CA ALA B 295 -34.99 1.10 -17.92
C ALA B 295 -34.77 0.56 -16.51
N LEU B 296 -34.76 1.46 -15.54
CA LEU B 296 -34.50 1.11 -14.14
C LEU B 296 -35.59 0.20 -13.61
N PHE B 297 -36.80 0.37 -14.13
CA PHE B 297 -37.93 -0.50 -13.76
C PHE B 297 -37.62 -1.96 -14.02
N GLU B 298 -36.69 -2.24 -14.94
CA GLU B 298 -36.32 -3.61 -15.30
C GLU B 298 -35.31 -4.24 -14.35
N MET B 299 -34.71 -3.42 -13.49
CA MET B 299 -33.67 -3.86 -12.55
C MET B 299 -34.33 -4.62 -11.38
N ARG B 300 -33.59 -5.54 -10.78
CA ARG B 300 -34.05 -6.24 -9.59
C ARG B 300 -32.94 -6.24 -8.52
N LYS B 301 -33.36 -6.39 -7.27
CA LYS B 301 -32.42 -6.42 -6.16
C LYS B 301 -31.38 -7.53 -6.37
N GLY B 302 -30.11 -7.17 -6.17
CA GLY B 302 -29.00 -8.12 -6.24
C GLY B 302 -28.65 -8.59 -7.63
N ALA B 303 -29.17 -7.92 -8.66
CA ALA B 303 -28.91 -8.31 -10.04
C ALA B 303 -27.66 -7.65 -10.59
N VAL B 304 -27.08 -8.30 -11.60
CA VAL B 304 -25.82 -7.87 -12.20
C VAL B 304 -26.14 -7.34 -13.59
N GLY B 305 -25.77 -6.10 -13.81
CA GLY B 305 -26.11 -5.46 -15.06
C GLY B 305 -24.92 -4.84 -15.74
N ASN B 306 -25.19 -4.30 -16.92
CA ASN B 306 -24.24 -3.52 -17.65
C ASN B 306 -25.07 -2.44 -18.33
N VAL B 307 -24.79 -1.18 -18.04
CA VAL B 307 -25.36 -0.10 -18.88
C VAL B 307 -24.40 0.30 -19.97
N GLY B 308 -24.94 0.39 -21.17
CA GLY B 308 -24.17 0.67 -22.37
C GLY B 308 -24.11 2.16 -22.64
N VAL B 309 -23.09 2.56 -23.37
CA VAL B 309 -22.98 3.94 -23.82
C VAL B 309 -24.20 4.29 -24.66
N GLY B 310 -24.77 5.46 -24.39
CA GLY B 310 -25.97 5.89 -25.06
C GLY B 310 -27.04 6.45 -24.14
N ILE B 311 -28.30 6.35 -24.57
CA ILE B 311 -29.42 6.99 -23.88
C ILE B 311 -29.69 6.37 -22.49
N ALA B 312 -29.19 5.15 -22.31
CA ALA B 312 -29.33 4.40 -21.08
C ALA B 312 -28.35 4.82 -19.98
N ASP B 313 -27.22 5.42 -20.37
CA ASP B 313 -26.11 5.60 -19.43
C ASP B 313 -26.46 6.40 -18.18
N GLY B 314 -27.60 7.09 -18.21
CA GLY B 314 -28.14 7.81 -17.06
C GLY B 314 -28.75 6.97 -15.94
N ILE B 315 -28.88 5.66 -16.18
CA ILE B 315 -29.51 4.73 -15.20
C ILE B 315 -28.88 4.78 -13.79
N GLY B 316 -27.56 4.79 -13.72
CA GLY B 316 -26.83 4.91 -12.45
C GLY B 316 -27.25 6.12 -11.63
N LEU B 317 -27.22 7.29 -12.26
CA LEU B 317 -27.65 8.55 -11.62
C LEU B 317 -29.11 8.51 -11.16
N VAL B 318 -29.97 7.88 -11.95
CA VAL B 318 -31.38 7.72 -11.59
C VAL B 318 -31.50 6.82 -10.36
N ALA B 319 -30.82 5.68 -10.39
CA ALA B 319 -30.81 4.77 -9.26
C ALA B 319 -30.29 5.47 -8.00
N ARG B 320 -29.32 6.37 -8.14
CA ARG B 320 -28.83 7.15 -7.00
C ARG B 320 -29.90 8.11 -6.51
N GLU B 321 -30.58 8.77 -7.46
CA GLU B 321 -31.67 9.68 -7.14
C GLU B 321 -32.83 8.94 -6.44
N GLU B 322 -33.08 7.70 -6.84
CA GLU B 322 -34.22 6.94 -6.30
C GLU B 322 -33.88 6.16 -5.02
N GLY B 323 -32.59 6.11 -4.67
CA GLY B 323 -32.14 5.45 -3.46
C GLY B 323 -31.88 3.96 -3.56
N CYS B 324 -31.67 3.42 -4.77
CA CYS B 324 -31.43 1.98 -4.89
C CYS B 324 -30.13 1.59 -5.61
N ALA B 325 -29.24 2.56 -5.83
CA ALA B 325 -27.96 2.31 -6.49
C ALA B 325 -27.07 1.25 -5.81
N ASP B 326 -27.22 1.07 -4.51
CA ASP B 326 -26.37 0.14 -3.77
C ASP B 326 -26.97 -1.26 -3.69
N ASP B 327 -28.17 -1.41 -4.25
CA ASP B 327 -28.91 -2.67 -4.17
C ASP B 327 -28.76 -3.55 -5.42
N PHE B 328 -27.92 -3.13 -6.35
CA PHE B 328 -27.55 -3.96 -7.49
C PHE B 328 -26.17 -3.51 -7.94
N ILE B 329 -25.62 -4.17 -8.95
CA ILE B 329 -24.25 -3.90 -9.41
C ILE B 329 -24.19 -3.79 -10.94
N LEU B 330 -23.57 -2.72 -11.41
CA LEU B 330 -23.33 -2.53 -12.82
C LEU B 330 -21.87 -2.79 -13.13
N THR B 331 -21.65 -3.50 -14.24
CA THR B 331 -20.32 -3.81 -14.71
C THR B 331 -20.06 -3.10 -16.03
N VAL B 332 -18.79 -2.78 -16.26
CA VAL B 332 -18.36 -2.16 -17.46
C VAL B 332 -17.65 -3.25 -18.27
N GLU B 333 -17.95 -3.34 -19.55
CA GLU B 333 -17.38 -4.36 -20.43
C GLU B 333 -15.87 -4.44 -20.40
N THR B 334 -15.22 -3.30 -20.21
CA THR B 334 -13.77 -3.22 -20.24
C THR B 334 -13.10 -3.71 -18.96
N GLY B 335 -13.89 -4.07 -17.94
CA GLY B 335 -13.36 -4.66 -16.70
C GLY B 335 -13.76 -4.10 -15.35
N PRO B 336 -13.91 -2.78 -15.21
CA PRO B 336 -14.38 -2.21 -13.94
C PRO B 336 -15.76 -2.70 -13.50
N ILE B 337 -15.93 -2.80 -12.18
CA ILE B 337 -17.15 -3.32 -11.58
C ILE B 337 -17.60 -2.31 -10.54
N GLY B 338 -18.82 -1.80 -10.72
CA GLY B 338 -19.41 -0.87 -9.77
C GLY B 338 -18.87 0.53 -9.92
N GLY B 339 -19.16 1.40 -8.95
CA GLY B 339 -18.61 2.74 -8.96
C GLY B 339 -19.59 3.78 -9.45
N ILE B 340 -19.18 5.05 -9.34
CA ILE B 340 -20.00 6.21 -9.70
C ILE B 340 -19.27 7.21 -10.60
N THR B 341 -20.05 8.07 -11.25
CA THR B 341 -19.51 9.17 -12.05
C THR B 341 -19.29 10.44 -11.19
N ALA B 349 -13.94 9.12 -16.28
CA ALA B 349 -13.97 7.76 -15.68
C ALA B 349 -14.79 7.71 -14.39
N ASN B 350 -15.17 6.50 -13.98
CA ASN B 350 -15.85 6.23 -12.71
C ASN B 350 -14.91 6.05 -11.51
N VAL B 351 -15.42 6.40 -10.32
CA VAL B 351 -14.67 6.27 -9.07
C VAL B 351 -15.45 5.38 -8.09
N ASN B 352 -14.84 5.03 -6.96
CA ASN B 352 -15.45 4.13 -5.99
C ASN B 352 -15.86 2.78 -6.56
N THR B 353 -15.06 2.27 -7.51
CA THR B 353 -15.31 0.95 -8.10
C THR B 353 -15.13 -0.11 -7.03
N ARG B 354 -15.73 -1.28 -7.26
CA ARG B 354 -15.67 -2.37 -6.30
C ARG B 354 -14.58 -3.37 -6.67
N ALA B 355 -14.29 -3.48 -7.96
CA ALA B 355 -13.27 -4.40 -8.49
C ALA B 355 -12.96 -3.99 -9.90
N ILE B 356 -11.81 -4.43 -10.40
CA ILE B 356 -11.47 -4.28 -11.84
C ILE B 356 -10.91 -5.58 -12.38
N LEU B 357 -11.61 -6.20 -13.32
CA LEU B 357 -11.09 -7.40 -13.97
C LEU B 357 -10.34 -7.04 -15.26
N ASP B 358 -9.50 -7.95 -15.73
CA ASP B 358 -8.97 -7.83 -17.06
C ASP B 358 -10.17 -7.97 -18.00
N MET B 359 -10.10 -7.32 -19.16
CA MET B 359 -11.23 -7.26 -20.07
C MET B 359 -11.67 -8.66 -20.56
N THR B 360 -10.71 -9.52 -20.89
CA THR B 360 -11.05 -10.84 -21.41
C THR B 360 -11.91 -11.66 -20.44
N SER B 361 -11.53 -11.67 -19.16
CA SER B 361 -12.30 -12.36 -18.11
C SER B 361 -13.68 -11.78 -17.94
N GLN B 362 -13.82 -10.47 -18.11
CA GLN B 362 -15.13 -9.83 -18.07
C GLN B 362 -16.00 -10.41 -19.16
N PHE B 363 -15.45 -10.49 -20.37
CA PHE B 363 -16.21 -11.07 -21.47
C PHE B 363 -16.48 -12.57 -21.31
N ASP B 364 -15.57 -13.30 -20.67
CA ASP B 364 -15.88 -14.72 -20.36
C ASP B 364 -17.16 -14.80 -19.54
N PHE B 365 -17.23 -13.97 -18.50
CA PHE B 365 -18.39 -13.86 -17.64
C PHE B 365 -19.67 -13.55 -18.43
N TYR B 366 -19.60 -12.56 -19.31
CA TYR B 366 -20.72 -12.15 -20.17
C TYR B 366 -21.19 -13.27 -21.09
N HIS B 367 -20.24 -13.95 -21.73
CA HIS B 367 -20.58 -14.99 -22.72
C HIS B 367 -21.34 -16.13 -22.08
N GLY B 368 -21.04 -16.44 -20.83
CA GLY B 368 -21.70 -17.52 -20.14
C GLY B 368 -23.03 -17.12 -19.52
N GLY B 369 -23.56 -15.96 -19.90
CA GLY B 369 -24.87 -15.53 -19.41
C GLY B 369 -24.86 -14.96 -18.00
N GLY B 370 -23.73 -14.37 -17.59
CA GLY B 370 -23.61 -13.82 -16.24
C GLY B 370 -24.47 -12.60 -15.97
N LEU B 371 -24.80 -11.83 -17.01
CA LEU B 371 -25.64 -10.65 -16.87
C LEU B 371 -27.13 -11.02 -16.68
N ASP B 372 -27.70 -10.51 -15.60
CA ASP B 372 -29.15 -10.66 -15.39
C ASP B 372 -29.88 -9.66 -16.27
N VAL B 373 -29.32 -8.48 -16.44
CA VAL B 373 -29.95 -7.43 -17.22
C VAL B 373 -28.91 -6.70 -18.04
N CYS B 374 -29.20 -6.45 -19.31
CA CYS B 374 -28.34 -5.55 -20.03
C CYS B 374 -29.10 -4.44 -20.74
N TYR B 375 -28.49 -3.27 -20.74
CA TYR B 375 -29.04 -2.13 -21.39
C TYR B 375 -28.16 -1.79 -22.58
N LEU B 376 -28.79 -1.73 -23.76
CA LEU B 376 -28.08 -1.41 -24.99
C LEU B 376 -28.86 -0.39 -25.79
N SER B 377 -28.14 0.48 -26.49
CA SER B 377 -28.76 1.40 -27.44
C SER B 377 -29.08 0.69 -28.74
N PHE B 378 -29.97 1.29 -29.53
CA PHE B 378 -30.25 0.78 -30.87
C PHE B 378 -30.26 1.92 -31.86
N ALA B 379 -29.87 1.64 -33.09
CA ALA B 379 -30.07 2.59 -34.17
C ALA B 379 -31.29 2.16 -35.00
N GLU B 380 -31.44 0.85 -35.21
CA GLU B 380 -32.62 0.35 -35.90
C GLU B 380 -33.19 -0.92 -35.28
N VAL B 381 -34.51 -1.09 -35.41
CA VAL B 381 -35.21 -2.32 -35.04
C VAL B 381 -36.08 -2.74 -36.23
N ASP B 382 -36.14 -4.04 -36.52
CA ASP B 382 -37.03 -4.51 -37.56
C ASP B 382 -38.19 -5.36 -37.01
N GLN B 383 -39.08 -5.76 -37.90
CA GLN B 383 -40.30 -6.46 -37.51
C GLN B 383 -40.06 -7.78 -36.80
N HIS B 384 -38.86 -8.34 -36.95
CA HIS B 384 -38.48 -9.60 -36.31
C HIS B 384 -37.88 -9.30 -34.94
N GLY B 385 -37.74 -8.03 -34.61
CA GLY B 385 -37.09 -7.66 -33.37
C GLY B 385 -35.58 -7.74 -33.42
N ASN B 386 -35.02 -7.92 -34.63
CA ASN B 386 -33.60 -7.73 -34.86
C ASN B 386 -33.21 -6.27 -34.61
N VAL B 387 -31.99 -6.07 -34.13
CA VAL B 387 -31.49 -4.75 -33.83
C VAL B 387 -30.21 -4.51 -34.60
N GLY B 388 -30.05 -3.30 -35.12
CA GLY B 388 -28.84 -2.93 -35.82
C GLY B 388 -28.16 -1.77 -35.14
N VAL B 389 -26.85 -1.89 -34.93
CA VAL B 389 -26.00 -0.74 -34.52
C VAL B 389 -24.62 -0.66 -35.22
N HIS B 390 -24.15 -1.75 -35.84
CA HIS B 390 -22.79 -1.77 -36.40
C HIS B 390 -22.66 -0.91 -37.67
N LYS B 391 -23.78 -0.76 -38.37
CA LYS B 391 -23.84 0.11 -39.53
C LYS B 391 -25.18 0.84 -39.50
N PHE B 392 -25.15 2.13 -39.80
CA PHE B 392 -26.36 2.90 -40.04
C PHE B 392 -26.01 4.26 -40.63
N ASN B 393 -26.90 4.77 -41.47
CA ASN B 393 -26.71 6.09 -42.08
C ASN B 393 -25.52 6.07 -43.05
N GLY B 394 -25.25 4.88 -43.61
CA GLY B 394 -24.07 4.66 -44.46
C GLY B 394 -22.71 4.71 -43.76
N LYS B 395 -22.70 4.64 -42.43
CA LYS B 395 -21.44 4.67 -41.66
C LYS B 395 -21.17 3.34 -40.94
N ILE B 396 -19.90 2.92 -40.91
CA ILE B 396 -19.49 1.78 -40.09
C ILE B 396 -19.20 2.23 -38.64
N MET B 397 -20.02 1.76 -37.71
CA MET B 397 -19.83 2.05 -36.30
C MET B 397 -19.15 0.86 -35.62
N GLY B 398 -19.50 -0.35 -36.06
CA GLY B 398 -19.02 -1.56 -35.40
C GLY B 398 -19.81 -1.92 -34.15
N THR B 399 -19.45 -3.06 -33.56
CA THR B 399 -20.21 -3.65 -32.46
C THR B 399 -19.84 -3.13 -31.08
N GLY B 400 -18.54 -2.89 -30.83
CA GLY B 400 -18.06 -2.87 -29.46
C GLY B 400 -18.44 -4.20 -28.81
N GLY B 401 -18.86 -4.15 -27.54
CA GLY B 401 -19.29 -5.36 -26.84
C GLY B 401 -20.74 -5.74 -27.08
N PHE B 402 -21.42 -5.01 -27.97
CA PHE B 402 -22.88 -5.20 -28.20
C PHE B 402 -23.29 -6.66 -28.37
N ILE B 403 -22.61 -7.40 -29.24
CA ILE B 403 -22.97 -8.81 -29.51
C ILE B 403 -22.66 -9.73 -28.34
N ASP B 404 -21.51 -9.48 -27.70
CA ASP B 404 -21.07 -10.24 -26.54
C ASP B 404 -22.08 -10.15 -25.40
N ILE B 405 -22.74 -8.99 -25.32
CA ILE B 405 -23.68 -8.67 -24.25
C ILE B 405 -25.14 -9.06 -24.59
N SER B 406 -25.53 -8.91 -25.85
CA SER B 406 -26.93 -9.17 -26.27
C SER B 406 -27.22 -10.64 -26.63
N ALA B 407 -26.17 -11.45 -26.74
CA ALA B 407 -26.30 -12.84 -27.18
C ALA B 407 -26.89 -13.79 -26.13
N THR B 408 -26.45 -13.64 -24.87
CA THR B 408 -26.81 -14.58 -23.82
C THR B 408 -27.32 -13.95 -22.52
N SER B 409 -27.34 -12.63 -22.38
CA SER B 409 -27.86 -12.03 -21.12
C SER B 409 -29.31 -12.44 -20.85
N LYS B 410 -29.67 -12.68 -19.58
CA LYS B 410 -31.01 -13.16 -19.24
C LYS B 410 -32.14 -12.23 -19.73
N LYS B 411 -31.93 -10.93 -19.57
CA LYS B 411 -32.87 -9.89 -20.00
C LYS B 411 -32.11 -8.88 -20.82
N ILE B 412 -32.63 -8.58 -21.99
CA ILE B 412 -32.01 -7.64 -22.91
C ILE B 412 -32.93 -6.45 -23.13
N ILE B 413 -32.48 -5.27 -22.69
CA ILE B 413 -33.28 -4.05 -22.72
C ILE B 413 -32.70 -3.06 -23.70
N PHE B 414 -33.31 -2.95 -24.87
CA PHE B 414 -32.92 -1.97 -25.87
C PHE B 414 -33.55 -0.64 -25.53
N CYS B 415 -32.76 0.42 -25.66
CA CYS B 415 -33.15 1.77 -25.26
C CYS B 415 -32.82 2.79 -26.35
N GLY B 416 -33.79 3.65 -26.66
CA GLY B 416 -33.59 4.67 -27.67
C GLY B 416 -34.86 5.42 -27.94
N THR B 417 -34.82 6.35 -28.87
CA THR B 417 -36.03 7.05 -29.30
C THR B 417 -36.67 6.32 -30.47
N LEU B 418 -37.96 6.53 -30.65
CA LEU B 418 -38.69 5.83 -31.68
C LEU B 418 -38.36 6.35 -33.08
N THR B 419 -38.09 7.65 -33.17
CA THR B 419 -37.51 8.24 -34.39
C THR B 419 -36.20 8.95 -34.10
N ALA B 420 -35.41 9.15 -35.14
CA ALA B 420 -34.16 9.91 -35.06
C ALA B 420 -34.17 11.08 -36.04
N GLY B 421 -33.09 11.88 -36.01
CA GLY B 421 -32.97 13.01 -36.92
C GLY B 421 -33.62 14.25 -36.36
N SER B 422 -32.89 14.91 -35.46
CA SER B 422 -33.36 16.12 -34.76
C SER B 422 -34.80 16.01 -34.26
N LEU B 423 -35.03 15.01 -33.41
CA LEU B 423 -36.27 14.85 -32.66
C LEU B 423 -36.23 15.74 -31.42
N LYS B 424 -37.26 16.56 -31.25
CA LYS B 424 -37.38 17.43 -30.10
C LYS B 424 -38.63 17.06 -29.32
N THR B 425 -38.45 16.75 -28.05
CA THR B 425 -39.56 16.50 -27.15
C THR B 425 -39.40 17.33 -25.90
N GLU B 426 -40.53 17.60 -25.26
CA GLU B 426 -40.55 18.28 -23.99
C GLU B 426 -41.46 17.48 -23.09
N ILE B 427 -41.09 17.39 -21.82
CA ILE B 427 -41.94 16.73 -20.84
C ILE B 427 -42.54 17.78 -19.90
N ALA B 428 -43.86 17.91 -19.97
CA ALA B 428 -44.61 18.88 -19.19
C ALA B 428 -45.97 18.30 -18.78
N ASP B 429 -46.49 18.79 -17.65
CA ASP B 429 -47.81 18.37 -17.14
C ASP B 429 -47.96 16.85 -16.99
N GLY B 430 -46.84 16.16 -16.73
CA GLY B 430 -46.84 14.70 -16.62
C GLY B 430 -47.11 13.98 -17.94
N LYS B 431 -46.82 14.66 -19.04
CA LYS B 431 -47.04 14.13 -20.38
C LYS B 431 -45.77 14.29 -21.18
N LEU B 432 -45.64 13.49 -22.23
CA LEU B 432 -44.65 13.73 -23.26
C LEU B 432 -45.30 14.59 -24.32
N ASN B 433 -44.57 15.60 -24.80
CA ASN B 433 -45.00 16.38 -25.95
C ASN B 433 -43.92 16.38 -27.03
N ILE B 434 -44.26 15.78 -28.17
CA ILE B 434 -43.38 15.76 -29.33
C ILE B 434 -43.52 17.11 -29.99
N VAL B 435 -42.52 17.96 -29.82
CA VAL B 435 -42.62 19.32 -30.36
C VAL B 435 -42.08 19.39 -31.79
N GLN B 436 -41.08 18.55 -32.09
CA GLN B 436 -40.59 18.38 -33.45
C GLN B 436 -40.31 16.89 -33.65
N GLU B 437 -41.04 16.27 -34.57
CA GLU B 437 -40.89 14.85 -34.86
C GLU B 437 -39.59 14.58 -35.61
N GLY B 438 -38.95 13.47 -35.29
CA GLY B 438 -37.74 13.05 -35.98
C GLY B 438 -37.96 12.82 -37.46
N ARG B 439 -36.89 13.05 -38.23
CA ARG B 439 -36.90 12.85 -39.69
C ARG B 439 -36.87 11.37 -40.08
N VAL B 440 -36.27 10.53 -39.24
CA VAL B 440 -35.91 9.17 -39.63
C VAL B 440 -36.66 8.13 -38.80
N LYS B 441 -37.22 7.15 -39.48
CA LYS B 441 -37.88 6.04 -38.81
C LYS B 441 -36.81 5.01 -38.46
N LYS B 442 -36.84 4.53 -37.23
CA LYS B 442 -35.84 3.58 -36.74
C LYS B 442 -36.41 2.17 -36.68
N PHE B 443 -37.73 2.09 -36.57
CA PHE B 443 -38.44 0.81 -36.66
C PHE B 443 -38.85 0.53 -38.11
N ILE B 444 -38.06 -0.33 -38.76
CA ILE B 444 -38.14 -0.52 -40.20
C ILE B 444 -38.57 -1.95 -40.52
N ARG B 445 -38.94 -2.19 -41.78
CA ARG B 445 -39.44 -3.52 -42.15
C ARG B 445 -38.35 -4.59 -41.99
N GLU B 446 -37.16 -4.35 -42.54
CA GLU B 446 -36.06 -5.33 -42.53
C GLU B 446 -34.70 -4.66 -42.34
N LEU B 447 -33.91 -5.14 -41.37
CA LEU B 447 -32.54 -4.64 -41.18
C LEU B 447 -31.68 -5.01 -42.39
N PRO B 448 -31.00 -4.04 -42.99
CA PRO B 448 -29.96 -4.36 -44.00
C PRO B 448 -28.93 -5.36 -43.44
N GLU B 449 -28.52 -5.13 -42.20
CA GLU B 449 -27.57 -6.03 -41.54
C GLU B 449 -27.87 -6.15 -40.05
N ILE B 450 -27.84 -7.37 -39.58
CA ILE B 450 -28.25 -7.73 -38.24
C ILE B 450 -27.10 -7.68 -37.21
N THR B 451 -27.26 -6.91 -36.14
CA THR B 451 -26.33 -6.97 -34.99
C THR B 451 -26.84 -7.89 -33.86
N PHE B 452 -28.16 -7.99 -33.75
CA PHE B 452 -28.82 -8.83 -32.76
C PHE B 452 -30.01 -9.44 -33.45
N SER B 453 -30.17 -10.75 -33.28
CA SER B 453 -31.22 -11.51 -33.92
C SER B 453 -32.36 -11.80 -32.94
N GLY B 454 -33.59 -11.44 -33.33
CA GLY B 454 -34.77 -11.74 -32.52
C GLY B 454 -35.01 -13.23 -32.36
N LYS B 455 -34.88 -13.96 -33.46
CA LYS B 455 -35.06 -15.41 -33.51
C LYS B 455 -34.14 -16.11 -32.51
N ILE B 456 -32.83 -15.85 -32.58
CA ILE B 456 -31.88 -16.51 -31.68
C ILE B 456 -32.17 -16.20 -30.21
N ALA B 457 -32.47 -14.94 -29.90
CA ALA B 457 -32.83 -14.59 -28.52
C ALA B 457 -34.06 -15.37 -28.04
N LEU B 458 -35.04 -15.57 -28.91
CA LEU B 458 -36.22 -16.34 -28.54
C LEU B 458 -35.86 -17.82 -28.40
N GLU B 459 -35.00 -18.30 -29.29
CA GLU B 459 -34.49 -19.66 -29.19
C GLU B 459 -33.74 -19.89 -27.88
N ARG B 460 -33.04 -18.85 -27.41
CA ARG B 460 -32.25 -18.92 -26.17
C ARG B 460 -33.11 -18.65 -24.94
N GLY B 461 -34.40 -18.37 -25.16
CA GLY B 461 -35.36 -18.12 -24.10
C GLY B 461 -35.09 -16.85 -23.32
N LEU B 462 -34.59 -15.82 -24.00
CA LEU B 462 -34.29 -14.55 -23.35
C LEU B 462 -35.48 -13.58 -23.36
N ASP B 463 -35.53 -12.69 -22.38
CA ASP B 463 -36.59 -11.69 -22.27
C ASP B 463 -36.11 -10.39 -22.93
N VAL B 464 -36.79 -9.96 -24.00
CA VAL B 464 -36.30 -8.85 -24.82
C VAL B 464 -37.28 -7.68 -24.84
N ARG B 465 -36.79 -6.51 -24.42
CA ARG B 465 -37.59 -5.29 -24.33
C ARG B 465 -37.04 -4.19 -25.23
N TYR B 466 -37.93 -3.33 -25.72
CA TYR B 466 -37.55 -2.16 -26.48
C TYR B 466 -38.23 -0.98 -25.87
N ILE B 467 -37.46 -0.18 -25.13
CA ILE B 467 -37.95 1.00 -24.44
C ILE B 467 -37.65 2.24 -25.28
N THR B 468 -38.70 3.00 -25.59
CA THR B 468 -38.55 4.33 -26.16
C THR B 468 -39.21 5.36 -25.24
N GLU B 469 -39.09 6.63 -25.62
CA GLU B 469 -39.65 7.75 -24.88
C GLU B 469 -41.20 7.81 -24.96
N ARG B 470 -41.77 7.11 -25.92
CA ARG B 470 -43.22 7.19 -26.20
C ARG B 470 -43.93 5.84 -26.23
N ALA B 471 -43.15 4.75 -26.15
CA ALA B 471 -43.69 3.39 -26.29
C ALA B 471 -42.70 2.33 -25.78
N VAL B 472 -43.24 1.29 -25.18
CA VAL B 472 -42.46 0.13 -24.80
C VAL B 472 -43.02 -1.11 -25.51
N PHE B 473 -42.12 -1.95 -26.02
CA PHE B 473 -42.44 -3.20 -26.70
C PHE B 473 -41.74 -4.40 -26.01
N THR B 474 -42.32 -5.59 -26.17
CA THR B 474 -41.66 -6.83 -25.77
C THR B 474 -41.64 -7.78 -26.97
N LEU B 475 -40.51 -8.47 -27.17
CA LEU B 475 -40.39 -9.47 -28.23
C LEU B 475 -41.11 -10.78 -27.90
N LYS B 476 -41.92 -11.25 -28.85
CA LYS B 476 -42.60 -12.56 -28.75
C LYS B 476 -42.53 -13.33 -30.06
N GLU B 477 -43.01 -14.57 -30.06
CA GLU B 477 -42.97 -15.45 -31.25
C GLU B 477 -43.53 -14.81 -32.53
N ASP B 478 -44.54 -13.96 -32.39
CA ASP B 478 -45.14 -13.33 -33.55
C ASP B 478 -44.63 -11.91 -33.83
N GLY B 479 -43.61 -11.51 -33.07
CA GLY B 479 -42.95 -10.21 -33.24
C GLY B 479 -43.14 -9.29 -32.06
N LEU B 480 -42.91 -8.01 -32.28
CA LEU B 480 -43.02 -7.01 -31.22
C LEU B 480 -44.44 -6.76 -30.74
N HIS B 481 -44.63 -6.80 -29.42
CA HIS B 481 -45.90 -6.41 -28.82
C HIS B 481 -45.76 -5.06 -28.20
N LEU B 482 -46.59 -4.11 -28.65
CA LEU B 482 -46.66 -2.83 -27.97
C LEU B 482 -47.42 -3.00 -26.65
N ILE B 483 -46.73 -2.79 -25.53
CA ILE B 483 -47.28 -3.06 -24.18
C ILE B 483 -47.55 -1.82 -23.33
N GLU B 484 -46.88 -0.71 -23.65
CA GLU B 484 -47.06 0.54 -22.93
C GLU B 484 -46.98 1.68 -23.93
N ILE B 485 -47.75 2.74 -23.67
CA ILE B 485 -47.76 3.97 -24.49
C ILE B 485 -47.66 5.18 -23.58
N ALA B 486 -46.85 6.16 -23.96
CA ALA B 486 -46.70 7.37 -23.17
C ALA B 486 -48.00 8.17 -23.17
N PRO B 487 -48.33 8.77 -22.02
CA PRO B 487 -49.35 9.83 -21.96
C PRO B 487 -48.97 11.01 -22.85
N GLY B 488 -49.95 11.59 -23.53
CA GLY B 488 -49.72 12.76 -24.38
C GLY B 488 -49.46 12.41 -25.82
N VAL B 489 -49.56 11.11 -26.14
CA VAL B 489 -49.15 10.59 -27.44
C VAL B 489 -50.31 9.81 -28.05
N ASP B 490 -50.43 9.86 -29.38
CA ASP B 490 -51.53 9.19 -30.07
C ASP B 490 -51.04 7.94 -30.76
N LEU B 491 -51.64 6.80 -30.40
CA LEU B 491 -51.28 5.50 -30.92
C LEU B 491 -51.06 5.52 -32.43
N GLN B 492 -52.13 5.80 -33.20
CA GLN B 492 -52.06 5.83 -34.66
C GLN B 492 -51.03 6.79 -35.26
N LYS B 493 -51.04 8.04 -34.82
CA LYS B 493 -50.23 9.08 -35.48
C LYS B 493 -48.78 9.09 -35.02
N ASP B 494 -48.54 8.84 -33.74
CA ASP B 494 -47.20 8.99 -33.17
C ASP B 494 -46.42 7.68 -33.09
N ILE B 495 -47.13 6.55 -33.16
CA ILE B 495 -46.49 5.23 -33.10
C ILE B 495 -46.66 4.43 -34.39
N LEU B 496 -47.89 4.05 -34.73
CA LEU B 496 -48.14 3.22 -35.92
C LEU B 496 -47.69 3.86 -37.24
N ASP B 497 -48.00 5.15 -37.43
CA ASP B 497 -47.57 5.91 -38.59
C ASP B 497 -46.05 6.14 -38.63
N LYS B 498 -45.38 5.97 -37.48
CA LYS B 498 -43.93 6.22 -37.43
C LYS B 498 -43.08 4.94 -37.44
N MET B 499 -43.72 3.81 -37.69
CA MET B 499 -43.01 2.55 -37.85
C MET B 499 -43.33 1.98 -39.22
N ASP B 500 -42.36 1.33 -39.85
CA ASP B 500 -42.55 0.74 -41.17
C ASP B 500 -42.92 -0.74 -41.08
N PHE B 501 -43.42 -1.17 -39.92
CA PHE B 501 -44.02 -2.49 -39.76
C PHE B 501 -45.14 -2.38 -38.76
N THR B 502 -46.03 -3.37 -38.77
CA THR B 502 -47.15 -3.44 -37.83
C THR B 502 -46.81 -4.29 -36.61
N PRO B 503 -46.78 -3.69 -35.41
CA PRO B 503 -46.61 -4.44 -34.18
C PRO B 503 -47.92 -5.03 -33.68
N VAL B 504 -47.85 -6.03 -32.80
CA VAL B 504 -49.02 -6.56 -32.13
C VAL B 504 -49.34 -5.57 -31.01
N ILE B 505 -50.59 -5.13 -30.95
CA ILE B 505 -51.03 -4.31 -29.85
C ILE B 505 -51.44 -5.28 -28.75
N SER B 506 -50.79 -5.16 -27.60
CA SER B 506 -51.12 -6.01 -26.47
C SER B 506 -52.55 -5.71 -26.03
N PRO B 507 -53.36 -6.74 -25.83
CA PRO B 507 -54.65 -6.59 -25.15
C PRO B 507 -54.48 -5.96 -23.77
N GLU B 508 -53.29 -6.12 -23.18
CA GLU B 508 -52.97 -5.53 -21.87
C GLU B 508 -52.30 -4.15 -21.99
N LEU B 509 -52.39 -3.53 -23.16
CA LEU B 509 -51.78 -2.21 -23.39
C LEU B 509 -52.19 -1.26 -22.28
N LYS B 510 -51.25 -0.43 -21.85
CA LYS B 510 -51.48 0.49 -20.75
C LYS B 510 -50.62 1.74 -20.95
N LEU B 511 -50.96 2.80 -20.23
CA LEU B 511 -50.13 3.99 -20.21
C LEU B 511 -48.85 3.67 -19.45
N MET B 512 -47.75 4.23 -19.94
CA MET B 512 -46.48 4.19 -19.21
C MET B 512 -46.64 4.90 -17.87
N ASP B 513 -46.13 4.28 -16.80
CA ASP B 513 -46.15 4.84 -15.46
C ASP B 513 -46.09 6.38 -15.40
N GLU B 514 -47.13 6.95 -14.82
CA GLU B 514 -47.26 8.40 -14.64
C GLU B 514 -46.00 9.02 -14.01
N ARG B 515 -45.46 8.35 -13.01
CA ARG B 515 -44.27 8.82 -12.26
C ARG B 515 -43.06 9.12 -13.15
N LEU B 516 -42.89 8.35 -14.21
CA LEU B 516 -41.78 8.53 -15.14
C LEU B 516 -41.71 9.96 -15.67
N PHE B 517 -42.89 10.57 -15.80
CA PHE B 517 -43.09 11.83 -16.52
C PHE B 517 -43.17 13.05 -15.59
N ILE B 518 -42.91 12.85 -14.31
CA ILE B 518 -43.00 13.95 -13.33
C ILE B 518 -41.63 14.33 -12.80
N ASP B 519 -41.39 15.64 -12.73
CA ASP B 519 -40.09 16.19 -12.38
C ASP B 519 -39.86 16.23 -10.87
N ALA B 520 -40.02 15.06 -10.27
CA ALA B 520 -39.74 14.82 -8.86
C ALA B 520 -39.35 13.35 -8.72
N ALA B 521 -38.72 13.00 -7.60
CA ALA B 521 -38.33 11.62 -7.33
C ALA B 521 -39.57 10.73 -7.43
N MET B 522 -39.41 9.57 -8.05
CA MET B 522 -40.53 8.68 -8.35
C MET B 522 -41.05 7.90 -7.14
N GLY B 523 -40.21 7.71 -6.14
CA GLY B 523 -40.52 6.78 -5.06
C GLY B 523 -40.48 5.35 -5.57
N PHE B 524 -39.62 5.08 -6.56
CA PHE B 524 -39.46 3.73 -7.12
C PHE B 524 -38.89 2.81 -6.07
N VAL B 525 -39.51 1.64 -5.91
CA VAL B 525 -38.97 0.65 -4.98
C VAL B 525 -38.54 -0.63 -5.73
N LEU B 526 -37.28 -1.01 -5.53
CA LEU B 526 -36.66 -2.09 -6.30
C LEU B 526 -37.23 -3.45 -5.89
N PRO B 527 -37.82 -4.18 -6.83
CA PRO B 527 -38.29 -5.54 -6.56
C PRO B 527 -37.13 -6.54 -6.41
N GLU B 528 -37.36 -7.55 -5.58
CA GLU B 528 -36.46 -8.68 -5.47
C GLU B 528 -37.18 -9.88 -6.04
N ALA B 529 -36.60 -10.54 -7.04
CA ALA B 529 -37.25 -11.69 -7.71
C ALA B 529 -37.48 -12.88 -6.78
N VAL C 4 -14.51 33.60 16.30
CA VAL C 4 -15.80 32.96 15.91
C VAL C 4 -15.65 32.05 14.68
N LYS C 5 -15.08 30.88 14.90
CA LYS C 5 -14.92 29.86 13.87
C LYS C 5 -16.29 29.31 13.44
N PRO C 6 -16.45 29.01 12.15
CA PRO C 6 -17.74 28.57 11.62
C PRO C 6 -18.14 27.20 12.18
N PRO C 7 -19.43 26.97 12.41
CA PRO C 7 -19.89 25.70 12.99
C PRO C 7 -19.62 24.50 12.07
N ARG C 8 -19.57 23.31 12.68
CA ARG C 8 -19.32 22.07 11.97
C ARG C 8 -20.66 21.37 11.68
N ILE C 9 -21.22 21.62 10.50
CA ILE C 9 -22.52 21.07 10.14
C ILE C 9 -22.45 19.54 10.05
N ASN C 10 -23.13 18.90 11.01
CA ASN C 10 -23.24 17.45 11.11
C ASN C 10 -21.88 16.73 11.25
N GLY C 11 -20.94 17.39 11.92
CA GLY C 11 -19.60 16.85 12.16
C GLY C 11 -18.59 17.19 11.07
N ARG C 12 -19.08 17.68 9.94
CA ARG C 12 -18.22 18.01 8.81
C ARG C 12 -17.43 19.27 9.08
N VAL C 13 -16.12 19.18 8.90
CA VAL C 13 -15.25 20.38 8.96
C VAL C 13 -15.65 21.37 7.85
N PRO C 14 -15.85 22.64 8.19
CA PRO C 14 -16.22 23.65 7.21
C PRO C 14 -15.18 23.77 6.09
N VAL C 15 -15.65 23.74 4.84
CA VAL C 15 -14.77 23.88 3.68
C VAL C 15 -15.06 25.24 3.05
N LEU C 16 -14.02 26.06 2.95
CA LEU C 16 -14.14 27.43 2.47
C LEU C 16 -13.06 27.74 1.44
N SER C 17 -13.32 28.75 0.61
CA SER C 17 -12.29 29.31 -0.25
C SER C 17 -11.26 30.00 0.64
N ALA C 18 -10.04 30.16 0.13
CA ALA C 18 -8.98 30.83 0.88
C ALA C 18 -9.45 32.24 1.27
N GLN C 19 -10.19 32.88 0.35
CA GLN C 19 -10.70 34.24 0.52
C GLN C 19 -11.65 34.35 1.73
N GLU C 20 -12.60 33.42 1.82
CA GLU C 20 -13.52 33.38 2.96
C GLU C 20 -12.83 32.97 4.27
N ALA C 21 -11.78 32.15 4.16
CA ALA C 21 -11.10 31.61 5.33
C ALA C 21 -10.32 32.71 6.08
N VAL C 22 -9.67 33.59 5.33
CA VAL C 22 -8.86 34.66 5.92
C VAL C 22 -9.71 35.80 6.53
N ASN C 23 -10.97 35.90 6.15
CA ASN C 23 -11.87 36.89 6.76
C ASN C 23 -12.08 36.59 8.23
N TYR C 24 -11.70 35.38 8.65
CA TYR C 24 -11.79 35.01 10.04
C TYR C 24 -10.60 35.49 10.87
N ILE C 25 -9.60 36.08 10.21
CA ILE C 25 -8.43 36.65 10.90
C ILE C 25 -8.69 38.09 11.38
N PRO C 26 -8.76 38.28 12.70
CA PRO C 26 -9.02 39.61 13.29
C PRO C 26 -7.72 40.39 13.46
N ASP C 27 -7.83 41.69 13.76
CA ASP C 27 -6.66 42.54 14.00
C ASP C 27 -5.85 41.96 15.15
N GLU C 28 -4.53 42.13 15.07
CA GLU C 28 -3.61 41.79 16.15
C GLU C 28 -3.47 40.29 16.46
N ALA C 29 -4.09 39.44 15.64
CA ALA C 29 -3.96 37.98 15.77
C ALA C 29 -2.50 37.52 15.58
N THR C 30 -2.14 36.46 16.29
CA THR C 30 -0.87 35.78 16.06
C THR C 30 -1.01 34.59 15.08
N LEU C 31 -0.33 34.75 13.95
CA LEU C 31 -0.41 33.84 12.82
C LEU C 31 0.83 32.96 12.79
N CYS C 32 0.61 31.65 12.84
CA CYS C 32 1.68 30.70 12.68
C CYS C 32 1.58 30.06 11.30
N VAL C 33 2.68 30.14 10.56
CA VAL C 33 2.72 29.67 9.19
C VAL C 33 3.61 28.44 9.03
N LEU C 34 2.98 27.31 8.71
CA LEU C 34 3.71 26.08 8.39
C LEU C 34 4.44 26.21 7.05
N GLY C 35 5.65 25.66 6.96
CA GLY C 35 6.34 25.53 5.67
C GLY C 35 7.85 25.61 5.74
N ALA C 36 8.53 25.13 4.71
CA ALA C 36 9.97 25.32 4.57
C ALA C 36 10.29 25.93 3.22
N GLY C 37 11.56 25.96 2.84
CA GLY C 37 11.98 26.60 1.59
C GLY C 37 11.39 25.99 0.32
N GLY C 38 11.20 26.85 -0.68
CA GLY C 38 10.81 26.42 -2.03
C GLY C 38 9.42 25.84 -2.20
N GLY C 39 8.51 26.16 -1.27
CA GLY C 39 7.13 25.64 -1.33
C GLY C 39 6.81 24.42 -0.49
N ILE C 40 7.80 23.89 0.24
CA ILE C 40 7.59 22.70 1.07
C ILE C 40 6.47 22.93 2.09
N LEU C 41 5.40 22.14 1.99
CA LEU C 41 4.25 22.21 2.90
C LEU C 41 3.70 23.62 3.10
N GLU C 42 3.69 24.40 2.04
CA GLU C 42 3.19 25.77 2.16
C GLU C 42 1.76 25.89 1.68
N ALA C 43 0.90 26.39 2.58
CA ALA C 43 -0.50 26.70 2.29
C ALA C 43 -0.60 28.02 1.52
N THR C 44 -0.07 28.01 0.30
CA THR C 44 0.07 29.17 -0.55
C THR C 44 -1.23 29.99 -0.75
N THR C 45 -2.35 29.33 -0.98
CA THR C 45 -3.59 30.05 -1.24
C THR C 45 -3.99 30.91 -0.05
N LEU C 46 -3.70 30.42 1.17
CA LEU C 46 -4.04 31.13 2.39
C LEU C 46 -3.15 32.35 2.62
N ILE C 47 -1.87 32.20 2.28
CA ILE C 47 -0.97 33.34 2.27
C ILE C 47 -1.42 34.38 1.25
N THR C 48 -1.70 33.92 0.03
CA THR C 48 -2.13 34.77 -1.09
C THR C 48 -3.43 35.51 -0.76
N ALA C 49 -4.38 34.81 -0.13
CA ALA C 49 -5.66 35.40 0.25
C ALA C 49 -5.55 36.50 1.32
N LEU C 50 -4.62 36.33 2.27
CA LEU C 50 -4.41 37.34 3.31
C LEU C 50 -3.69 38.57 2.75
N ALA C 51 -2.69 38.33 1.90
CA ALA C 51 -1.94 39.39 1.22
C ALA C 51 -2.84 40.23 0.32
N ASP C 52 -3.72 39.57 -0.44
CA ASP C 52 -4.66 40.26 -1.31
C ASP C 52 -5.71 41.05 -0.51
N LYS C 53 -6.29 40.42 0.51
CA LYS C 53 -7.24 41.08 1.39
C LYS C 53 -6.66 42.36 1.99
N TYR C 54 -5.39 42.32 2.38
CA TYR C 54 -4.75 43.54 2.89
C TYR C 54 -4.54 44.56 1.78
N LYS C 55 -4.12 44.10 0.61
CA LYS C 55 -3.92 44.99 -0.53
C LYS C 55 -5.22 45.72 -0.92
N GLN C 56 -6.33 45.01 -0.83
CA GLN C 56 -7.64 45.58 -1.16
C GLN C 56 -8.29 46.40 -0.05
N THR C 57 -8.11 46.01 1.22
CA THR C 57 -8.90 46.58 2.31
C THR C 57 -8.11 47.23 3.45
N GLN C 58 -6.79 47.04 3.46
CA GLN C 58 -5.94 47.47 4.60
C GLN C 58 -6.39 46.82 5.92
N THR C 59 -6.96 45.62 5.81
CA THR C 59 -7.34 44.79 6.95
C THR C 59 -6.88 43.34 6.66
N PRO C 60 -6.63 42.52 7.69
CA PRO C 60 -6.62 42.95 9.09
C PRO C 60 -5.34 43.70 9.43
N ARG C 61 -5.23 44.17 10.67
CA ARG C 61 -4.09 45.01 11.04
C ARG C 61 -3.25 44.45 12.18
N ASN C 62 -1.98 44.81 12.16
CA ASN C 62 -1.06 44.55 13.25
C ASN C 62 -1.07 43.09 13.69
N LEU C 63 -0.85 42.20 12.73
CA LEU C 63 -0.72 40.77 13.01
C LEU C 63 0.68 40.47 13.52
N SER C 64 0.76 39.46 14.38
CA SER C 64 2.04 38.91 14.78
C SER C 64 2.26 37.60 14.04
N ILE C 65 3.48 37.38 13.59
CA ILE C 65 3.83 36.22 12.78
C ILE C 65 4.80 35.33 13.52
N ILE C 66 4.52 34.03 13.53
CA ILE C 66 5.50 33.02 13.91
C ILE C 66 5.78 32.12 12.71
N SER C 67 7.05 32.00 12.36
CA SER C 67 7.47 31.16 11.26
C SER C 67 8.58 30.27 11.78
N PRO C 68 8.24 29.03 12.16
CA PRO C 68 9.22 28.09 12.72
C PRO C 68 10.46 27.97 11.84
N THR C 69 10.27 27.86 10.53
CA THR C 69 11.40 27.92 9.62
C THR C 69 11.18 28.95 8.50
N GLY C 70 12.12 29.07 7.58
CA GLY C 70 12.00 30.04 6.49
C GLY C 70 11.23 29.55 5.27
N LEU C 71 10.16 30.25 4.94
CA LEU C 71 9.35 29.95 3.75
C LEU C 71 9.83 30.78 2.57
N GLY C 72 9.66 30.25 1.35
CA GLY C 72 9.85 31.05 0.15
C GLY C 72 11.05 30.75 -0.70
N ASP C 73 11.34 31.69 -1.61
CA ASP C 73 12.30 31.50 -2.67
C ASP C 73 13.43 32.54 -2.64
N ARG C 74 13.71 33.10 -1.45
CA ARG C 74 14.72 34.16 -1.25
C ARG C 74 14.45 35.42 -2.08
N ALA C 75 13.17 35.67 -2.34
CA ALA C 75 12.70 36.78 -3.14
C ALA C 75 11.29 37.17 -2.71
N ASP C 76 10.31 37.05 -3.61
CA ASP C 76 8.96 37.57 -3.33
C ASP C 76 7.89 36.55 -2.92
N ARG C 77 8.25 35.27 -2.90
CA ARG C 77 7.29 34.25 -2.45
C ARG C 77 7.37 34.08 -0.92
N GLY C 78 6.88 32.95 -0.39
CA GLY C 78 6.92 32.73 1.05
C GLY C 78 5.95 33.61 1.81
N ILE C 79 6.43 34.24 2.88
CA ILE C 79 5.61 35.23 3.59
C ILE C 79 5.96 36.67 3.18
N SER C 80 6.81 36.81 2.15
CA SER C 80 7.13 38.12 1.60
C SER C 80 5.88 38.95 1.24
N PRO C 81 4.86 38.34 0.60
CA PRO C 81 3.59 39.05 0.33
C PRO C 81 2.92 39.62 1.57
N LEU C 82 3.36 39.19 2.74
CA LEU C 82 2.79 39.70 3.98
C LEU C 82 3.56 40.92 4.53
N ALA C 83 4.54 41.40 3.77
CA ALA C 83 5.38 42.52 4.22
C ALA C 83 4.85 43.89 3.79
N GLN C 84 3.53 43.98 3.62
CA GLN C 84 2.84 45.25 3.39
C GLN C 84 2.76 46.00 4.71
N GLU C 85 3.14 47.28 4.66
CA GLU C 85 3.21 48.12 5.87
C GLU C 85 1.85 48.22 6.57
N GLY C 86 1.84 47.95 7.86
CA GLY C 86 0.62 47.92 8.65
C GLY C 86 0.00 46.54 8.86
N LEU C 87 0.27 45.61 7.94
CA LEU C 87 -0.24 44.24 8.09
C LEU C 87 0.43 43.52 9.26
N VAL C 88 1.77 43.55 9.25
CA VAL C 88 2.61 42.89 10.25
C VAL C 88 3.34 43.92 11.15
N LYS C 89 3.21 43.78 12.47
CA LYS C 89 3.94 44.61 13.41
C LYS C 89 5.05 43.88 14.18
N TRP C 90 5.01 42.55 14.17
CA TRP C 90 5.79 41.71 15.08
C TRP C 90 6.03 40.34 14.41
N ALA C 91 7.27 39.88 14.42
CA ALA C 91 7.60 38.59 13.81
C ALA C 91 8.68 37.84 14.57
N LEU C 92 8.44 36.53 14.73
CA LEU C 92 9.38 35.60 15.37
C LEU C 92 9.65 34.43 14.41
N CYS C 93 10.85 34.36 13.87
CA CYS C 93 11.17 33.37 12.85
C CYS C 93 12.47 32.63 13.13
N GLY C 94 12.46 31.33 12.82
CA GLY C 94 13.66 30.49 12.89
C GLY C 94 14.68 30.82 11.82
N HIS C 95 14.22 31.40 10.72
CA HIS C 95 15.11 31.82 9.62
C HIS C 95 14.49 33.03 8.91
N TRP C 96 15.32 33.94 8.43
CA TRP C 96 14.84 35.25 7.96
C TRP C 96 15.11 35.56 6.49
N GLY C 97 16.21 35.04 5.97
CA GLY C 97 16.60 35.29 4.57
C GLY C 97 15.69 34.67 3.51
N GLN C 98 14.88 33.68 3.87
CA GLN C 98 14.07 32.97 2.88
C GLN C 98 12.91 33.81 2.35
N SER C 99 12.34 34.66 3.20
CA SER C 99 11.36 35.69 2.80
C SER C 99 11.93 37.10 3.09
N PRO C 100 12.80 37.61 2.23
CA PRO C 100 13.55 38.83 2.51
C PRO C 100 12.74 40.13 2.66
N ARG C 101 11.55 40.22 2.08
CA ARG C 101 10.71 41.40 2.29
C ARG C 101 10.34 41.60 3.77
N ILE C 102 10.20 40.49 4.51
CA ILE C 102 9.96 40.54 5.96
C ILE C 102 11.23 40.96 6.69
N SER C 103 12.36 40.36 6.34
CA SER C 103 13.62 40.78 6.93
C SER C 103 14.06 42.19 6.48
N ASP C 104 13.39 42.75 5.47
CA ASP C 104 13.63 44.15 5.10
C ASP C 104 12.99 45.05 6.15
N LEU C 105 11.75 44.72 6.54
CA LEU C 105 11.03 45.46 7.58
C LEU C 105 11.77 45.44 8.93
N ALA C 106 12.39 44.31 9.25
CA ALA C 106 13.19 44.18 10.48
C ALA C 106 14.45 45.03 10.41
N GLU C 107 15.13 45.01 9.25
CA GLU C 107 16.33 45.80 9.02
C GLU C 107 16.11 47.30 9.21
N GLN C 108 14.92 47.77 8.82
CA GLN C 108 14.57 49.20 8.85
C GLN C 108 13.82 49.57 10.11
N ASN C 109 13.77 48.65 11.08
CA ASN C 109 13.07 48.89 12.35
C ASN C 109 11.59 49.18 12.21
N LYS C 110 10.98 48.60 11.17
CA LYS C 110 9.56 48.79 10.93
C LYS C 110 8.74 47.81 11.76
N ILE C 111 9.36 46.68 12.12
CA ILE C 111 8.69 45.66 12.93
C ILE C 111 9.56 45.20 14.09
N ILE C 112 8.89 44.77 15.16
CA ILE C 112 9.53 43.98 16.22
C ILE C 112 9.90 42.59 15.66
N ALA C 113 11.15 42.20 15.86
CA ALA C 113 11.73 41.03 15.19
C ALA C 113 12.60 40.21 16.12
N TYR C 114 12.25 38.92 16.29
CA TYR C 114 13.02 37.97 17.08
C TYR C 114 13.44 36.76 16.26
N ASN C 115 14.66 36.28 16.51
CA ASN C 115 15.16 35.01 15.99
C ASN C 115 15.47 34.01 17.12
N TYR C 116 14.50 33.18 17.49
CA TYR C 116 14.80 31.97 18.28
C TYR C 116 15.49 30.95 17.34
N PRO C 117 16.40 30.13 17.87
CA PRO C 117 16.94 29.02 17.05
C PRO C 117 15.77 28.17 16.57
N GLN C 118 15.77 27.83 15.28
CA GLN C 118 14.66 27.08 14.64
C GLN C 118 14.17 25.88 15.44
N GLY C 119 15.09 25.03 15.89
CA GLY C 119 14.74 23.86 16.71
C GLY C 119 14.06 24.23 18.02
N VAL C 120 14.67 25.15 18.75
CA VAL C 120 14.07 25.71 19.98
C VAL C 120 12.68 26.29 19.70
N LEU C 121 12.57 27.05 18.61
CA LEU C 121 11.33 27.72 18.27
C LEU C 121 10.21 26.69 18.16
N THR C 122 10.44 25.63 17.38
CA THR C 122 9.38 24.64 17.19
C THR C 122 9.08 23.86 18.48
N GLN C 123 10.08 23.73 19.36
CA GLN C 123 9.86 23.14 20.68
C GLN C 123 8.98 24.02 21.58
N THR C 124 9.17 25.34 21.54
CA THR C 124 8.31 26.25 22.32
C THR C 124 6.86 26.21 21.86
N LEU C 125 6.64 25.98 20.57
CA LEU C 125 5.27 25.81 20.07
C LEU C 125 4.66 24.53 20.63
N ARG C 126 5.48 23.49 20.70
CA ARG C 126 5.05 22.22 21.30
C ARG C 126 4.76 22.43 22.78
N ALA C 127 5.65 23.17 23.45
CA ALA C 127 5.42 23.58 24.82
C ALA C 127 4.10 24.38 24.98
N ALA C 128 3.83 25.29 24.06
CA ALA C 128 2.62 26.10 24.12
C ALA C 128 1.34 25.28 23.97
N ALA C 129 1.41 24.19 23.20
CA ALA C 129 0.28 23.24 23.07
C ALA C 129 -0.10 22.61 24.41
N ALA C 130 0.91 22.33 25.22
CA ALA C 130 0.73 21.75 26.54
C ALA C 130 0.49 22.83 27.62
N HIS C 131 0.33 24.08 27.18
CA HIS C 131 0.32 25.27 28.07
C HIS C 131 1.51 25.30 29.03
N GLN C 132 2.69 24.93 28.54
CA GLN C 132 3.93 25.17 29.27
C GLN C 132 4.39 26.62 29.01
N PRO C 133 4.88 27.32 30.04
CA PRO C 133 5.27 28.74 29.88
C PRO C 133 6.51 28.93 28.99
N GLY C 134 7.40 27.94 28.97
CA GLY C 134 8.60 28.01 28.16
C GLY C 134 9.47 26.78 28.29
N ILE C 135 10.61 26.81 27.62
CA ILE C 135 11.56 25.69 27.68
C ILE C 135 12.92 26.14 28.18
N ILE C 136 13.58 25.24 28.89
CA ILE C 136 14.92 25.47 29.38
C ILE C 136 15.85 24.70 28.49
N SER C 137 16.82 25.39 27.92
CA SER C 137 17.77 24.78 27.03
C SER C 137 19.10 25.51 27.10
N ASP C 138 20.20 24.79 26.95
CA ASP C 138 21.49 25.45 26.78
C ASP C 138 21.83 25.77 25.33
N ILE C 139 20.90 25.47 24.42
CA ILE C 139 21.10 25.86 23.00
C ILE C 139 20.99 27.39 22.89
N GLY C 140 22.06 28.03 22.43
CA GLY C 140 22.09 29.48 22.34
C GLY C 140 23.02 30.20 23.30
N ILE C 141 23.36 29.55 24.42
CA ILE C 141 24.32 30.10 25.37
C ILE C 141 25.55 30.62 24.65
N GLY C 142 25.94 31.86 24.97
CA GLY C 142 27.15 32.47 24.42
C GLY C 142 27.06 32.92 22.97
N THR C 143 25.83 33.10 22.48
CA THR C 143 25.61 33.61 21.12
C THR C 143 24.61 34.72 21.22
N PHE C 144 24.28 35.34 20.08
CA PHE C 144 23.37 36.49 20.09
C PHE C 144 22.00 36.24 20.75
N VAL C 145 21.55 34.99 20.82
CA VAL C 145 20.24 34.73 21.45
C VAL C 145 20.29 34.78 22.99
N ASP C 146 21.49 34.63 23.54
CA ASP C 146 21.75 34.82 24.98
C ASP C 146 21.38 36.28 25.35
N PRO C 147 20.59 36.48 26.42
CA PRO C 147 20.24 37.84 26.85
C PRO C 147 21.44 38.71 27.25
N ARG C 148 22.56 38.07 27.60
CA ARG C 148 23.80 38.80 27.88
C ARG C 148 24.42 39.36 26.61
N GLN C 149 23.95 38.86 25.46
CA GLN C 149 24.30 39.47 24.19
C GLN C 149 23.09 40.24 23.63
N GLN C 150 22.36 39.65 22.68
CA GLN C 150 21.23 40.36 22.07
C GLN C 150 19.86 39.84 22.43
N GLY C 151 19.81 38.65 23.06
CA GLY C 151 18.53 38.08 23.49
C GLY C 151 17.60 37.76 22.34
N GLY C 152 18.18 37.55 21.16
CA GLY C 152 17.41 37.12 19.98
C GLY C 152 16.65 38.24 19.28
N LYS C 153 16.90 39.48 19.73
CA LYS C 153 16.31 40.69 19.13
C LYS C 153 17.15 41.07 17.92
N LEU C 154 16.50 41.45 16.83
CA LEU C 154 17.24 41.70 15.58
C LEU C 154 17.45 43.18 15.24
N ASN C 155 16.75 44.07 15.96
CA ASN C 155 16.83 45.52 15.72
C ASN C 155 16.59 46.34 17.02
N GLU C 156 16.75 47.67 16.93
CA GLU C 156 16.60 48.60 18.09
C GLU C 156 15.17 48.67 18.61
N VAL C 157 14.20 48.49 17.73
CA VAL C 157 12.81 48.69 18.11
C VAL C 157 12.31 47.53 18.97
N THR C 158 12.94 46.38 18.82
CA THR C 158 12.60 45.18 19.57
C THR C 158 13.13 45.28 21.01
N LYS C 159 12.20 45.43 21.95
CA LYS C 159 12.58 45.73 23.34
C LYS C 159 12.34 44.60 24.34
N GLU C 160 11.13 44.02 24.33
CA GLU C 160 10.73 43.07 25.35
C GLU C 160 11.67 41.86 25.41
N ASP C 161 12.03 41.46 26.63
CA ASP C 161 12.85 40.27 26.83
C ASP C 161 12.01 39.01 26.74
N LEU C 162 12.28 38.19 25.73
CA LEU C 162 11.65 36.88 25.62
C LEU C 162 12.55 35.76 26.14
N ILE C 163 13.85 36.04 26.22
CA ILE C 163 14.82 35.04 26.67
C ILE C 163 15.50 35.52 27.94
N LYS C 164 15.61 34.60 28.91
CA LYS C 164 16.05 34.90 30.25
C LYS C 164 17.07 33.87 30.72
N LEU C 165 18.15 34.33 31.33
CA LEU C 165 19.18 33.45 31.84
C LEU C 165 18.73 32.79 33.14
N VAL C 166 18.91 31.47 33.23
CA VAL C 166 18.53 30.69 34.41
C VAL C 166 19.62 29.71 34.80
N GLU C 167 19.50 29.14 36.01
CA GLU C 167 20.46 28.16 36.52
C GLU C 167 19.76 26.91 37.09
N PHE C 168 20.24 25.75 36.67
CA PHE C 168 19.83 24.45 37.24
C PHE C 168 21.05 23.55 37.35
N ASP C 169 21.13 22.81 38.45
CA ASP C 169 22.28 21.93 38.75
C ASP C 169 23.65 22.60 38.54
N ASN C 170 23.79 23.85 39.00
CA ASN C 170 25.04 24.63 38.84
C ASN C 170 25.42 24.91 37.39
N LYS C 171 24.45 24.77 36.47
CA LYS C 171 24.69 24.97 35.04
C LYS C 171 23.90 26.16 34.52
N GLU C 172 24.44 26.82 33.50
CA GLU C 172 23.74 27.91 32.81
C GLU C 172 22.79 27.36 31.76
N TYR C 173 21.55 27.84 31.77
CA TYR C 173 20.58 27.54 30.72
C TYR C 173 19.85 28.81 30.30
N LEU C 174 19.23 28.76 29.11
CA LEU C 174 18.33 29.80 28.67
C LEU C 174 16.88 29.36 28.83
N TYR C 175 16.04 30.28 29.28
CA TYR C 175 14.61 30.06 29.34
C TYR C 175 13.98 30.84 28.19
N TYR C 176 13.39 30.10 27.25
CA TYR C 176 12.74 30.70 26.11
C TYR C 176 11.28 30.70 26.38
N LYS C 177 10.67 31.87 26.32
CA LYS C 177 9.24 32.01 26.52
C LYS C 177 8.53 31.33 25.35
N ALA C 178 7.49 30.57 25.66
CA ALA C 178 6.66 29.91 24.66
C ALA C 178 5.46 30.78 24.34
N ILE C 179 5.27 31.06 23.05
CA ILE C 179 4.18 31.92 22.59
C ILE C 179 3.21 31.12 21.72
N ALA C 180 1.95 31.08 22.13
CA ALA C 180 0.91 30.38 21.38
C ALA C 180 0.27 31.29 20.33
N PRO C 181 0.06 30.76 19.12
CA PRO C 181 -0.61 31.51 18.06
C PRO C 181 -2.13 31.40 18.15
N ASP C 182 -2.83 32.30 17.45
CA ASP C 182 -4.31 32.37 17.39
C ASP C 182 -4.81 31.82 16.07
N ILE C 183 -3.93 31.82 15.07
CA ILE C 183 -4.28 31.35 13.72
C ILE C 183 -3.14 30.51 13.14
N ALA C 184 -3.50 29.42 12.46
CA ALA C 184 -2.51 28.59 11.78
C ALA C 184 -2.81 28.49 10.29
N PHE C 185 -1.78 28.70 9.46
CA PHE C 185 -1.83 28.25 8.08
C PHE C 185 -1.03 26.95 7.97
N ILE C 186 -1.74 25.83 8.01
CA ILE C 186 -1.11 24.52 7.82
C ILE C 186 -1.64 23.85 6.55
N ARG C 187 -1.19 22.62 6.31
CA ARG C 187 -1.38 21.94 5.04
C ARG C 187 -1.12 20.44 5.17
N ALA C 188 -1.80 19.67 4.32
CA ALA C 188 -1.63 18.23 4.19
C ALA C 188 -1.95 17.89 2.74
N THR C 189 -1.81 16.62 2.35
CA THR C 189 -2.23 16.19 1.02
C THR C 189 -3.76 16.02 0.95
N THR C 190 -4.28 15.27 1.91
CA THR C 190 -5.64 14.75 1.84
C THR C 190 -6.23 14.81 3.24
N CYS C 191 -7.52 15.12 3.35
CA CYS C 191 -8.24 14.86 4.59
C CYS C 191 -9.61 14.25 4.34
N ASP C 192 -10.21 13.63 5.36
CA ASP C 192 -11.57 13.14 5.22
C ASP C 192 -12.55 14.26 5.59
N SER C 193 -13.84 13.97 5.56
CA SER C 193 -14.86 15.02 5.68
C SER C 193 -14.85 15.67 7.08
N GLU C 194 -14.23 15.02 8.05
CA GLU C 194 -14.09 15.58 9.39
C GLU C 194 -12.69 16.18 9.67
N GLY C 195 -11.87 16.35 8.65
CA GLY C 195 -10.56 16.98 8.83
C GLY C 195 -9.35 16.08 9.09
N TYR C 196 -9.56 14.77 9.18
CA TYR C 196 -8.47 13.83 9.44
C TYR C 196 -7.53 13.76 8.24
N ALA C 197 -6.26 14.06 8.46
CA ALA C 197 -5.37 14.44 7.39
C ALA C 197 -4.14 13.53 7.22
N THR C 198 -3.82 13.21 5.96
CA THR C 198 -2.63 12.43 5.63
C THR C 198 -1.70 13.27 4.77
N PHE C 199 -0.43 12.85 4.71
CA PHE C 199 0.64 13.59 4.06
C PHE C 199 1.36 12.73 3.03
N GLU C 200 0.63 11.85 2.34
CA GLU C 200 1.26 10.84 1.48
C GLU C 200 2.06 11.44 0.31
N ASP C 201 1.64 12.60 -0.20
CA ASP C 201 2.37 13.28 -1.27
C ASP C 201 3.21 14.48 -0.82
N GLU C 202 3.13 14.84 0.47
CA GLU C 202 3.94 15.97 0.96
C GLU C 202 5.42 15.62 0.99
N VAL C 203 6.29 16.60 0.80
CA VAL C 203 7.73 16.36 0.79
C VAL C 203 8.18 15.87 2.16
N MET C 204 7.47 16.30 3.20
CA MET C 204 7.79 15.96 4.58
C MET C 204 6.64 16.38 5.50
N TYR C 205 6.89 16.32 6.82
CA TYR C 205 5.86 16.59 7.83
C TYR C 205 6.04 17.92 8.52
N LEU C 206 7.30 18.33 8.68
CA LEU C 206 7.62 19.51 9.49
C LEU C 206 6.98 19.42 10.88
N ASP C 207 6.43 20.52 11.38
CA ASP C 207 5.75 20.53 12.67
C ASP C 207 4.27 20.88 12.58
N ALA C 208 3.63 20.38 11.51
CA ALA C 208 2.18 20.55 11.29
C ALA C 208 1.32 20.25 12.51
N LEU C 209 1.54 19.11 13.15
CA LEU C 209 0.74 18.69 14.30
C LEU C 209 0.92 19.64 15.50
N VAL C 210 2.18 19.94 15.82
CA VAL C 210 2.53 20.88 16.88
C VAL C 210 1.84 22.26 16.71
N ILE C 211 1.94 22.84 15.52
CA ILE C 211 1.22 24.07 15.21
C ILE C 211 -0.28 23.89 15.38
N ALA C 212 -0.84 22.82 14.86
CA ALA C 212 -2.27 22.58 15.01
C ALA C 212 -2.68 22.49 16.48
N GLN C 213 -1.89 21.78 17.29
CA GLN C 213 -2.18 21.67 18.73
C GLN C 213 -2.02 23.01 19.47
N ALA C 214 -0.95 23.71 19.14
CA ALA C 214 -0.63 24.99 19.79
C ALA C 214 -1.77 25.97 19.58
N VAL C 215 -2.24 26.10 18.34
CA VAL C 215 -3.31 27.04 18.02
C VAL C 215 -4.61 26.57 18.63
N HIS C 216 -4.94 25.29 18.43
CA HIS C 216 -6.19 24.72 18.94
C HIS C 216 -6.39 24.97 20.45
N ASN C 217 -5.36 24.64 21.22
CA ASN C 217 -5.38 24.76 22.68
C ASN C 217 -5.25 26.22 23.17
N ASN C 218 -4.94 27.13 22.25
CA ASN C 218 -5.00 28.56 22.55
C ASN C 218 -6.32 29.20 22.15
N GLY C 219 -7.35 28.39 21.89
CA GLY C 219 -8.66 28.89 21.45
C GLY C 219 -8.63 29.51 20.05
N GLY C 220 -7.57 29.24 19.31
CA GLY C 220 -7.38 29.82 17.98
C GLY C 220 -8.15 29.09 16.89
N ILE C 221 -7.89 29.47 15.65
CA ILE C 221 -8.56 28.90 14.48
C ILE C 221 -7.52 28.24 13.59
N VAL C 222 -7.60 26.92 13.44
CA VAL C 222 -6.64 26.24 12.55
C VAL C 222 -7.21 26.11 11.13
N MET C 223 -6.50 26.71 10.17
CA MET C 223 -6.87 26.63 8.75
C MET C 223 -5.90 25.74 7.99
N MET C 224 -6.45 24.74 7.29
CA MET C 224 -5.65 23.73 6.60
C MET C 224 -5.99 23.64 5.13
N GLN C 225 -4.99 23.87 4.27
CA GLN C 225 -5.10 23.60 2.84
C GLN C 225 -4.82 22.14 2.51
N VAL C 226 -5.66 21.56 1.68
CA VAL C 226 -5.41 20.22 1.17
C VAL C 226 -5.61 20.17 -0.34
N GLN C 227 -5.10 19.12 -0.98
CA GLN C 227 -5.30 18.91 -2.41
C GLN C 227 -6.68 18.26 -2.70
N LYS C 228 -7.17 17.43 -1.80
CA LYS C 228 -8.46 16.75 -1.98
C LYS C 228 -9.06 16.33 -0.67
N MET C 229 -10.38 16.08 -0.69
CA MET C 229 -11.11 15.57 0.46
C MET C 229 -11.70 14.23 0.11
N VAL C 230 -11.77 13.36 1.11
CA VAL C 230 -12.28 12.04 0.86
C VAL C 230 -13.42 11.71 1.83
N LYS C 231 -14.11 10.61 1.58
CA LYS C 231 -15.13 10.11 2.50
C LYS C 231 -14.59 9.91 3.93
N LYS C 232 -15.45 10.20 4.91
CA LYS C 232 -15.15 10.05 6.33
C LYS C 232 -14.69 8.65 6.69
N ALA C 233 -13.64 8.57 7.52
CA ALA C 233 -13.15 7.32 8.06
C ALA C 233 -12.67 6.28 7.01
N THR C 234 -12.14 6.76 5.88
CA THR C 234 -11.61 5.83 4.87
C THR C 234 -10.09 5.88 4.76
N LEU C 235 -9.46 6.79 5.49
CA LEU C 235 -8.01 6.87 5.47
C LEU C 235 -7.45 5.87 6.47
N HIS C 236 -6.19 5.51 6.28
CA HIS C 236 -5.53 4.53 7.15
C HIS C 236 -5.12 5.26 8.42
N PRO C 237 -5.62 4.78 9.55
CA PRO C 237 -5.36 5.41 10.85
C PRO C 237 -3.89 5.64 11.14
N LYS C 238 -3.02 4.75 10.66
CA LYS C 238 -1.60 4.89 10.94
C LYS C 238 -0.94 5.86 9.99
N SER C 239 -1.67 6.32 8.98
CA SER C 239 -1.18 7.36 8.08
C SER C 239 -1.67 8.75 8.48
N VAL C 240 -2.73 8.80 9.29
CA VAL C 240 -3.29 10.09 9.76
C VAL C 240 -2.33 10.77 10.76
N ARG C 241 -1.83 11.94 10.37
CA ARG C 241 -0.91 12.72 11.17
C ARG C 241 -1.62 13.82 11.96
N ILE C 242 -2.82 14.22 11.54
CA ILE C 242 -3.58 15.31 12.20
C ILE C 242 -5.03 14.89 12.40
N PRO C 243 -5.43 14.68 13.66
CA PRO C 243 -6.82 14.35 13.99
C PRO C 243 -7.71 15.53 13.65
N GLY C 244 -8.91 15.24 13.16
CA GLY C 244 -9.79 16.24 12.55
C GLY C 244 -10.31 17.33 13.48
N TYR C 245 -10.42 17.02 14.76
CA TYR C 245 -10.91 17.97 15.77
C TYR C 245 -9.92 19.12 16.05
N LEU C 246 -8.74 19.06 15.41
CA LEU C 246 -7.74 20.11 15.48
C LEU C 246 -7.91 21.13 14.37
N VAL C 247 -8.68 20.76 13.36
CA VAL C 247 -8.80 21.55 12.15
C VAL C 247 -10.16 22.24 12.21
N ASP C 248 -10.18 23.52 11.87
CA ASP C 248 -11.40 24.32 11.96
C ASP C 248 -11.93 24.69 10.58
N ILE C 249 -11.01 25.01 9.67
CA ILE C 249 -11.36 25.40 8.30
C ILE C 249 -10.46 24.64 7.33
N VAL C 250 -11.07 23.99 6.35
CA VAL C 250 -10.30 23.38 5.27
C VAL C 250 -10.47 24.19 3.99
N VAL C 251 -9.35 24.44 3.32
CA VAL C 251 -9.34 24.95 1.95
C VAL C 251 -8.85 23.86 0.97
N VAL C 252 -9.68 23.52 -0.02
CA VAL C 252 -9.26 22.53 -1.03
C VAL C 252 -8.66 23.23 -2.25
N ASP C 253 -7.39 22.92 -2.53
CA ASP C 253 -6.73 23.40 -3.71
C ASP C 253 -6.37 22.21 -4.59
N PRO C 254 -7.25 21.87 -5.55
CA PRO C 254 -7.00 20.74 -6.46
C PRO C 254 -5.68 20.84 -7.22
N ASP C 255 -5.12 22.06 -7.31
CA ASP C 255 -3.86 22.29 -8.04
C ASP C 255 -2.65 22.44 -7.11
N GLN C 256 -2.82 22.01 -5.87
CA GLN C 256 -1.74 21.99 -4.89
C GLN C 256 -0.54 21.22 -5.43
N SER C 257 0.61 21.86 -5.36
CA SER C 257 1.87 21.35 -5.87
C SER C 257 2.82 21.06 -4.69
N GLN C 258 3.63 20.01 -4.80
CA GLN C 258 4.60 19.61 -3.77
C GLN C 258 5.64 20.70 -3.46
N LEU C 259 6.09 21.38 -4.51
CA LEU C 259 7.03 22.49 -4.43
C LEU C 259 6.56 23.62 -5.31
N TYR C 260 7.16 24.80 -5.15
CA TYR C 260 6.95 25.87 -6.10
C TYR C 260 7.31 25.32 -7.47
N GLY C 261 6.71 25.89 -8.51
CA GLY C 261 7.02 25.45 -9.86
C GLY C 261 5.87 24.85 -10.65
N GLY C 262 4.85 24.36 -9.95
CA GLY C 262 3.66 23.78 -10.60
C GLY C 262 3.76 22.36 -11.14
N ALA C 263 4.88 21.69 -10.92
CA ALA C 263 5.09 20.35 -11.46
C ALA C 263 4.04 19.40 -10.90
N PRO C 264 3.59 18.43 -11.71
CA PRO C 264 2.64 17.42 -11.23
C PRO C 264 3.25 16.61 -10.07
N VAL C 265 2.42 15.83 -9.35
CA VAL C 265 2.89 15.04 -8.23
C VAL C 265 4.01 14.09 -8.67
N ASN C 266 5.09 14.08 -7.89
CA ASN C 266 6.23 13.19 -8.11
C ASN C 266 6.22 12.13 -7.01
N ARG C 267 5.89 10.91 -7.41
CA ARG C 267 5.73 9.85 -6.44
C ARG C 267 7.06 9.33 -5.93
N PHE C 268 8.18 9.69 -6.57
CA PHE C 268 9.48 9.45 -5.92
C PHE C 268 9.61 10.37 -4.70
N ILE C 269 9.31 11.65 -4.91
CA ILE C 269 9.33 12.65 -3.84
C ILE C 269 8.34 12.25 -2.74
N SER C 270 7.18 11.73 -3.14
CA SER C 270 6.17 11.23 -2.19
C SER C 270 6.74 10.16 -1.25
N GLY C 271 7.66 9.33 -1.75
CA GLY C 271 8.25 8.25 -0.96
C GLY C 271 7.80 6.86 -1.38
N ASP C 272 7.00 6.78 -2.44
CA ASP C 272 6.32 5.53 -2.80
C ASP C 272 7.14 4.64 -3.74
N PHE C 273 8.14 5.22 -4.42
CA PHE C 273 8.93 4.45 -5.36
C PHE C 273 10.41 4.74 -5.14
N THR C 274 11.23 3.77 -5.55
CA THR C 274 12.66 3.81 -5.44
C THR C 274 13.20 4.19 -6.82
N LEU C 275 13.87 5.33 -6.88
CA LEU C 275 14.45 5.81 -8.13
C LEU C 275 15.69 4.97 -8.42
N ASP C 276 15.87 4.57 -9.67
CA ASP C 276 17.05 3.77 -10.06
C ASP C 276 18.28 4.70 -10.12
N PRO C 284 31.82 18.28 -11.90
CA PRO C 284 32.52 19.50 -12.33
C PRO C 284 33.37 20.05 -11.18
N LEU C 285 34.68 20.01 -11.34
CA LEU C 285 35.60 20.37 -10.25
C LEU C 285 35.81 21.88 -10.14
N ASN C 286 35.09 22.49 -9.21
CA ASN C 286 35.24 23.89 -8.89
C ASN C 286 35.45 24.02 -7.39
N GLN C 287 35.50 25.26 -6.91
CA GLN C 287 35.80 25.54 -5.51
C GLN C 287 34.77 24.97 -4.54
N ARG C 288 33.53 24.80 -5.00
CA ARG C 288 32.47 24.21 -4.16
C ARG C 288 32.63 22.70 -4.03
N LYS C 289 32.99 22.04 -5.14
CA LYS C 289 33.26 20.60 -5.11
C LYS C 289 34.50 20.35 -4.26
N LEU C 290 35.53 21.15 -4.48
CA LEU C 290 36.74 21.15 -3.67
C LEU C 290 36.47 21.14 -2.15
N VAL C 291 35.74 22.15 -1.66
CA VAL C 291 35.36 22.23 -0.24
C VAL C 291 34.60 20.98 0.20
N ALA C 292 33.62 20.56 -0.61
CA ALA C 292 32.81 19.36 -0.37
C ALA C 292 33.67 18.11 -0.21
N ARG C 293 34.63 17.97 -1.12
CA ARG C 293 35.58 16.87 -1.06
C ARG C 293 36.36 16.87 0.26
N ARG C 294 36.98 18.00 0.60
CA ARG C 294 37.73 18.10 1.85
C ARG C 294 36.81 17.88 3.06
N ALA C 295 35.56 18.31 2.96
CA ALA C 295 34.61 18.06 4.07
C ALA C 295 34.29 16.56 4.23
N LEU C 296 34.29 15.82 3.12
CA LEU C 296 33.98 14.39 3.18
C LEU C 296 35.08 13.62 3.94
N PHE C 297 36.30 14.14 3.92
CA PHE C 297 37.44 13.61 4.70
C PHE C 297 37.14 13.56 6.21
N GLU C 298 36.22 14.40 6.67
CA GLU C 298 35.81 14.44 8.07
C GLU C 298 34.80 13.34 8.45
N MET C 299 34.27 12.65 7.45
CA MET C 299 33.26 11.62 7.67
C MET C 299 33.95 10.31 8.07
N ARG C 300 33.21 9.44 8.76
CA ARG C 300 33.66 8.05 8.97
C ARG C 300 32.48 7.10 8.82
N LYS C 301 32.78 5.82 8.63
CA LYS C 301 31.77 4.77 8.50
C LYS C 301 30.86 4.79 9.72
N GLY C 302 29.55 4.71 9.50
CA GLY C 302 28.59 4.66 10.61
C GLY C 302 28.28 5.99 11.28
N ALA C 303 28.96 7.06 10.87
CA ALA C 303 28.70 8.37 11.49
C ALA C 303 27.36 8.92 11.03
N VAL C 304 26.74 9.73 11.89
CA VAL C 304 25.52 10.47 11.54
C VAL C 304 25.84 11.95 11.35
N GLY C 305 25.51 12.44 10.16
CA GLY C 305 25.71 13.83 9.82
C GLY C 305 24.43 14.53 9.44
N ASN C 306 24.59 15.81 9.09
CA ASN C 306 23.48 16.60 8.58
C ASN C 306 23.76 17.00 7.15
N VAL C 307 22.73 16.94 6.29
CA VAL C 307 22.82 17.58 4.98
C VAL C 307 22.99 19.10 5.19
N GLY C 308 24.04 19.69 4.64
CA GLY C 308 24.30 21.11 4.82
C GLY C 308 23.60 22.00 3.80
N VAL C 309 23.24 23.21 4.23
CA VAL C 309 22.61 24.19 3.36
C VAL C 309 23.70 25.16 2.92
N GLY C 310 24.01 25.16 1.62
CA GLY C 310 25.05 26.03 1.08
C GLY C 310 26.16 25.24 0.42
N ILE C 311 27.40 25.72 0.60
CA ILE C 311 28.57 25.15 -0.05
C ILE C 311 28.86 23.69 0.37
N ALA C 312 28.31 23.29 1.51
CA ALA C 312 28.42 21.91 1.99
C ALA C 312 27.47 20.92 1.29
N ASP C 313 26.43 21.44 0.63
CA ASP C 313 25.42 20.58 0.00
C ASP C 313 25.95 19.55 -1.03
N GLY C 314 27.19 19.74 -1.49
CA GLY C 314 27.80 18.80 -2.44
C GLY C 314 28.40 17.52 -1.86
N ILE C 315 28.38 17.37 -0.54
CA ILE C 315 29.02 16.19 0.12
C ILE C 315 28.42 14.84 -0.27
N GLY C 316 27.08 14.78 -0.33
CA GLY C 316 26.37 13.57 -0.74
C GLY C 316 26.80 13.09 -2.12
N LEU C 317 26.84 14.01 -3.08
CA LEU C 317 27.23 13.72 -4.47
C LEU C 317 28.68 13.25 -4.61
N VAL C 318 29.57 13.89 -3.85
CA VAL C 318 30.97 13.46 -3.80
C VAL C 318 31.09 12.07 -3.19
N ALA C 319 30.34 11.80 -2.12
CA ALA C 319 30.33 10.48 -1.51
C ALA C 319 29.84 9.43 -2.51
N ARG C 320 28.79 9.77 -3.27
CA ARG C 320 28.28 8.90 -4.34
C ARG C 320 29.33 8.60 -5.42
N GLU C 321 30.03 9.64 -5.87
CA GLU C 321 31.14 9.50 -6.78
C GLU C 321 32.31 8.65 -6.23
N GLU C 322 32.58 8.77 -4.94
CA GLU C 322 33.67 8.01 -4.28
C GLU C 322 33.26 6.60 -3.78
N GLY C 323 31.99 6.24 -4.00
CA GLY C 323 31.50 4.91 -3.65
C GLY C 323 31.34 4.64 -2.16
N CYS C 324 31.15 5.67 -1.34
CA CYS C 324 30.98 5.45 0.10
C CYS C 324 29.69 6.04 0.66
N ALA C 325 28.80 6.49 -0.22
CA ALA C 325 27.54 7.13 0.20
C ALA C 325 26.69 6.24 1.12
N ASP C 326 26.71 4.93 0.88
CA ASP C 326 25.91 3.98 1.67
C ASP C 326 26.51 3.69 3.04
N ASP C 327 27.76 4.11 3.26
CA ASP C 327 28.49 3.79 4.50
C ASP C 327 28.22 4.71 5.68
N PHE C 328 27.53 5.82 5.45
CA PHE C 328 27.17 6.73 6.54
C PHE C 328 25.79 7.31 6.25
N ILE C 329 25.22 8.05 7.20
CA ILE C 329 23.87 8.61 7.00
C ILE C 329 23.82 10.13 7.21
N LEU C 330 23.19 10.81 6.25
CA LEU C 330 22.93 12.25 6.35
C LEU C 330 21.46 12.49 6.66
N THR C 331 21.20 13.34 7.66
CA THR C 331 19.86 13.73 8.06
C THR C 331 19.59 15.17 7.61
N VAL C 332 18.36 15.44 7.19
CA VAL C 332 17.93 16.80 6.87
C VAL C 332 17.23 17.39 8.11
N GLU C 333 17.57 18.64 8.43
CA GLU C 333 17.03 19.35 9.60
C GLU C 333 15.53 19.35 9.72
N THR C 334 14.84 19.42 8.58
CA THR C 334 13.39 19.49 8.58
C THR C 334 12.67 18.14 8.77
N GLY C 335 13.44 17.05 8.86
CA GLY C 335 12.87 15.73 9.15
C GLY C 335 13.34 14.52 8.35
N PRO C 336 13.48 14.65 7.01
CA PRO C 336 13.96 13.54 6.18
C PRO C 336 15.33 13.06 6.61
N ILE C 337 15.56 11.78 6.39
CA ILE C 337 16.79 11.08 6.76
C ILE C 337 17.24 10.25 5.57
N GLY C 338 18.47 10.46 5.13
CA GLY C 338 19.03 9.79 3.96
C GLY C 338 18.40 10.25 2.65
N GLY C 339 18.66 9.50 1.58
CA GLY C 339 18.15 9.87 0.27
C GLY C 339 19.20 10.47 -0.65
N ILE C 340 18.83 10.60 -1.92
CA ILE C 340 19.69 11.16 -2.95
C ILE C 340 18.98 12.29 -3.66
N THR C 341 19.75 13.07 -4.42
CA THR C 341 19.20 14.09 -5.32
C THR C 341 19.10 13.51 -6.72
N ALA C 349 14.06 18.60 -2.29
CA ALA C 349 13.47 17.27 -2.17
C ALA C 349 14.44 16.14 -2.52
N ASN C 350 14.70 15.29 -1.53
CA ASN C 350 15.42 14.06 -1.76
C ASN C 350 14.45 12.98 -2.23
N VAL C 351 15.00 11.95 -2.88
CA VAL C 351 14.25 10.73 -3.12
C VAL C 351 15.01 9.58 -2.45
N ASN C 352 14.36 8.43 -2.31
CA ASN C 352 14.96 7.26 -1.68
C ASN C 352 15.37 7.53 -0.24
N THR C 353 14.58 8.34 0.47
CA THR C 353 14.88 8.59 1.86
C THR C 353 14.66 7.30 2.65
N ARG C 354 15.24 7.25 3.84
CA ARG C 354 15.15 6.07 4.71
C ARG C 354 14.07 6.21 5.77
N ALA C 355 13.78 7.43 6.18
CA ALA C 355 12.72 7.74 7.13
C ALA C 355 12.40 9.23 7.03
N ILE C 356 11.25 9.63 7.56
CA ILE C 356 10.94 11.05 7.74
C ILE C 356 10.36 11.28 9.13
N LEU C 357 11.07 12.05 9.95
CA LEU C 357 10.58 12.40 11.28
C LEU C 357 9.88 13.75 11.23
N ASP C 358 9.03 14.03 12.20
CA ASP C 358 8.55 15.40 12.36
C ASP C 358 9.75 16.28 12.75
N MET C 359 9.74 17.55 12.33
CA MET C 359 10.85 18.44 12.53
C MET C 359 11.25 18.58 13.99
N THR C 360 10.26 18.68 14.88
CA THR C 360 10.55 18.88 16.29
C THR C 360 11.42 17.75 16.87
N SER C 361 11.02 16.49 16.62
CA SER C 361 11.80 15.31 17.04
C SER C 361 13.20 15.28 16.47
N GLN C 362 13.34 15.76 15.23
CA GLN C 362 14.66 15.85 14.61
C GLN C 362 15.54 16.75 15.44
N PHE C 363 15.00 17.88 15.87
CA PHE C 363 15.79 18.83 16.67
C PHE C 363 16.05 18.35 18.11
N ASP C 364 15.11 17.57 18.65
CA ASP C 364 15.31 16.87 19.92
C ASP C 364 16.62 16.08 19.84
N PHE C 365 16.73 15.27 18.78
CA PHE C 365 17.89 14.45 18.49
C PHE C 365 19.16 15.31 18.34
N TYR C 366 19.06 16.43 17.60
CA TYR C 366 20.22 17.31 17.36
C TYR C 366 20.77 17.94 18.66
N HIS C 367 19.85 18.46 19.48
CA HIS C 367 20.20 19.13 20.72
C HIS C 367 20.92 18.27 21.75
N GLY C 368 20.60 16.97 21.77
CA GLY C 368 21.26 16.02 22.66
C GLY C 368 22.59 15.49 22.12
N GLY C 369 23.12 16.11 21.07
CA GLY C 369 24.40 15.68 20.51
C GLY C 369 24.33 14.49 19.56
N GLY C 370 23.17 14.32 18.91
CA GLY C 370 22.97 13.19 17.96
C GLY C 370 23.96 13.12 16.82
N LEU C 371 24.32 14.28 16.27
CA LEU C 371 25.25 14.32 15.13
C LEU C 371 26.68 14.04 15.54
N ASP C 372 27.30 13.10 14.84
CA ASP C 372 28.72 12.85 14.95
C ASP C 372 29.50 13.88 14.15
N VAL C 373 28.94 14.27 13.01
CA VAL C 373 29.54 15.27 12.13
C VAL C 373 28.49 16.30 11.69
N CYS C 374 28.86 17.56 11.82
CA CYS C 374 27.97 18.65 11.53
C CYS C 374 28.67 19.50 10.48
N TYR C 375 27.96 19.79 9.39
CA TYR C 375 28.51 20.58 8.30
C TYR C 375 27.70 21.86 8.16
N LEU C 376 28.37 23.01 8.25
CA LEU C 376 27.70 24.30 8.21
C LEU C 376 28.51 25.31 7.41
N SER C 377 27.82 26.23 6.76
CA SER C 377 28.49 27.36 6.14
C SER C 377 28.89 28.42 7.18
N PHE C 378 29.66 29.41 6.72
CA PHE C 378 29.96 30.57 7.53
C PHE C 378 30.00 31.80 6.61
N ALA C 379 29.44 32.91 7.08
CA ALA C 379 29.63 34.20 6.43
C ALA C 379 30.91 34.82 6.98
N GLU C 380 31.06 34.76 8.31
CA GLU C 380 32.21 35.34 9.00
C GLU C 380 32.77 34.42 10.10
N VAL C 381 34.06 34.54 10.32
CA VAL C 381 34.80 33.86 11.41
C VAL C 381 35.73 34.89 12.10
N ASP C 382 35.66 35.00 13.43
CA ASP C 382 36.60 35.88 14.14
C ASP C 382 37.75 35.13 14.83
N GLN C 383 38.57 35.86 15.59
CA GLN C 383 39.86 35.36 16.04
C GLN C 383 39.70 34.34 17.15
N HIS C 384 38.57 34.43 17.85
CA HIS C 384 38.18 33.44 18.85
C HIS C 384 37.55 32.20 18.21
N GLY C 385 37.36 32.23 16.90
CA GLY C 385 36.75 31.11 16.21
C GLY C 385 35.23 31.15 16.26
N ASN C 386 34.68 32.27 16.75
CA ASN C 386 33.25 32.50 16.63
C ASN C 386 32.86 32.49 15.16
N VAL C 387 31.60 32.18 14.88
CA VAL C 387 31.11 32.16 13.50
C VAL C 387 29.83 32.96 13.43
N GLY C 388 29.67 33.71 12.34
CA GLY C 388 28.46 34.47 12.13
C GLY C 388 27.81 34.13 10.81
N VAL C 389 26.49 33.92 10.85
CA VAL C 389 25.68 33.72 9.64
C VAL C 389 24.35 34.48 9.68
N HIS C 390 23.84 34.79 10.88
CA HIS C 390 22.49 35.36 11.03
C HIS C 390 22.39 36.84 10.59
N LYS C 391 23.55 37.50 10.60
CA LYS C 391 23.68 38.87 10.10
C LYS C 391 25.03 38.99 9.44
N PHE C 392 25.02 39.59 8.24
CA PHE C 392 26.23 39.95 7.50
C PHE C 392 25.85 40.85 6.33
N ASN C 393 26.84 41.58 5.83
CA ASN C 393 26.70 42.50 4.69
C ASN C 393 25.52 43.46 4.87
N GLY C 394 25.25 43.82 6.13
CA GLY C 394 24.12 44.68 6.48
C GLY C 394 22.75 44.04 6.42
N LYS C 395 22.69 42.73 6.17
CA LYS C 395 21.41 42.03 5.97
C LYS C 395 21.11 41.02 7.08
N ILE C 396 19.81 40.83 7.36
CA ILE C 396 19.38 39.82 8.33
C ILE C 396 19.06 38.51 7.57
N MET C 397 19.81 37.46 7.92
CA MET C 397 19.67 36.14 7.30
C MET C 397 18.97 35.20 8.28
N GLY C 398 19.22 35.40 9.57
CA GLY C 398 18.67 34.53 10.59
C GLY C 398 19.42 33.22 10.69
N THR C 399 19.03 32.40 11.67
CA THR C 399 19.77 31.18 12.02
C THR C 399 19.45 29.95 11.17
N GLY C 400 18.17 29.76 10.82
CA GLY C 400 17.74 28.41 10.43
C GLY C 400 18.07 27.50 11.61
N GLY C 401 18.48 26.26 11.35
CA GLY C 401 18.88 25.34 12.42
C GLY C 401 20.34 25.44 12.86
N PHE C 402 21.03 26.46 12.38
CA PHE C 402 22.46 26.67 12.62
C PHE C 402 22.91 26.54 14.08
N ILE C 403 22.14 27.10 15.02
CA ILE C 403 22.55 27.08 16.42
C ILE C 403 22.23 25.75 17.11
N ASP C 404 21.10 25.16 16.72
CA ASP C 404 20.65 23.84 17.16
C ASP C 404 21.64 22.73 16.85
N ILE C 405 22.42 22.94 15.80
CA ILE C 405 23.32 21.94 15.25
C ILE C 405 24.78 22.21 15.60
N SER C 406 25.15 23.49 15.73
CA SER C 406 26.53 23.83 16.07
C SER C 406 26.75 23.82 17.57
N ALA C 407 25.66 23.79 18.33
CA ALA C 407 25.76 23.85 19.79
C ALA C 407 26.37 22.61 20.43
N THR C 408 25.99 21.42 19.95
CA THR C 408 26.37 20.18 20.65
C THR C 408 26.81 19.01 19.76
N SER C 409 27.00 19.23 18.47
CA SER C 409 27.48 18.15 17.59
C SER C 409 28.93 17.80 17.89
N LYS C 410 29.27 16.52 17.76
CA LYS C 410 30.59 16.02 18.17
C LYS C 410 31.76 16.64 17.39
N LYS C 411 31.60 16.76 16.08
CA LYS C 411 32.56 17.44 15.22
C LYS C 411 31.77 18.53 14.52
N ILE C 412 32.27 19.77 14.62
CA ILE C 412 31.62 20.87 13.91
C ILE C 412 32.51 21.32 12.77
N ILE C 413 32.03 21.15 11.54
CA ILE C 413 32.84 21.40 10.36
C ILE C 413 32.27 22.56 9.54
N PHE C 414 32.89 23.74 9.68
CA PHE C 414 32.47 24.93 8.92
C PHE C 414 33.09 24.92 7.55
N CYS C 415 32.29 25.28 6.56
CA CYS C 415 32.69 25.21 5.18
C CYS C 415 32.39 26.52 4.48
N GLY C 416 33.32 26.98 3.67
CA GLY C 416 33.13 28.23 2.94
C GLY C 416 34.39 28.62 2.25
N THR C 417 34.31 29.62 1.37
CA THR C 417 35.52 30.14 0.74
C THR C 417 36.17 31.13 1.69
N LEU C 418 37.48 31.37 1.52
CA LEU C 418 38.21 32.22 2.47
C LEU C 418 37.79 33.70 2.40
N THR C 419 37.48 34.17 1.18
CA THR C 419 36.95 35.51 0.96
C THR C 419 35.55 35.43 0.32
N ALA C 420 34.79 36.52 0.49
CA ALA C 420 33.46 36.67 -0.07
C ALA C 420 33.44 37.73 -1.17
N GLY C 421 32.36 37.75 -1.93
CA GLY C 421 32.15 38.76 -2.96
C GLY C 421 32.81 38.40 -4.28
N SER C 422 32.12 37.58 -5.07
CA SER C 422 32.60 37.10 -6.38
C SER C 422 34.04 36.63 -6.43
N LEU C 423 34.42 35.74 -5.52
CA LEU C 423 35.68 35.01 -5.67
C LEU C 423 35.58 34.04 -6.85
N LYS C 424 36.52 34.10 -7.78
CA LYS C 424 36.59 33.11 -8.85
C LYS C 424 37.94 32.37 -8.84
N THR C 425 37.89 31.05 -8.98
CA THR C 425 39.09 30.22 -9.05
C THR C 425 39.05 29.20 -10.16
N GLU C 426 40.22 28.80 -10.62
CA GLU C 426 40.38 27.75 -11.58
C GLU C 426 41.21 26.63 -10.92
N ILE C 427 40.76 25.39 -11.08
CA ILE C 427 41.54 24.24 -10.64
C ILE C 427 42.13 23.50 -11.84
N ALA C 428 43.44 23.67 -12.04
CA ALA C 428 44.14 23.11 -13.18
C ALA C 428 45.52 22.64 -12.76
N ASP C 429 45.99 21.54 -13.36
CA ASP C 429 47.33 21.00 -13.13
C ASP C 429 47.59 20.51 -11.68
N GLY C 430 46.51 20.15 -10.96
CA GLY C 430 46.62 19.81 -9.53
C GLY C 430 46.79 21.00 -8.58
N LYS C 431 46.51 22.20 -9.08
CA LYS C 431 46.68 23.45 -8.30
C LYS C 431 45.38 24.26 -8.14
N LEU C 432 45.32 25.08 -7.09
CA LEU C 432 44.31 26.11 -7.00
C LEU C 432 44.86 27.42 -7.56
N ASN C 433 44.16 28.03 -8.51
CA ASN C 433 44.55 29.33 -9.04
C ASN C 433 43.46 30.36 -8.83
N ILE C 434 43.76 31.39 -8.05
CA ILE C 434 42.86 32.51 -7.83
C ILE C 434 42.88 33.46 -9.03
N VAL C 435 41.78 33.47 -9.79
CA VAL C 435 41.73 34.28 -11.01
C VAL C 435 41.06 35.63 -10.73
N GLN C 436 40.20 35.65 -9.72
CA GLN C 436 39.55 36.86 -9.25
C GLN C 436 39.29 36.71 -7.77
N GLU C 437 40.06 37.45 -6.97
CA GLU C 437 39.94 37.43 -5.52
C GLU C 437 38.59 38.03 -5.07
N GLY C 438 38.06 37.51 -3.97
CA GLY C 438 36.90 38.09 -3.31
C GLY C 438 37.21 39.48 -2.80
N ARG C 439 36.18 40.33 -2.73
CA ARG C 439 36.32 41.73 -2.33
C ARG C 439 36.31 41.86 -0.82
N VAL C 440 35.74 40.86 -0.16
CA VAL C 440 35.43 40.95 1.26
C VAL C 440 36.22 39.92 2.07
N LYS C 441 36.80 40.37 3.15
CA LYS C 441 37.41 39.49 4.13
C LYS C 441 36.31 38.87 4.98
N LYS C 442 36.38 37.56 5.19
CA LYS C 442 35.43 36.86 6.08
C LYS C 442 36.06 36.55 7.43
N PHE C 443 37.37 36.36 7.42
CA PHE C 443 38.12 36.09 8.65
C PHE C 443 38.53 37.44 9.26
N ILE C 444 37.65 37.94 10.12
CA ILE C 444 37.75 39.25 10.70
C ILE C 444 38.15 39.13 12.19
N ARG C 445 38.34 40.27 12.86
CA ARG C 445 38.88 40.27 14.21
C ARG C 445 37.85 39.97 15.31
N GLU C 446 36.69 40.62 15.23
CA GLU C 446 35.62 40.48 16.24
C GLU C 446 34.23 40.50 15.59
N LEU C 447 33.53 39.37 15.66
CA LEU C 447 32.17 39.34 15.13
C LEU C 447 31.37 40.40 15.83
N PRO C 448 30.66 41.23 15.05
CA PRO C 448 29.68 42.16 15.63
C PRO C 448 28.64 41.40 16.45
N GLU C 449 28.23 40.25 15.94
CA GLU C 449 27.26 39.37 16.61
C GLU C 449 27.56 37.90 16.35
N ILE C 450 27.44 37.10 17.42
CA ILE C 450 27.84 35.70 17.40
C ILE C 450 26.67 34.77 17.07
N THR C 451 26.88 33.87 16.11
CA THR C 451 25.94 32.76 15.88
C THR C 451 26.47 31.46 16.49
N PHE C 452 27.80 31.34 16.59
CA PHE C 452 28.45 30.21 17.21
C PHE C 452 29.67 30.67 17.99
N SER C 453 29.79 30.19 19.23
CA SER C 453 30.87 30.59 20.15
C SER C 453 32.01 29.59 20.14
N GLY C 454 33.19 30.05 19.74
CA GLY C 454 34.40 29.21 19.82
C GLY C 454 34.71 28.75 21.24
N LYS C 455 34.50 29.64 22.20
CA LYS C 455 34.79 29.38 23.61
C LYS C 455 33.91 28.25 24.16
N ILE C 456 32.60 28.37 23.92
CA ILE C 456 31.59 27.41 24.33
C ILE C 456 31.78 26.03 23.66
N ALA C 457 32.28 26.01 22.43
CA ALA C 457 32.59 24.75 21.75
C ALA C 457 33.76 24.02 22.41
N LEU C 458 34.79 24.79 22.78
CA LEU C 458 35.94 24.24 23.49
C LEU C 458 35.52 23.72 24.87
N GLU C 459 34.76 24.53 25.60
CA GLU C 459 34.18 24.13 26.88
C GLU C 459 33.38 22.83 26.79
N ARG C 460 32.57 22.70 25.75
CA ARG C 460 31.80 21.47 25.52
C ARG C 460 32.64 20.35 24.89
N GLY C 461 33.93 20.60 24.72
CA GLY C 461 34.89 19.59 24.24
C GLY C 461 34.83 19.23 22.75
N LEU C 462 34.32 20.13 21.92
CA LEU C 462 34.02 19.77 20.52
C LEU C 462 35.21 19.90 19.56
N ASP C 463 35.13 19.23 18.42
CA ASP C 463 36.20 19.29 17.42
C ASP C 463 35.78 20.21 16.29
N VAL C 464 36.49 21.33 16.15
CA VAL C 464 36.08 22.39 15.21
C VAL C 464 37.06 22.58 14.05
N ARG C 465 36.54 22.41 12.82
CA ARG C 465 37.30 22.65 11.61
C ARG C 465 36.70 23.87 10.88
N TYR C 466 37.55 24.51 10.09
CA TYR C 466 37.14 25.56 9.17
C TYR C 466 37.78 25.19 7.86
N ILE C 467 36.97 24.72 6.92
CA ILE C 467 37.45 24.33 5.61
C ILE C 467 37.12 25.42 4.60
N THR C 468 38.15 25.88 3.88
CA THR C 468 38.02 26.83 2.79
C THR C 468 38.65 26.16 1.60
N GLU C 469 38.53 26.81 0.44
CA GLU C 469 39.09 26.30 -0.80
C GLU C 469 40.62 26.39 -0.85
N ARG C 470 41.21 27.22 0.00
CA ARG C 470 42.66 27.47 -0.05
C ARG C 470 43.44 27.13 1.22
N ALA C 471 42.71 26.80 2.29
CA ALA C 471 43.29 26.63 3.61
C ALA C 471 42.33 25.89 4.50
N VAL C 472 42.87 25.15 5.47
CA VAL C 472 42.07 24.45 6.47
C VAL C 472 42.59 24.83 7.87
N PHE C 473 41.66 25.14 8.76
CA PHE C 473 42.00 25.52 10.14
C PHE C 473 41.34 24.58 11.15
N THR C 474 41.93 24.51 12.35
CA THR C 474 41.31 23.89 13.53
C THR C 474 41.30 24.87 14.68
N LEU C 475 40.21 24.86 15.45
CA LEU C 475 40.14 25.71 16.62
C LEU C 475 40.84 25.05 17.82
N LYS C 476 41.90 25.70 18.31
CA LYS C 476 42.54 25.30 19.57
C LYS C 476 42.35 26.39 20.63
N GLU C 477 42.81 26.10 21.84
CA GLU C 477 42.70 27.02 22.99
C GLU C 477 43.42 28.34 22.75
N ASP C 478 44.53 28.30 22.01
CA ASP C 478 45.24 29.52 21.63
C ASP C 478 44.78 30.09 20.26
N GLY C 479 43.56 29.74 19.84
CA GLY C 479 42.96 30.28 18.62
C GLY C 479 43.03 29.34 17.43
N LEU C 480 42.79 29.88 16.23
CA LEU C 480 42.80 29.07 15.01
C LEU C 480 44.20 28.66 14.61
N HIS C 481 44.36 27.37 14.35
CA HIS C 481 45.59 26.83 13.79
C HIS C 481 45.37 26.55 12.31
N LEU C 482 46.23 27.09 11.47
CA LEU C 482 46.24 26.72 10.07
C LEU C 482 46.94 25.39 9.96
N ILE C 483 46.27 24.39 9.38
CA ILE C 483 46.81 23.03 9.31
C ILE C 483 47.08 22.53 7.90
N GLU C 484 46.44 23.16 6.92
CA GLU C 484 46.61 22.77 5.51
C GLU C 484 46.52 24.00 4.60
N ILE C 485 47.31 23.98 3.55
CA ILE C 485 47.33 25.05 2.57
C ILE C 485 47.21 24.42 1.19
N ALA C 486 46.34 24.98 0.36
CA ALA C 486 46.16 24.48 -1.00
C ALA C 486 47.45 24.67 -1.79
N PRO C 487 47.81 23.68 -2.62
CA PRO C 487 48.87 23.90 -3.62
C PRO C 487 48.44 24.97 -4.61
N GLY C 488 49.39 25.81 -5.02
CA GLY C 488 49.11 26.90 -5.97
C GLY C 488 48.92 28.25 -5.31
N VAL C 489 48.84 28.26 -3.98
CA VAL C 489 48.48 29.46 -3.23
C VAL C 489 49.62 29.93 -2.31
N ASP C 490 49.80 31.25 -2.20
CA ASP C 490 50.88 31.84 -1.41
C ASP C 490 50.43 32.16 0.00
N LEU C 491 51.15 31.64 1.00
CA LEU C 491 50.71 31.76 2.39
C LEU C 491 50.46 33.20 2.85
N GLN C 492 51.40 34.08 2.54
CA GLN C 492 51.33 35.47 2.96
C GLN C 492 50.25 36.26 2.19
N LYS C 493 50.31 36.24 0.86
CA LYS C 493 49.44 37.09 0.04
C LYS C 493 47.99 36.57 -0.07
N ASP C 494 47.82 35.25 -0.02
CA ASP C 494 46.49 34.64 -0.23
C ASP C 494 45.77 34.23 1.06
N ILE C 495 46.53 34.10 2.15
CA ILE C 495 45.93 33.72 3.42
C ILE C 495 46.11 34.79 4.50
N LEU C 496 47.37 35.01 4.89
CA LEU C 496 47.66 35.93 5.99
C LEU C 496 47.15 37.34 5.70
N ASP C 497 47.42 37.83 4.49
CA ASP C 497 46.90 39.12 4.01
C ASP C 497 45.37 39.20 3.91
N LYS C 498 44.71 38.04 3.83
CA LYS C 498 43.27 38.00 3.64
C LYS C 498 42.51 37.73 4.94
N MET C 499 43.24 37.79 6.05
CA MET C 499 42.66 37.63 7.38
C MET C 499 42.99 38.86 8.21
N ASP C 500 42.10 39.22 9.14
CA ASP C 500 42.29 40.35 10.03
C ASP C 500 42.95 39.96 11.35
N PHE C 501 43.39 38.70 11.45
CA PHE C 501 44.16 38.22 12.59
C PHE C 501 45.16 37.20 12.11
N THR C 502 46.12 36.88 12.96
CA THR C 502 47.16 35.93 12.63
C THR C 502 46.80 34.61 13.29
N PRO C 503 46.66 33.55 12.50
CA PRO C 503 46.40 32.24 13.07
C PRO C 503 47.74 31.62 13.49
N VAL C 504 47.70 30.70 14.44
CA VAL C 504 48.90 29.90 14.74
C VAL C 504 49.19 29.07 13.48
N ILE C 505 50.45 29.04 13.07
CA ILE C 505 50.85 28.20 11.94
C ILE C 505 51.43 26.89 12.46
N SER C 506 50.69 25.80 12.23
CA SER C 506 51.09 24.48 12.71
C SER C 506 52.51 24.14 12.26
N PRO C 507 53.31 23.58 13.17
CA PRO C 507 54.59 22.99 12.74
C PRO C 507 54.30 21.79 11.82
N GLU C 508 53.10 21.23 11.98
CA GLU C 508 52.63 20.14 11.12
C GLU C 508 51.81 20.64 9.92
N LEU C 509 52.01 21.90 9.51
CA LEU C 509 51.31 22.46 8.34
C LEU C 509 51.69 21.74 7.04
N LYS C 510 50.70 21.15 6.37
CA LYS C 510 50.95 20.41 5.13
C LYS C 510 50.16 20.98 3.95
N LEU C 511 50.48 20.56 2.74
CA LEU C 511 49.67 20.85 1.58
C LEU C 511 48.34 20.05 1.66
N MET C 512 47.24 20.66 1.23
CA MET C 512 45.95 19.97 1.16
C MET C 512 46.14 18.80 0.23
N ASP C 513 45.50 17.66 0.54
CA ASP C 513 45.63 16.45 -0.26
C ASP C 513 45.57 16.74 -1.76
N GLU C 514 46.59 16.23 -2.45
CA GLU C 514 46.75 16.41 -3.89
C GLU C 514 45.55 15.92 -4.72
N ARG C 515 44.95 14.82 -4.29
CA ARG C 515 43.82 14.23 -5.02
C ARG C 515 42.59 15.16 -5.06
N LEU C 516 42.51 16.07 -4.10
CA LEU C 516 41.42 17.04 -4.01
C LEU C 516 41.33 17.95 -5.24
N PHE C 517 42.48 18.23 -5.85
CA PHE C 517 42.62 19.21 -6.93
C PHE C 517 42.70 18.57 -8.31
N ILE C 518 42.48 17.26 -8.36
CA ILE C 518 42.53 16.49 -9.61
C ILE C 518 41.12 16.09 -10.05
N ASP C 519 40.80 16.39 -11.30
CA ASP C 519 39.46 16.19 -11.85
C ASP C 519 39.28 14.73 -12.26
N ALA C 520 39.34 13.87 -11.26
CA ALA C 520 39.08 12.44 -11.37
C ALA C 520 38.78 11.95 -9.96
N ALA C 521 38.07 10.81 -9.86
CA ALA C 521 37.71 10.26 -8.56
C ALA C 521 38.98 10.07 -7.73
N MET C 522 38.91 10.47 -6.46
CA MET C 522 40.07 10.50 -5.60
C MET C 522 40.54 9.12 -5.19
N GLY C 523 39.66 8.13 -5.31
CA GLY C 523 39.89 6.83 -4.70
C GLY C 523 39.90 6.98 -3.20
N PHE C 524 39.03 7.85 -2.70
CA PHE C 524 38.89 8.13 -1.28
C PHE C 524 38.44 6.87 -0.57
N VAL C 525 39.11 6.54 0.54
CA VAL C 525 38.66 5.44 1.37
C VAL C 525 38.17 6.02 2.69
N LEU C 526 36.94 5.71 3.03
CA LEU C 526 36.32 6.28 4.22
C LEU C 526 36.87 5.61 5.47
N PRO C 527 37.31 6.40 6.45
CA PRO C 527 37.85 5.84 7.72
C PRO C 527 36.84 4.96 8.45
N GLU C 528 37.34 3.98 9.21
CA GLU C 528 36.48 2.99 9.88
C GLU C 528 35.63 3.60 11.01
N ALA C 529 34.54 2.91 11.34
CA ALA C 529 33.64 3.36 12.41
C ALA C 529 34.32 3.58 13.76
N VAL D 4 29.89 -0.16 27.16
CA VAL D 4 30.33 -1.04 26.04
C VAL D 4 29.12 -1.57 25.25
N LYS D 5 29.15 -1.40 23.93
CA LYS D 5 28.11 -1.94 23.07
C LYS D 5 28.75 -2.66 21.88
N PRO D 6 28.11 -3.70 21.35
CA PRO D 6 28.67 -4.48 20.24
C PRO D 6 28.76 -3.64 18.97
N PRO D 7 29.84 -3.77 18.21
CA PRO D 7 30.02 -2.98 16.99
C PRO D 7 29.12 -3.44 15.86
N ARG D 8 28.80 -2.49 14.98
CA ARG D 8 28.00 -2.73 13.79
C ARG D 8 28.95 -3.23 12.72
N ILE D 9 28.97 -4.54 12.50
CA ILE D 9 29.75 -5.11 11.42
C ILE D 9 29.11 -4.79 10.06
N ASN D 10 29.88 -4.12 9.21
CA ASN D 10 29.43 -3.66 7.89
C ASN D 10 28.16 -2.82 7.94
N GLY D 11 28.01 -2.04 9.00
CA GLY D 11 26.82 -1.20 9.16
C GLY D 11 25.53 -1.90 9.56
N ARG D 12 25.58 -3.23 9.71
CA ARG D 12 24.40 -3.98 10.13
C ARG D 12 24.23 -3.85 11.63
N VAL D 13 23.01 -3.63 12.09
CA VAL D 13 22.74 -3.61 13.53
C VAL D 13 22.98 -5.03 14.09
N PRO D 14 23.69 -5.14 15.21
CA PRO D 14 23.88 -6.42 15.92
C PRO D 14 22.57 -7.12 16.23
N VAL D 15 22.42 -8.35 15.74
CA VAL D 15 21.28 -9.21 16.11
C VAL D 15 21.74 -10.23 17.16
N LEU D 16 21.12 -10.20 18.33
CA LEU D 16 21.45 -11.12 19.41
C LEU D 16 20.19 -11.74 19.98
N SER D 17 20.35 -12.80 20.76
CA SER D 17 19.28 -13.39 21.52
C SER D 17 19.04 -12.50 22.73
N ALA D 18 17.87 -12.62 23.34
CA ALA D 18 17.53 -11.79 24.50
C ALA D 18 18.55 -11.99 25.63
N GLN D 19 18.96 -13.24 25.82
CA GLN D 19 19.98 -13.63 26.81
C GLN D 19 21.28 -12.87 26.59
N GLU D 20 21.78 -12.91 25.36
CA GLU D 20 23.00 -12.17 25.03
C GLU D 20 22.84 -10.65 25.22
N ALA D 21 21.68 -10.12 24.81
CA ALA D 21 21.42 -8.68 24.85
C ALA D 21 21.50 -8.12 26.27
N VAL D 22 20.81 -8.76 27.21
CA VAL D 22 20.73 -8.26 28.60
C VAL D 22 22.07 -8.37 29.36
N ASN D 23 22.98 -9.20 28.87
CA ASN D 23 24.35 -9.25 29.43
C ASN D 23 25.16 -7.96 29.24
N TYR D 24 24.65 -7.03 28.43
CA TYR D 24 25.31 -5.74 28.24
C TYR D 24 24.85 -4.70 29.23
N ILE D 25 23.85 -5.04 30.04
CA ILE D 25 23.38 -4.18 31.12
C ILE D 25 24.33 -4.31 32.32
N PRO D 26 24.94 -3.19 32.74
CA PRO D 26 25.82 -3.16 33.93
C PRO D 26 25.06 -2.86 35.22
N ASP D 27 25.73 -3.12 36.35
CA ASP D 27 25.22 -2.70 37.65
C ASP D 27 24.81 -1.22 37.65
N GLU D 28 23.68 -0.94 38.29
CA GLU D 28 23.19 0.42 38.50
C GLU D 28 22.76 1.20 37.26
N ALA D 29 22.71 0.54 36.11
CA ALA D 29 22.16 1.17 34.88
C ALA D 29 20.75 1.68 35.11
N THR D 30 20.34 2.71 34.36
CA THR D 30 18.95 3.14 34.40
C THR D 30 18.22 2.58 33.20
N LEU D 31 17.23 1.72 33.47
CA LEU D 31 16.54 0.96 32.42
C LEU D 31 15.17 1.51 32.14
N CYS D 32 14.92 1.88 30.89
CA CYS D 32 13.61 2.40 30.47
C CYS D 32 12.83 1.34 29.69
N VAL D 33 11.61 1.06 30.14
CA VAL D 33 10.82 -0.02 29.55
C VAL D 33 9.60 0.51 28.80
N LEU D 34 9.59 0.32 27.48
CA LEU D 34 8.45 0.72 26.64
C LEU D 34 7.31 -0.25 26.88
N GLY D 35 6.08 0.25 26.93
CA GLY D 35 4.94 -0.63 26.93
C GLY D 35 3.76 -0.11 27.71
N ALA D 36 2.59 -0.64 27.40
CA ALA D 36 1.38 -0.34 28.13
C ALA D 36 0.76 -1.65 28.62
N GLY D 37 -0.49 -1.61 29.08
CA GLY D 37 -1.09 -2.78 29.73
C GLY D 37 -1.28 -3.96 28.77
N GLY D 38 -1.27 -5.16 29.30
CA GLY D 38 -1.71 -6.35 28.56
C GLY D 38 -0.83 -6.73 27.38
N GLY D 39 0.46 -6.41 27.48
CA GLY D 39 1.45 -6.66 26.43
C GLY D 39 1.61 -5.64 25.31
N ILE D 40 0.86 -4.54 25.34
CA ILE D 40 0.96 -3.54 24.24
C ILE D 40 2.42 -3.08 24.12
N LEU D 41 2.99 -3.22 22.92
CA LEU D 41 4.37 -2.79 22.62
C LEU D 41 5.43 -3.21 23.61
N GLU D 42 5.23 -4.37 24.22
CA GLU D 42 6.15 -4.83 25.25
C GLU D 42 7.20 -5.79 24.70
N ALA D 43 8.47 -5.42 24.89
CA ALA D 43 9.61 -6.30 24.61
C ALA D 43 9.72 -7.44 25.66
N THR D 44 8.73 -8.33 25.68
CA THR D 44 8.69 -9.42 26.66
C THR D 44 9.98 -10.28 26.75
N THR D 45 10.60 -10.64 25.61
CA THR D 45 11.81 -11.47 25.68
C THR D 45 12.96 -10.81 26.47
N LEU D 46 13.03 -9.50 26.40
CA LEU D 46 14.06 -8.72 27.10
C LEU D 46 13.79 -8.66 28.58
N ILE D 47 12.56 -8.32 28.97
CA ILE D 47 12.15 -8.39 30.38
C ILE D 47 12.39 -9.79 30.98
N THR D 48 11.87 -10.83 30.31
CA THR D 48 12.09 -12.25 30.65
C THR D 48 13.58 -12.64 30.81
N ALA D 49 14.41 -12.28 29.85
CA ALA D 49 15.85 -12.64 29.90
C ALA D 49 16.59 -11.96 31.05
N LEU D 50 16.15 -10.75 31.38
CA LEU D 50 16.74 -10.00 32.50
C LEU D 50 16.33 -10.63 33.82
N ALA D 51 15.03 -10.88 33.98
CA ALA D 51 14.52 -11.55 35.17
C ALA D 51 15.24 -12.88 35.37
N ASP D 52 15.32 -13.69 34.32
CA ASP D 52 16.04 -14.97 34.37
C ASP D 52 17.52 -14.83 34.76
N LYS D 53 18.20 -13.79 34.26
CA LYS D 53 19.62 -13.60 34.56
C LYS D 53 19.87 -13.33 36.05
N TYR D 54 19.00 -12.52 36.65
CA TYR D 54 19.13 -12.23 38.07
C TYR D 54 18.75 -13.44 38.93
N LYS D 55 17.78 -14.22 38.45
CA LYS D 55 17.40 -15.44 39.15
C LYS D 55 18.56 -16.44 39.21
N GLN D 56 19.26 -16.59 38.08
CA GLN D 56 20.34 -17.55 37.96
C GLN D 56 21.68 -17.07 38.52
N THR D 57 21.97 -15.77 38.39
CA THR D 57 23.30 -15.25 38.74
C THR D 57 23.31 -14.14 39.80
N GLN D 58 22.13 -13.61 40.14
CA GLN D 58 22.03 -12.44 41.02
C GLN D 58 22.81 -11.23 40.47
N THR D 59 22.86 -11.13 39.14
CA THR D 59 23.41 -9.97 38.43
C THR D 59 22.45 -9.65 37.29
N PRO D 60 22.35 -8.39 36.85
CA PRO D 60 23.12 -7.27 37.37
C PRO D 60 22.47 -6.68 38.64
N ARG D 61 23.13 -5.71 39.25
CA ARG D 61 22.69 -5.23 40.56
C ARG D 61 22.20 -3.78 40.60
N ASN D 62 21.20 -3.52 41.44
CA ASN D 62 20.75 -2.18 41.82
C ASN D 62 20.35 -1.26 40.66
N LEU D 63 19.65 -1.82 39.68
CA LEU D 63 19.22 -1.04 38.53
C LEU D 63 18.19 -0.02 38.98
N SER D 64 18.08 1.05 38.19
CA SER D 64 16.97 1.98 38.33
C SER D 64 16.03 1.72 37.15
N ILE D 65 14.73 1.80 37.38
CA ILE D 65 13.73 1.54 36.34
C ILE D 65 12.97 2.81 36.05
N ILE D 66 12.79 3.10 34.76
CA ILE D 66 11.83 4.10 34.32
C ILE D 66 10.79 3.42 33.44
N SER D 67 9.54 3.49 33.88
CA SER D 67 8.43 2.93 33.14
C SER D 67 7.38 4.03 32.87
N PRO D 68 7.44 4.64 31.69
CA PRO D 68 6.51 5.75 31.35
C PRO D 68 5.06 5.43 31.69
N THR D 69 4.63 4.20 31.40
CA THR D 69 3.28 3.80 31.73
C THR D 69 3.28 2.42 32.39
N GLY D 70 2.10 1.95 32.80
CA GLY D 70 1.99 0.67 33.50
C GLY D 70 1.93 -0.55 32.59
N LEU D 71 2.96 -1.38 32.67
CA LEU D 71 3.00 -2.64 31.93
C LEU D 71 2.40 -3.76 32.76
N GLY D 72 1.72 -4.68 32.09
CA GLY D 72 1.43 -5.95 32.72
C GLY D 72 -0.03 -6.32 32.78
N ASP D 73 -0.33 -7.26 33.67
CA ASP D 73 -1.65 -7.85 33.74
C ASP D 73 -2.26 -7.69 35.14
N ARG D 74 -1.76 -6.67 35.87
CA ARG D 74 -2.10 -6.42 37.27
C ARG D 74 -1.77 -7.63 38.15
N ALA D 75 -0.67 -8.32 37.82
CA ALA D 75 -0.27 -9.53 38.55
C ALA D 75 1.22 -9.74 38.38
N ASP D 76 1.62 -10.87 37.77
CA ASP D 76 3.02 -11.24 37.74
C ASP D 76 3.70 -10.99 36.40
N ARG D 77 2.97 -10.42 35.46
CA ARG D 77 3.56 -10.07 34.17
C ARG D 77 4.13 -8.64 34.20
N GLY D 78 4.25 -8.02 33.02
CA GLY D 78 4.77 -6.65 32.94
C GLY D 78 6.19 -6.62 33.44
N ILE D 79 6.47 -5.71 34.37
CA ILE D 79 7.79 -5.65 34.99
C ILE D 79 7.81 -6.28 36.39
N SER D 80 6.70 -6.88 36.80
CA SER D 80 6.66 -7.68 38.04
C SER D 80 7.79 -8.71 38.17
N PRO D 81 8.19 -9.39 37.08
CA PRO D 81 9.34 -10.31 37.13
C PRO D 81 10.67 -9.66 37.52
N LEU D 82 10.76 -8.34 37.41
CA LEU D 82 11.96 -7.60 37.85
C LEU D 82 11.90 -7.19 39.35
N ALA D 83 10.81 -7.54 40.02
CA ALA D 83 10.65 -7.25 41.45
C ALA D 83 11.39 -8.22 42.38
N GLN D 84 12.53 -8.74 41.94
CA GLN D 84 13.38 -9.57 42.77
C GLN D 84 14.30 -8.66 43.56
N GLU D 85 14.48 -8.95 44.86
CA GLU D 85 15.24 -8.08 45.76
C GLU D 85 16.71 -8.02 45.39
N GLY D 86 17.24 -6.80 45.27
CA GLY D 86 18.63 -6.60 44.87
C GLY D 86 18.82 -6.29 43.39
N LEU D 87 17.80 -6.56 42.58
CA LEU D 87 17.85 -6.28 41.14
C LEU D 87 17.49 -4.82 40.89
N VAL D 88 16.39 -4.38 41.48
CA VAL D 88 15.94 -3.00 41.42
C VAL D 88 16.15 -2.27 42.77
N LYS D 89 16.74 -1.09 42.71
CA LYS D 89 16.91 -0.23 43.88
C LYS D 89 15.97 0.98 43.83
N TRP D 90 15.65 1.43 42.61
CA TRP D 90 15.02 2.73 42.37
C TRP D 90 14.01 2.61 41.22
N ALA D 91 12.85 3.25 41.35
CA ALA D 91 11.87 3.22 40.27
C ALA D 91 11.03 4.49 40.12
N LEU D 92 10.86 4.92 38.87
CA LEU D 92 9.99 6.04 38.54
C LEU D 92 9.00 5.62 37.44
N CYS D 93 7.70 5.56 37.77
CA CYS D 93 6.68 5.04 36.86
C CYS D 93 5.49 5.96 36.79
N GLY D 94 4.85 6.01 35.63
CA GLY D 94 3.66 6.81 35.43
C GLY D 94 2.45 6.10 35.99
N HIS D 95 2.54 4.78 36.11
CA HIS D 95 1.49 3.99 36.74
C HIS D 95 2.17 2.81 37.42
N TRP D 96 1.62 2.37 38.55
CA TRP D 96 2.29 1.44 39.47
C TRP D 96 1.60 0.10 39.71
N GLY D 97 0.26 0.12 39.82
CA GLY D 97 -0.51 -1.07 40.11
C GLY D 97 -0.55 -2.13 39.01
N GLN D 98 -0.12 -1.76 37.79
CA GLN D 98 -0.20 -2.68 36.67
C GLN D 98 0.88 -3.79 36.79
N SER D 99 1.97 -3.48 37.48
CA SER D 99 2.96 -4.48 37.89
C SER D 99 3.10 -4.52 39.44
N PRO D 100 2.12 -5.12 40.13
CA PRO D 100 2.02 -5.01 41.60
C PRO D 100 3.19 -5.58 42.41
N ARG D 101 4.00 -6.44 41.81
CA ARG D 101 5.21 -6.89 42.47
C ARG D 101 6.23 -5.76 42.68
N ILE D 102 6.24 -4.80 41.75
CA ILE D 102 7.11 -3.63 41.89
C ILE D 102 6.57 -2.69 42.97
N SER D 103 5.25 -2.46 42.97
CA SER D 103 4.63 -1.56 43.93
C SER D 103 4.56 -2.13 45.35
N ASP D 104 4.57 -3.47 45.44
CA ASP D 104 4.73 -4.18 46.71
C ASP D 104 6.05 -3.79 47.35
N LEU D 105 7.10 -3.70 46.54
CA LEU D 105 8.41 -3.34 47.05
C LEU D 105 8.41 -1.91 47.59
N ALA D 106 7.79 -1.00 46.85
CA ALA D 106 7.68 0.40 47.26
C ALA D 106 6.86 0.50 48.55
N GLU D 107 5.72 -0.19 48.57
CA GLU D 107 4.89 -0.37 49.77
C GLU D 107 5.68 -0.81 51.02
N GLN D 108 6.65 -1.70 50.83
CA GLN D 108 7.43 -2.22 51.94
C GLN D 108 8.73 -1.45 52.14
N ASN D 109 8.79 -0.23 51.57
CA ASN D 109 9.99 0.63 51.62
C ASN D 109 11.28 -0.04 51.18
N LYS D 110 11.17 -0.99 50.26
CA LYS D 110 12.34 -1.72 49.79
C LYS D 110 13.07 -1.00 48.66
N ILE D 111 12.35 -0.11 47.97
CA ILE D 111 12.94 0.69 46.87
C ILE D 111 12.53 2.14 46.98
N ILE D 112 13.37 3.01 46.41
CA ILE D 112 13.00 4.40 46.20
C ILE D 112 11.98 4.43 45.06
N ALA D 113 10.94 5.26 45.21
CA ALA D 113 9.78 5.21 44.33
C ALA D 113 9.12 6.58 44.14
N TYR D 114 9.03 7.00 42.88
CA TYR D 114 8.36 8.23 42.50
C TYR D 114 7.25 7.93 41.49
N ASN D 115 6.32 8.87 41.37
CA ASN D 115 5.27 8.83 40.38
C ASN D 115 5.11 10.25 39.84
N TYR D 116 5.71 10.53 38.68
CA TYR D 116 5.37 11.72 37.90
C TYR D 116 4.06 11.36 37.20
N PRO D 117 3.20 12.34 36.91
CA PRO D 117 2.06 12.08 36.03
C PRO D 117 2.60 11.42 34.74
N GLN D 118 1.86 10.47 34.19
CA GLN D 118 2.33 9.68 33.06
C GLN D 118 2.68 10.59 31.87
N GLY D 119 1.80 11.55 31.59
CA GLY D 119 2.05 12.54 30.54
C GLY D 119 3.31 13.35 30.72
N VAL D 120 3.52 13.83 31.95
CA VAL D 120 4.68 14.64 32.28
C VAL D 120 5.93 13.76 32.13
N LEU D 121 5.82 12.52 32.61
CA LEU D 121 6.95 11.63 32.61
C LEU D 121 7.48 11.37 31.21
N THR D 122 6.59 11.14 30.25
CA THR D 122 7.06 10.91 28.88
C THR D 122 7.63 12.20 28.29
N GLN D 123 7.03 13.33 28.65
CA GLN D 123 7.61 14.64 28.27
C GLN D 123 9.04 14.85 28.79
N THR D 124 9.35 14.36 30.00
CA THR D 124 10.70 14.57 30.56
C THR D 124 11.71 13.65 29.90
N LEU D 125 11.25 12.52 29.37
CA LEU D 125 12.12 11.67 28.54
C LEU D 125 12.47 12.38 27.23
N ARG D 126 11.49 13.07 26.67
CA ARG D 126 11.69 13.81 25.42
C ARG D 126 12.62 14.99 25.63
N ALA D 127 12.44 15.70 26.76
CA ALA D 127 13.39 16.72 27.23
C ALA D 127 14.79 16.15 27.40
N ALA D 128 14.88 14.97 28.02
CA ALA D 128 16.16 14.30 28.24
C ALA D 128 16.88 13.99 26.95
N ALA D 129 16.13 13.53 25.95
CA ALA D 129 16.66 13.34 24.58
C ALA D 129 17.38 14.61 24.07
N ALA D 130 16.80 15.78 24.36
CA ALA D 130 17.36 17.06 23.91
C ALA D 130 18.35 17.68 24.93
N HIS D 131 18.69 16.93 25.97
CA HIS D 131 19.58 17.40 27.05
C HIS D 131 19.06 18.63 27.76
N GLN D 132 17.74 18.76 27.82
CA GLN D 132 17.07 19.75 28.67
C GLN D 132 17.00 19.20 30.10
N PRO D 133 17.25 20.05 31.11
CA PRO D 133 17.35 19.60 32.50
C PRO D 133 16.01 19.16 33.12
N GLY D 134 14.92 19.75 32.64
CA GLY D 134 13.59 19.42 33.16
C GLY D 134 12.50 20.17 32.42
N ILE D 135 11.25 19.96 32.84
CA ILE D 135 10.14 20.65 32.21
C ILE D 135 9.30 21.44 33.22
N ILE D 136 8.83 22.59 32.78
CA ILE D 136 7.97 23.45 33.58
C ILE D 136 6.51 23.18 33.21
N SER D 137 5.76 22.67 34.19
CA SER D 137 4.35 22.42 33.98
C SER D 137 3.51 22.75 35.21
N ASP D 138 2.29 23.20 34.99
CA ASP D 138 1.35 23.41 36.07
C ASP D 138 0.59 22.13 36.40
N ILE D 139 0.82 21.08 35.58
CA ILE D 139 0.17 19.78 35.77
C ILE D 139 0.68 19.16 37.07
N GLY D 140 -0.24 18.85 37.97
CA GLY D 140 0.12 18.28 39.27
C GLY D 140 0.12 19.27 40.45
N ILE D 141 0.03 20.56 40.16
CA ILE D 141 -0.20 21.59 41.20
C ILE D 141 -1.39 21.20 42.05
N GLY D 142 -1.17 21.11 43.36
CA GLY D 142 -2.25 20.87 44.32
C GLY D 142 -2.58 19.41 44.60
N THR D 143 -1.68 18.52 44.21
CA THR D 143 -1.89 17.07 44.39
C THR D 143 -0.62 16.52 45.00
N PHE D 144 -0.57 15.22 45.26
CA PHE D 144 0.58 14.63 45.93
C PHE D 144 1.92 14.84 45.22
N VAL D 145 1.89 15.16 43.92
CA VAL D 145 3.17 15.37 43.20
C VAL D 145 3.81 16.74 43.54
N ASP D 146 2.99 17.71 43.95
CA ASP D 146 3.44 19.02 44.45
C ASP D 146 4.42 18.80 45.61
N PRO D 147 5.61 19.41 45.57
CA PRO D 147 6.55 19.31 46.70
C PRO D 147 6.00 19.88 48.04
N ARG D 148 4.97 20.72 47.97
CA ARG D 148 4.26 21.18 49.17
C ARG D 148 3.44 20.05 49.78
N GLN D 149 3.35 18.95 49.07
CA GLN D 149 2.71 17.75 49.59
C GLN D 149 3.75 16.64 49.62
N GLN D 150 3.58 15.60 48.79
CA GLN D 150 4.52 14.47 48.81
C GLN D 150 5.69 14.59 47.82
N GLY D 151 5.62 15.56 46.91
CA GLY D 151 6.65 15.71 45.85
C GLY D 151 6.72 14.50 44.92
N GLY D 152 5.61 13.76 44.83
CA GLY D 152 5.49 12.55 44.03
C GLY D 152 6.20 11.34 44.63
N LYS D 153 6.74 11.49 45.83
CA LYS D 153 7.40 10.38 46.53
C LYS D 153 6.32 9.43 47.07
N LEU D 154 6.58 8.13 46.99
CA LEU D 154 5.52 7.17 47.26
C LEU D 154 5.65 6.48 48.61
N ASN D 155 6.84 6.52 49.20
CA ASN D 155 7.06 5.87 50.49
C ASN D 155 8.03 6.63 51.40
N GLU D 156 8.17 6.15 52.64
CA GLU D 156 9.01 6.81 53.64
C GLU D 156 10.43 7.02 53.14
N VAL D 157 11.02 5.95 52.60
CA VAL D 157 12.45 5.90 52.25
C VAL D 157 12.87 6.80 51.07
N THR D 158 11.89 7.33 50.34
CA THR D 158 12.16 8.21 49.20
C THR D 158 12.36 9.65 49.67
N LYS D 159 13.60 10.14 49.54
CA LYS D 159 14.01 11.42 50.15
C LYS D 159 14.30 12.54 49.13
N GLU D 160 15.20 12.25 48.19
CA GLU D 160 15.66 13.18 47.17
C GLU D 160 14.52 13.87 46.44
N ASP D 161 14.62 15.20 46.29
CA ASP D 161 13.59 15.95 45.57
C ASP D 161 13.87 15.93 44.08
N LEU D 162 12.85 15.56 43.32
CA LEU D 162 12.92 15.54 41.87
C LEU D 162 12.05 16.65 41.28
N ILE D 163 10.99 17.00 42.02
CA ILE D 163 10.09 18.07 41.62
C ILE D 163 10.24 19.26 42.59
N LYS D 164 10.42 20.45 42.02
CA LYS D 164 10.49 21.68 42.81
C LYS D 164 9.59 22.76 42.25
N LEU D 165 9.11 23.62 43.15
CA LEU D 165 8.20 24.69 42.76
C LEU D 165 8.98 25.85 42.13
N VAL D 166 8.44 26.44 41.07
CA VAL D 166 9.12 27.55 40.38
C VAL D 166 8.17 28.67 39.99
N GLU D 167 8.74 29.79 39.54
CA GLU D 167 7.96 30.97 39.21
C GLU D 167 8.35 31.54 37.85
N PHE D 168 7.34 31.73 37.00
CA PHE D 168 7.50 32.41 35.72
C PHE D 168 6.23 33.21 35.44
N ASP D 169 6.39 34.43 34.93
CA ASP D 169 5.28 35.41 34.80
C ASP D 169 4.59 35.62 36.14
N ASN D 170 5.40 35.68 37.20
CA ASN D 170 4.89 35.63 38.58
C ASN D 170 3.76 34.61 38.78
N LYS D 171 3.92 33.40 38.20
CA LYS D 171 2.89 32.36 38.30
C LYS D 171 3.36 30.97 38.79
N GLU D 172 2.39 30.16 39.23
CA GLU D 172 2.63 28.84 39.85
C GLU D 172 2.93 27.75 38.81
N TYR D 173 4.13 27.19 38.85
CA TYR D 173 4.48 26.02 38.03
C TYR D 173 5.35 25.00 38.79
N LEU D 174 5.22 23.73 38.44
CA LEU D 174 6.16 22.71 38.91
C LEU D 174 7.29 22.53 37.91
N TYR D 175 8.48 22.25 38.42
CA TYR D 175 9.61 21.88 37.59
C TYR D 175 9.96 20.42 37.89
N TYR D 176 9.79 19.56 36.89
CA TYR D 176 10.10 18.14 36.99
C TYR D 176 11.48 17.89 36.38
N LYS D 177 12.39 17.34 37.17
CA LYS D 177 13.70 16.96 36.66
C LYS D 177 13.60 15.87 35.58
N ALA D 178 14.37 16.05 34.51
CA ALA D 178 14.45 15.12 33.40
C ALA D 178 15.58 14.13 33.65
N ILE D 179 15.22 12.85 33.69
CA ILE D 179 16.18 11.79 33.94
C ILE D 179 16.32 10.98 32.66
N ALA D 180 17.56 10.83 32.19
CA ALA D 180 17.87 10.03 31.01
C ALA D 180 18.21 8.58 31.41
N PRO D 181 17.65 7.61 30.69
CA PRO D 181 17.99 6.21 30.94
C PRO D 181 19.32 5.83 30.29
N ASP D 182 19.92 4.74 30.76
CA ASP D 182 21.13 4.15 30.23
C ASP D 182 20.81 3.05 29.24
N ILE D 183 19.63 2.45 29.40
CA ILE D 183 19.25 1.26 28.64
C ILE D 183 17.78 1.36 28.29
N ALA D 184 17.44 0.97 27.07
CA ALA D 184 16.04 0.95 26.64
C ALA D 184 15.68 -0.44 26.17
N PHE D 185 14.54 -0.95 26.66
CA PHE D 185 13.83 -2.06 26.05
C PHE D 185 12.68 -1.48 25.21
N ILE D 186 12.89 -1.34 23.90
CA ILE D 186 11.82 -1.01 22.97
C ILE D 186 11.48 -2.17 22.02
N ARG D 187 10.55 -1.94 21.11
CA ARG D 187 9.99 -2.98 20.29
C ARG D 187 9.33 -2.33 19.08
N ALA D 188 9.33 -3.03 17.96
CA ALA D 188 8.58 -2.65 16.76
C ALA D 188 8.06 -3.92 16.14
N THR D 189 7.30 -3.80 15.03
CA THR D 189 6.90 -5.00 14.30
C THR D 189 8.09 -5.53 13.50
N THR D 190 8.66 -4.65 12.68
CA THR D 190 9.64 -5.02 11.68
C THR D 190 10.79 -4.02 11.66
N CYS D 191 12.00 -4.48 11.35
CA CYS D 191 13.10 -3.57 11.03
C CYS D 191 13.96 -4.09 9.88
N ASP D 192 14.62 -3.19 9.17
CA ASP D 192 15.59 -3.58 8.16
C ASP D 192 16.95 -3.89 8.77
N SER D 193 17.92 -4.28 7.94
CA SER D 193 19.21 -4.77 8.45
C SER D 193 20.02 -3.70 9.21
N GLU D 194 19.60 -2.44 9.11
CA GLU D 194 20.28 -1.33 9.79
C GLU D 194 19.48 -0.78 10.96
N GLY D 195 18.38 -1.45 11.29
CA GLY D 195 17.57 -1.12 12.46
C GLY D 195 16.39 -0.18 12.25
N TYR D 196 16.20 0.30 11.02
CA TYR D 196 15.04 1.16 10.68
C TYR D 196 13.75 0.41 10.86
N ALA D 197 12.87 0.94 11.68
CA ALA D 197 11.75 0.14 12.17
C ALA D 197 10.38 0.74 11.86
N THR D 198 9.43 -0.16 11.53
CA THR D 198 8.03 0.19 11.30
C THR D 198 7.17 -0.59 12.30
N PHE D 199 5.92 -0.13 12.44
CA PHE D 199 5.02 -0.52 13.55
C PHE D 199 3.68 -0.98 12.98
N GLU D 200 3.72 -1.57 11.79
CA GLU D 200 2.50 -1.90 11.05
C GLU D 200 1.53 -2.82 11.80
N ASP D 201 2.04 -3.73 12.61
CA ASP D 201 1.17 -4.65 13.34
C ASP D 201 1.00 -4.33 14.81
N GLU D 202 1.76 -3.38 15.34
CA GLU D 202 1.65 -2.99 16.75
C GLU D 202 0.31 -2.32 17.06
N VAL D 203 -0.14 -2.40 18.31
CA VAL D 203 -1.43 -1.80 18.69
C VAL D 203 -1.37 -0.28 18.54
N MET D 204 -0.18 0.27 18.72
CA MET D 204 0.03 1.71 18.71
C MET D 204 1.54 2.00 18.73
N TYR D 205 1.89 3.27 18.96
CA TYR D 205 3.30 3.70 18.98
C TYR D 205 3.90 4.00 20.34
N LEU D 206 3.05 4.37 21.30
CA LEU D 206 3.53 4.94 22.58
C LEU D 206 4.59 6.01 22.35
N ASP D 207 5.69 5.93 23.12
CA ASP D 207 6.78 6.90 23.02
C ASP D 207 8.09 6.20 22.71
N ALA D 208 8.03 5.23 21.80
CA ALA D 208 9.17 4.44 21.37
C ALA D 208 10.32 5.30 20.83
N LEU D 209 10.01 6.27 19.97
CA LEU D 209 11.05 7.15 19.44
C LEU D 209 11.71 8.02 20.53
N VAL D 210 10.89 8.57 21.42
CA VAL D 210 11.37 9.40 22.53
C VAL D 210 12.33 8.62 23.44
N ILE D 211 11.91 7.41 23.84
CA ILE D 211 12.73 6.53 24.65
C ILE D 211 14.08 6.23 23.99
N ALA D 212 14.03 5.89 22.70
CA ALA D 212 15.23 5.57 21.92
C ALA D 212 16.21 6.74 21.80
N GLN D 213 15.65 7.94 21.59
CA GLN D 213 16.44 9.17 21.52
C GLN D 213 17.02 9.52 22.89
N ALA D 214 16.22 9.41 23.94
CA ALA D 214 16.69 9.75 25.28
C ALA D 214 17.87 8.87 25.69
N VAL D 215 17.78 7.57 25.39
CA VAL D 215 18.85 6.63 25.71
C VAL D 215 20.08 6.84 24.83
N HIS D 216 19.85 6.94 23.53
CA HIS D 216 20.93 7.15 22.56
C HIS D 216 21.80 8.38 22.87
N ASN D 217 21.14 9.51 23.14
CA ASN D 217 21.85 10.76 23.40
C ASN D 217 22.43 10.84 24.82
N ASN D 218 22.28 9.74 25.57
CA ASN D 218 22.91 9.58 26.86
C ASN D 218 24.09 8.61 26.78
N GLY D 219 24.49 8.28 25.56
CA GLY D 219 25.51 7.26 25.33
C GLY D 219 25.07 5.88 25.82
N GLY D 220 23.76 5.63 25.84
CA GLY D 220 23.24 4.36 26.35
C GLY D 220 23.12 3.30 25.27
N ILE D 221 22.47 2.19 25.62
CA ILE D 221 22.21 1.08 24.69
C ILE D 221 20.70 0.93 24.47
N VAL D 222 20.28 1.08 23.22
CA VAL D 222 18.89 0.85 22.87
C VAL D 222 18.76 -0.59 22.33
N MET D 223 17.92 -1.38 23.00
CA MET D 223 17.64 -2.75 22.56
C MET D 223 16.20 -2.84 22.10
N MET D 224 16.01 -3.40 20.92
CA MET D 224 14.72 -3.37 20.25
C MET D 224 14.29 -4.78 19.87
N GLN D 225 13.14 -5.20 20.35
CA GLN D 225 12.58 -6.48 19.94
C GLN D 225 11.72 -6.26 18.70
N VAL D 226 11.87 -7.14 17.73
CA VAL D 226 11.01 -7.15 16.53
C VAL D 226 10.53 -8.58 16.23
N GLN D 227 9.46 -8.69 15.45
CA GLN D 227 9.02 -10.01 14.95
C GLN D 227 9.87 -10.53 13.78
N LYS D 228 10.33 -9.63 12.91
CA LYS D 228 11.16 -10.02 11.76
C LYS D 228 12.04 -8.87 11.27
N MET D 229 13.04 -9.24 10.49
CA MET D 229 13.93 -8.30 9.88
C MET D 229 13.85 -8.46 8.38
N VAL D 230 14.02 -7.34 7.69
CA VAL D 230 13.99 -7.32 6.25
C VAL D 230 15.27 -6.68 5.66
N LYS D 231 15.40 -6.83 4.35
CA LYS D 231 16.48 -6.24 3.59
C LYS D 231 16.55 -4.73 3.78
N LYS D 232 17.78 -4.23 3.84
CA LYS D 232 18.09 -2.80 3.94
C LYS D 232 17.33 -1.95 2.94
N ALA D 233 16.80 -0.83 3.42
CA ALA D 233 16.18 0.18 2.57
C ALA D 233 15.00 -0.35 1.74
N THR D 234 14.25 -1.32 2.27
CA THR D 234 13.06 -1.76 1.54
C THR D 234 11.73 -1.35 2.18
N LEU D 235 11.77 -0.80 3.40
CA LEU D 235 10.55 -0.32 4.05
C LEU D 235 10.19 1.06 3.49
N HIS D 236 8.93 1.45 3.58
CA HIS D 236 8.47 2.74 3.09
C HIS D 236 8.97 3.79 4.11
N PRO D 237 9.68 4.81 3.63
CA PRO D 237 10.25 5.81 4.51
C PRO D 237 9.22 6.54 5.36
N LYS D 238 8.00 6.71 4.85
CA LYS D 238 6.95 7.34 5.68
C LYS D 238 6.35 6.40 6.73
N SER D 239 6.66 5.09 6.64
CA SER D 239 6.22 4.14 7.68
C SER D 239 7.25 3.97 8.80
N VAL D 240 8.50 4.31 8.52
CA VAL D 240 9.59 4.13 9.48
C VAL D 240 9.41 5.13 10.62
N ARG D 241 9.24 4.63 11.84
CA ARG D 241 9.04 5.47 13.02
C ARG D 241 10.31 5.63 13.85
N ILE D 242 11.26 4.69 13.69
CA ILE D 242 12.55 4.78 14.37
C ILE D 242 13.72 4.60 13.39
N PRO D 243 14.57 5.63 13.22
CA PRO D 243 15.73 5.50 12.34
C PRO D 243 16.76 4.55 12.95
N GLY D 244 17.46 3.81 12.11
CA GLY D 244 18.26 2.67 12.58
C GLY D 244 19.41 2.99 13.51
N TYR D 245 20.04 4.14 13.28
CA TYR D 245 21.25 4.53 14.02
C TYR D 245 20.93 4.81 15.49
N LEU D 246 19.65 4.85 15.83
CA LEU D 246 19.22 4.93 17.21
C LEU D 246 19.20 3.55 17.92
N VAL D 247 19.29 2.46 17.15
CA VAL D 247 19.16 1.12 17.72
C VAL D 247 20.52 0.45 17.78
N ASP D 248 20.86 -0.16 18.92
CA ASP D 248 22.20 -0.76 19.11
C ASP D 248 22.17 -2.30 19.06
N ILE D 249 21.07 -2.87 19.54
CA ILE D 249 20.88 -4.33 19.53
C ILE D 249 19.44 -4.63 19.10
N VAL D 250 19.30 -5.55 18.14
CA VAL D 250 17.99 -6.08 17.78
C VAL D 250 17.84 -7.51 18.25
N VAL D 251 16.71 -7.78 18.93
CA VAL D 251 16.30 -9.14 19.24
C VAL D 251 15.12 -9.53 18.35
N VAL D 252 15.25 -10.62 17.59
CA VAL D 252 14.15 -11.12 16.75
C VAL D 252 13.33 -12.18 17.52
N ASP D 253 12.05 -11.88 17.74
CA ASP D 253 11.12 -12.85 18.30
C ASP D 253 10.03 -13.20 17.27
N PRO D 254 10.23 -14.29 16.52
CA PRO D 254 9.28 -14.62 15.46
C PRO D 254 7.87 -14.88 15.95
N ASP D 255 7.72 -15.15 17.25
CA ASP D 255 6.40 -15.43 17.83
C ASP D 255 5.85 -14.26 18.61
N GLN D 256 6.46 -13.10 18.40
CA GLN D 256 5.97 -11.87 18.98
C GLN D 256 4.47 -11.77 18.69
N SER D 257 3.72 -11.44 19.73
CA SER D 257 2.28 -11.29 19.67
C SER D 257 1.90 -9.85 20.01
N GLN D 258 0.92 -9.29 19.31
CA GLN D 258 0.43 -7.91 19.54
C GLN D 258 0.08 -7.63 21.01
N LEU D 259 -0.52 -8.63 21.68
CA LEU D 259 -0.97 -8.52 23.08
C LEU D 259 -0.59 -9.79 23.83
N TYR D 260 -0.68 -9.77 25.17
CA TYR D 260 -0.51 -11.00 25.96
C TYR D 260 -1.53 -12.05 25.48
N GLY D 261 -1.16 -13.33 25.54
CA GLY D 261 -2.09 -14.40 25.21
C GLY D 261 -1.71 -15.18 23.98
N GLY D 262 -0.78 -14.65 23.20
CA GLY D 262 -0.24 -15.34 22.03
C GLY D 262 -1.21 -15.57 20.89
N ALA D 263 -2.28 -14.79 20.81
CA ALA D 263 -3.11 -14.80 19.61
C ALA D 263 -2.26 -14.38 18.39
N PRO D 264 -2.57 -14.94 17.22
CA PRO D 264 -1.87 -14.55 16.00
C PRO D 264 -2.25 -13.12 15.61
N VAL D 265 -1.45 -12.51 14.76
CA VAL D 265 -1.68 -11.13 14.32
C VAL D 265 -3.12 -10.90 13.87
N ASN D 266 -3.72 -9.83 14.39
CA ASN D 266 -5.06 -9.42 14.00
C ASN D 266 -4.94 -8.11 13.21
N ARG D 267 -5.33 -8.15 11.94
CA ARG D 267 -5.07 -7.04 11.02
C ARG D 267 -6.10 -5.91 11.18
N PHE D 268 -7.24 -6.21 11.82
CA PHE D 268 -8.14 -5.14 12.27
C PHE D 268 -7.39 -4.29 13.31
N ILE D 269 -6.78 -4.95 14.28
CA ILE D 269 -5.98 -4.28 15.31
C ILE D 269 -4.79 -3.52 14.73
N SER D 270 -4.11 -4.15 13.76
CA SER D 270 -3.01 -3.51 13.01
C SER D 270 -3.47 -2.21 12.42
N GLY D 271 -4.75 -2.14 12.05
CA GLY D 271 -5.35 -0.94 11.47
C GLY D 271 -5.54 -1.05 9.96
N ASP D 272 -5.38 -2.25 9.41
CA ASP D 272 -5.33 -2.45 7.95
C ASP D 272 -6.70 -2.70 7.33
N PHE D 273 -7.65 -3.20 8.13
CA PHE D 273 -9.01 -3.46 7.65
C PHE D 273 -10.08 -2.85 8.56
N THR D 274 -11.26 -2.63 7.99
CA THR D 274 -12.39 -2.09 8.69
C THR D 274 -13.32 -3.23 9.10
N LEU D 275 -13.52 -3.39 10.40
CA LEU D 275 -14.42 -4.42 10.93
C LEU D 275 -15.87 -4.05 10.62
N ASP D 276 -16.63 -5.04 10.17
CA ASP D 276 -18.04 -4.83 9.82
C ASP D 276 -18.85 -4.65 11.11
N PRO D 284 -26.38 -5.82 29.44
CA PRO D 284 -27.02 -6.05 30.74
C PRO D 284 -27.20 -4.74 31.52
N LEU D 285 -28.42 -4.48 31.97
CA LEU D 285 -28.66 -3.31 32.80
C LEU D 285 -28.17 -3.56 34.21
N ASN D 286 -26.86 -3.51 34.40
CA ASN D 286 -26.29 -3.58 35.74
C ASN D 286 -25.96 -2.17 36.23
N GLN D 287 -25.13 -2.09 37.26
CA GLN D 287 -24.77 -0.80 37.82
C GLN D 287 -23.71 -0.10 36.97
N ARG D 288 -22.63 -0.80 36.66
CA ARG D 288 -21.59 -0.25 35.80
C ARG D 288 -22.24 0.45 34.61
N LYS D 289 -23.15 -0.25 33.94
CA LYS D 289 -23.85 0.32 32.78
C LYS D 289 -24.64 1.56 33.19
N LEU D 290 -25.30 1.50 34.34
CA LEU D 290 -26.05 2.67 34.82
C LEU D 290 -25.16 3.89 34.93
N VAL D 291 -23.99 3.72 35.54
CA VAL D 291 -23.04 4.81 35.67
C VAL D 291 -22.57 5.23 34.27
N ALA D 292 -22.18 4.25 33.45
CA ALA D 292 -21.84 4.51 32.07
C ALA D 292 -22.94 5.31 31.40
N ARG D 293 -24.16 4.81 31.49
CA ARG D 293 -25.33 5.49 30.94
C ARG D 293 -25.40 6.94 31.36
N ARG D 294 -25.35 7.18 32.67
CA ARG D 294 -25.46 8.54 33.18
C ARG D 294 -24.27 9.40 32.75
N ALA D 295 -23.07 8.81 32.67
CA ALA D 295 -21.89 9.56 32.25
C ALA D 295 -22.02 10.07 30.82
N LEU D 296 -22.75 9.32 30.00
CA LEU D 296 -22.98 9.69 28.61
C LEU D 296 -23.81 10.98 28.51
N PHE D 297 -24.71 11.20 29.48
CA PHE D 297 -25.50 12.44 29.54
C PHE D 297 -24.61 13.68 29.56
N GLU D 298 -23.40 13.52 30.07
CA GLU D 298 -22.44 14.63 30.15
C GLU D 298 -21.80 15.00 28.81
N MET D 299 -21.96 14.11 27.83
CA MET D 299 -21.38 14.26 26.50
C MET D 299 -22.26 15.14 25.62
N ARG D 300 -21.64 15.80 24.64
CA ARG D 300 -22.36 16.55 23.62
C ARG D 300 -21.80 16.30 22.21
N LYS D 301 -22.53 16.74 21.19
CA LYS D 301 -22.10 16.64 19.81
C LYS D 301 -20.85 17.49 19.56
N GLY D 302 -19.90 16.94 18.81
CA GLY D 302 -18.67 17.63 18.44
C GLY D 302 -17.63 17.72 19.55
N ALA D 303 -17.87 16.99 20.64
CA ALA D 303 -16.99 17.02 21.79
C ALA D 303 -15.87 15.98 21.72
N VAL D 304 -14.71 16.35 22.27
CA VAL D 304 -13.56 15.46 22.36
C VAL D 304 -13.47 14.96 23.78
N GLY D 305 -13.60 13.65 23.93
CA GLY D 305 -13.62 13.03 25.22
C GLY D 305 -12.57 11.97 25.40
N ASN D 306 -12.61 11.36 26.56
CA ASN D 306 -11.70 10.31 26.93
C ASN D 306 -12.39 9.47 27.98
N VAL D 307 -12.45 8.17 27.72
CA VAL D 307 -13.03 7.25 28.70
C VAL D 307 -11.90 6.50 29.40
N GLY D 308 -11.98 6.51 30.73
CA GLY D 308 -10.89 6.05 31.58
C GLY D 308 -10.88 4.56 31.82
N VAL D 309 -9.77 4.08 32.35
CA VAL D 309 -9.62 2.71 32.80
C VAL D 309 -10.55 2.55 34.01
N GLY D 310 -11.53 1.67 33.89
CA GLY D 310 -12.45 1.40 34.99
C GLY D 310 -13.91 1.49 34.64
N ILE D 311 -14.76 1.70 35.65
CA ILE D 311 -16.23 1.69 35.54
C ILE D 311 -16.82 2.52 34.40
N ALA D 312 -16.05 3.50 33.92
CA ALA D 312 -16.48 4.35 32.82
C ALA D 312 -16.42 3.65 31.45
N ASP D 313 -15.47 2.72 31.29
CA ASP D 313 -15.14 2.12 29.97
C ASP D 313 -16.31 1.74 29.06
N GLY D 314 -17.50 1.53 29.63
CA GLY D 314 -18.67 1.11 28.89
C GLY D 314 -19.45 2.20 28.17
N ILE D 315 -19.00 3.45 28.31
CA ILE D 315 -19.64 4.60 27.66
C ILE D 315 -19.79 4.42 26.15
N GLY D 316 -18.72 3.97 25.49
CA GLY D 316 -18.72 3.80 24.03
C GLY D 316 -19.81 2.85 23.58
N LEU D 317 -19.95 1.74 24.31
CA LEU D 317 -21.00 0.75 24.06
C LEU D 317 -22.42 1.28 24.25
N VAL D 318 -22.60 2.13 25.25
CA VAL D 318 -23.90 2.75 25.50
C VAL D 318 -24.24 3.69 24.34
N ALA D 319 -23.25 4.45 23.90
CA ALA D 319 -23.42 5.39 22.77
C ALA D 319 -23.81 4.64 21.50
N ARG D 320 -23.14 3.50 21.26
CA ARG D 320 -23.40 2.66 20.10
C ARG D 320 -24.84 2.18 20.12
N GLU D 321 -25.29 1.74 21.30
CA GLU D 321 -26.67 1.29 21.50
C GLU D 321 -27.68 2.43 21.32
N GLU D 322 -27.36 3.61 21.84
CA GLU D 322 -28.25 4.76 21.70
C GLU D 322 -28.12 5.43 20.32
N GLY D 323 -27.23 4.89 19.48
CA GLY D 323 -27.06 5.35 18.09
C GLY D 323 -26.46 6.74 17.94
N CYS D 324 -25.60 7.13 18.87
CA CYS D 324 -24.98 8.46 18.82
C CYS D 324 -23.44 8.42 18.86
N ALA D 325 -22.87 7.21 18.79
CA ALA D 325 -21.40 7.01 18.83
C ALA D 325 -20.56 7.79 17.81
N ASP D 326 -21.09 8.04 16.61
CA ASP D 326 -20.37 8.80 15.57
C ASP D 326 -20.40 10.32 15.79
N ASP D 327 -21.23 10.75 16.73
CA ASP D 327 -21.53 12.17 16.94
C ASP D 327 -20.47 12.89 17.77
N PHE D 328 -19.57 12.13 18.39
CA PHE D 328 -18.46 12.67 19.18
C PHE D 328 -17.24 11.74 19.05
N ILE D 329 -16.12 12.11 19.66
CA ILE D 329 -14.87 11.32 19.53
C ILE D 329 -14.17 11.03 20.85
N LEU D 330 -13.89 9.75 21.11
CA LEU D 330 -13.14 9.37 22.31
C LEU D 330 -11.69 9.05 22.01
N THR D 331 -10.79 9.69 22.76
CA THR D 331 -9.37 9.45 22.60
C THR D 331 -8.83 8.57 23.71
N VAL D 332 -7.73 7.91 23.40
CA VAL D 332 -7.06 7.01 24.34
C VAL D 332 -5.70 7.63 24.66
N GLU D 333 -5.40 7.72 25.96
CA GLU D 333 -4.22 8.43 26.49
C GLU D 333 -2.89 7.98 25.89
N THR D 334 -2.84 6.72 25.47
CA THR D 334 -1.62 6.15 24.87
C THR D 334 -1.48 6.50 23.39
N GLY D 335 -2.53 7.07 22.80
CA GLY D 335 -2.45 7.56 21.43
C GLY D 335 -3.57 7.28 20.44
N PRO D 336 -4.21 6.10 20.49
CA PRO D 336 -5.34 5.83 19.58
C PRO D 336 -6.48 6.83 19.72
N ILE D 337 -7.04 7.24 18.58
CA ILE D 337 -8.15 8.17 18.54
C ILE D 337 -9.32 7.47 17.87
N GLY D 338 -10.45 7.39 18.57
CA GLY D 338 -11.64 6.77 18.03
C GLY D 338 -11.54 5.25 18.03
N GLY D 339 -12.52 4.59 17.42
CA GLY D 339 -12.51 3.13 17.30
C GLY D 339 -13.53 2.45 18.18
N ILE D 340 -13.75 1.17 17.92
CA ILE D 340 -14.70 0.37 18.70
C ILE D 340 -14.03 -0.87 19.28
N THR D 341 -14.80 -1.55 20.12
CA THR D 341 -14.32 -2.70 20.87
C THR D 341 -14.87 -4.02 20.33
N ALA D 349 -7.43 -3.54 22.94
CA ALA D 349 -7.20 -2.98 21.61
C ALA D 349 -8.50 -2.63 20.87
N ASN D 350 -8.59 -1.38 20.43
CA ASN D 350 -9.67 -0.96 19.52
C ASN D 350 -9.35 -1.34 18.08
N VAL D 351 -10.39 -1.45 17.26
CA VAL D 351 -10.26 -1.55 15.82
C VAL D 351 -11.06 -0.39 15.23
N ASN D 352 -10.94 -0.16 13.93
CA ASN D 352 -11.62 0.98 13.28
C ASN D 352 -11.28 2.34 13.90
N THR D 353 -10.06 2.48 14.43
CA THR D 353 -9.58 3.76 14.93
C THR D 353 -9.47 4.80 13.79
N ARG D 354 -9.48 6.08 14.13
CA ARG D 354 -9.43 7.16 13.14
C ARG D 354 -8.03 7.70 12.93
N ALA D 355 -7.19 7.53 13.93
CA ALA D 355 -5.81 7.99 13.94
C ALA D 355 -5.10 7.34 15.11
N ILE D 356 -3.77 7.30 15.03
CA ILE D 356 -2.93 6.97 16.19
C ILE D 356 -1.77 7.94 16.32
N LEU D 357 -1.74 8.70 17.41
CA LEU D 357 -0.63 9.61 17.70
C LEU D 357 0.36 8.91 18.61
N ASP D 358 1.61 9.36 18.61
CA ASP D 358 2.54 8.97 19.65
C ASP D 358 1.98 9.44 21.01
N MET D 359 2.35 8.75 22.07
CA MET D 359 1.78 9.01 23.38
C MET D 359 2.07 10.43 23.90
N THR D 360 3.30 10.93 23.68
CA THR D 360 3.71 12.20 24.26
C THR D 360 2.85 13.31 23.70
N SER D 361 2.69 13.31 22.37
CA SER D 361 1.88 14.30 21.66
C SER D 361 0.43 14.28 22.11
N GLN D 362 -0.05 13.09 22.44
CA GLN D 362 -1.41 12.98 22.97
C GLN D 362 -1.51 13.73 24.30
N PHE D 363 -0.49 13.62 25.13
CA PHE D 363 -0.47 14.31 26.40
C PHE D 363 -0.27 15.81 26.27
N ASP D 364 0.54 16.23 25.28
CA ASP D 364 0.64 17.63 24.89
C ASP D 364 -0.78 18.19 24.69
N PHE D 365 -1.57 17.50 23.88
CA PHE D 365 -2.97 17.86 23.64
C PHE D 365 -3.83 17.91 24.92
N TYR D 366 -3.63 16.95 25.82
CA TYR D 366 -4.39 16.88 27.06
C TYR D 366 -4.04 18.01 28.03
N HIS D 367 -2.76 18.33 28.11
CA HIS D 367 -2.26 19.31 29.06
C HIS D 367 -2.80 20.72 28.81
N GLY D 368 -2.90 21.10 27.53
CA GLY D 368 -3.45 22.39 27.16
C GLY D 368 -4.97 22.40 27.09
N GLY D 369 -5.61 21.46 27.77
CA GLY D 369 -7.06 21.45 27.90
C GLY D 369 -7.82 21.07 26.64
N GLY D 370 -7.28 20.08 25.91
CA GLY D 370 -7.93 19.63 24.68
C GLY D 370 -9.21 18.86 24.90
N LEU D 371 -9.28 18.13 26.01
CA LEU D 371 -10.47 17.35 26.31
C LEU D 371 -11.62 18.22 26.77
N ASP D 372 -12.78 18.05 26.13
CA ASP D 372 -13.99 18.74 26.53
C ASP D 372 -14.61 18.04 27.73
N VAL D 373 -14.52 16.71 27.73
CA VAL D 373 -15.10 15.88 28.77
C VAL D 373 -14.12 14.78 29.07
N CYS D 374 -13.87 14.53 30.35
CA CYS D 374 -13.11 13.36 30.73
C CYS D 374 -13.86 12.55 31.76
N TYR D 375 -13.66 11.23 31.70
CA TYR D 375 -14.37 10.30 32.55
C TYR D 375 -13.37 9.51 33.36
N LEU D 376 -13.42 9.69 34.67
CA LEU D 376 -12.46 9.06 35.55
C LEU D 376 -13.12 8.27 36.66
N SER D 377 -12.43 7.22 37.10
CA SER D 377 -12.85 6.45 38.25
C SER D 377 -12.36 7.15 39.51
N PHE D 378 -12.95 6.80 40.65
CA PHE D 378 -12.45 7.28 41.94
C PHE D 378 -12.40 6.13 42.94
N ALA D 379 -11.38 6.12 43.77
CA ALA D 379 -11.28 5.19 44.88
C ALA D 379 -11.89 5.83 46.14
N GLU D 380 -11.49 7.06 46.42
CA GLU D 380 -12.06 7.86 47.51
C GLU D 380 -12.34 9.30 47.06
N VAL D 381 -13.33 9.93 47.73
CA VAL D 381 -13.67 11.35 47.53
C VAL D 381 -13.81 11.99 48.91
N ASP D 382 -13.41 13.25 49.04
CA ASP D 382 -13.60 13.95 50.32
C ASP D 382 -14.48 15.21 50.25
N GLN D 383 -14.73 15.80 51.42
CA GLN D 383 -15.63 16.95 51.57
C GLN D 383 -15.24 18.20 50.76
N HIS D 384 -13.98 18.29 50.37
CA HIS D 384 -13.47 19.39 49.54
C HIS D 384 -13.57 19.12 48.03
N GLY D 385 -14.04 17.92 47.70
CA GLY D 385 -14.11 17.48 46.31
C GLY D 385 -12.80 16.91 45.79
N ASN D 386 -11.85 16.65 46.70
CA ASN D 386 -10.62 15.98 46.32
C ASN D 386 -10.92 14.53 45.94
N VAL D 387 -10.18 14.02 44.97
CA VAL D 387 -10.31 12.62 44.54
C VAL D 387 -8.98 11.90 44.74
N GLY D 388 -9.04 10.70 45.30
CA GLY D 388 -7.87 9.84 45.49
C GLY D 388 -7.95 8.57 44.66
N VAL D 389 -6.89 8.29 43.89
CA VAL D 389 -6.78 7.05 43.11
C VAL D 389 -5.39 6.38 43.21
N HIS D 390 -4.36 7.17 43.47
CA HIS D 390 -2.98 6.68 43.42
C HIS D 390 -2.60 5.82 44.63
N LYS D 391 -3.38 5.95 45.70
CA LYS D 391 -3.18 5.18 46.93
C LYS D 391 -4.54 4.92 47.57
N PHE D 392 -4.81 3.65 47.84
CA PHE D 392 -6.04 3.28 48.56
C PHE D 392 -5.84 1.91 49.18
N ASN D 393 -6.35 1.76 50.41
CA ASN D 393 -6.26 0.51 51.15
C ASN D 393 -4.79 0.10 51.39
N GLY D 394 -3.95 1.09 51.62
CA GLY D 394 -2.52 0.85 51.84
C GLY D 394 -1.76 0.32 50.64
N LYS D 395 -2.41 0.31 49.47
CA LYS D 395 -1.79 -0.20 48.25
C LYS D 395 -1.49 0.94 47.27
N ILE D 396 -0.35 0.87 46.60
CA ILE D 396 0.04 1.87 45.60
C ILE D 396 -0.45 1.51 44.19
N MET D 397 -1.27 2.39 43.63
CA MET D 397 -1.77 2.22 42.27
C MET D 397 -0.98 3.08 41.27
N GLY D 398 -0.55 4.27 41.72
CA GLY D 398 0.01 5.28 40.84
C GLY D 398 -1.10 6.00 40.10
N THR D 399 -0.75 6.96 39.26
CA THR D 399 -1.76 7.78 38.62
C THR D 399 -2.19 7.27 37.24
N GLY D 400 -1.26 6.69 36.48
CA GLY D 400 -1.47 6.56 35.05
C GLY D 400 -1.56 7.99 34.52
N GLY D 401 -2.55 8.26 33.65
CA GLY D 401 -2.78 9.61 33.15
C GLY D 401 -3.85 10.43 33.87
N PHE D 402 -4.21 9.98 35.08
CA PHE D 402 -5.28 10.58 35.89
C PHE D 402 -5.07 12.10 36.08
N ILE D 403 -3.85 12.51 36.40
CA ILE D 403 -3.58 13.92 36.68
C ILE D 403 -3.43 14.74 35.39
N ASP D 404 -2.85 14.12 34.37
CA ASP D 404 -2.75 14.74 33.05
C ASP D 404 -4.11 15.15 32.50
N ILE D 405 -5.12 14.34 32.85
CA ILE D 405 -6.47 14.43 32.29
C ILE D 405 -7.40 15.26 33.18
N SER D 406 -7.25 15.16 34.50
CA SER D 406 -8.18 15.86 35.44
C SER D 406 -7.73 17.27 35.83
N ALA D 407 -6.56 17.67 35.33
CA ALA D 407 -6.01 18.98 35.62
C ALA D 407 -6.65 20.10 34.84
N THR D 408 -6.78 19.94 33.52
CA THR D 408 -7.15 21.04 32.64
C THR D 408 -8.30 20.75 31.69
N SER D 409 -8.82 19.52 31.73
CA SER D 409 -9.99 19.18 30.93
C SER D 409 -11.17 20.06 31.33
N LYS D 410 -11.99 20.39 30.35
CA LYS D 410 -13.08 21.35 30.51
C LYS D 410 -14.21 20.88 31.42
N LYS D 411 -14.64 19.62 31.27
CA LYS D 411 -15.59 18.99 32.17
C LYS D 411 -14.95 17.73 32.72
N ILE D 412 -15.05 17.56 34.03
CA ILE D 412 -14.45 16.39 34.69
C ILE D 412 -15.53 15.56 35.38
N ILE D 413 -15.72 14.34 34.89
CA ILE D 413 -16.79 13.46 35.34
C ILE D 413 -16.18 12.27 36.06
N PHE D 414 -16.26 12.27 37.39
CA PHE D 414 -15.80 11.15 38.19
C PHE D 414 -16.91 10.11 38.30
N CYS D 415 -16.53 8.83 38.29
CA CYS D 415 -17.47 7.72 38.17
C CYS D 415 -17.13 6.59 39.13
N GLY D 416 -18.16 6.04 39.77
CA GLY D 416 -17.96 4.92 40.70
C GLY D 416 -19.11 4.70 41.68
N THR D 417 -19.03 3.62 42.43
CA THR D 417 -20.04 3.29 43.43
C THR D 417 -19.86 4.14 44.69
N LEU D 418 -20.97 4.42 45.36
CA LEU D 418 -20.94 5.24 46.57
C LEU D 418 -20.18 4.54 47.69
N THR D 419 -20.11 3.21 47.63
CA THR D 419 -19.38 2.43 48.63
C THR D 419 -18.65 1.26 48.00
N LYS D 431 -36.11 1.69 38.63
CA LYS D 431 -35.92 1.65 40.08
C LYS D 431 -34.70 0.81 40.47
N LEU D 432 -33.91 1.36 41.40
CA LEU D 432 -32.75 0.65 41.92
C LEU D 432 -33.12 -0.20 43.13
N ASN D 433 -32.31 -1.22 43.40
CA ASN D 433 -32.52 -2.08 44.56
C ASN D 433 -31.20 -2.57 45.17
N ILE D 434 -30.75 -1.90 46.22
CA ILE D 434 -29.44 -2.19 46.80
C ILE D 434 -29.40 -3.46 47.65
N VAL D 435 -28.94 -4.55 47.05
CA VAL D 435 -28.79 -5.80 47.80
C VAL D 435 -27.83 -5.57 48.97
N GLN D 436 -26.66 -6.20 48.91
CA GLN D 436 -25.68 -6.10 49.98
C GLN D 436 -24.82 -4.85 49.87
N GLU D 437 -25.09 -3.87 50.73
CA GLU D 437 -24.32 -2.65 50.79
C GLU D 437 -22.84 -2.89 51.05
N GLY D 438 -22.08 -1.81 51.21
CA GLY D 438 -20.65 -1.90 51.48
C GLY D 438 -20.32 -2.93 52.53
N PHE D 443 -16.22 8.04 50.03
CA PHE D 443 -16.72 9.36 50.40
C PHE D 443 -16.37 9.76 51.84
N ILE D 444 -15.13 10.19 52.03
CA ILE D 444 -14.57 10.45 53.33
C ILE D 444 -14.32 11.94 53.55
N GLU D 446 -12.00 13.71 54.51
CA GLU D 446 -10.59 14.11 54.37
C GLU D 446 -9.72 13.01 53.74
N LEU D 447 -8.98 13.39 52.70
CA LEU D 447 -8.08 12.46 52.02
C LEU D 447 -6.67 12.53 52.58
N PRO D 448 -6.10 11.36 52.86
CA PRO D 448 -4.73 11.28 53.34
C PRO D 448 -3.75 11.75 52.28
N GLU D 449 -4.11 11.52 51.01
CA GLU D 449 -3.34 12.03 49.88
C GLU D 449 -4.24 12.36 48.71
N ILE D 450 -3.88 13.41 47.99
CA ILE D 450 -4.73 13.96 46.94
C ILE D 450 -4.17 13.65 45.54
N THR D 451 -5.07 13.25 44.64
CA THR D 451 -4.72 13.04 43.24
C THR D 451 -5.40 14.08 42.34
N PHE D 452 -6.51 14.61 42.83
CA PHE D 452 -7.25 15.67 42.17
C PHE D 452 -7.73 16.67 43.22
N SER D 453 -7.37 17.94 43.06
CA SER D 453 -7.75 19.01 43.97
C SER D 453 -9.04 19.70 43.53
N GLY D 454 -10.09 19.61 44.34
CA GLY D 454 -11.35 20.34 44.09
C GLY D 454 -11.13 21.84 43.95
N LYS D 455 -10.32 22.39 44.84
CA LYS D 455 -9.95 23.80 44.86
C LYS D 455 -9.26 24.28 43.57
N ILE D 456 -8.25 23.55 43.12
CA ILE D 456 -7.52 23.91 41.90
C ILE D 456 -8.45 23.86 40.66
N ALA D 457 -9.38 22.88 40.67
CA ALA D 457 -10.36 22.74 39.60
C ALA D 457 -11.31 23.93 39.49
N LEU D 458 -11.75 24.45 40.63
CA LEU D 458 -12.64 25.62 40.66
C LEU D 458 -11.91 26.89 40.20
N GLU D 459 -10.66 27.01 40.61
CA GLU D 459 -9.83 28.18 40.28
C GLU D 459 -9.44 28.22 38.80
N ARG D 460 -9.36 27.04 38.18
CA ARG D 460 -9.18 26.94 36.74
C ARG D 460 -10.52 27.10 36.02
N GLY D 461 -11.61 27.02 36.78
CA GLY D 461 -12.94 27.29 36.25
C GLY D 461 -13.54 26.14 35.47
N LEU D 462 -13.39 24.92 35.99
CA LEU D 462 -13.85 23.69 35.32
C LEU D 462 -15.08 23.11 36.01
N ASP D 463 -15.96 22.51 35.21
CA ASP D 463 -17.21 21.91 35.69
C ASP D 463 -16.93 20.48 36.18
N VAL D 464 -17.17 20.23 37.47
CA VAL D 464 -16.84 18.94 38.08
C VAL D 464 -18.10 18.14 38.49
N ARG D 465 -18.16 16.88 38.06
CA ARG D 465 -19.26 16.00 38.42
C ARG D 465 -18.75 14.79 39.19
N TYR D 466 -19.64 14.16 39.93
CA TYR D 466 -19.34 12.91 40.62
C TYR D 466 -20.56 12.02 40.42
N ILE D 467 -20.44 11.02 39.54
CA ILE D 467 -21.60 10.21 39.19
C ILE D 467 -21.58 8.89 39.94
N THR D 468 -22.68 8.60 40.63
CA THR D 468 -22.78 7.38 41.42
C THR D 468 -24.01 6.56 41.03
N GLU D 469 -23.96 5.29 41.41
CA GLU D 469 -25.06 4.35 41.27
C GLU D 469 -26.39 4.91 41.78
N ARG D 470 -26.30 5.76 42.80
CA ARG D 470 -27.49 6.16 43.54
C ARG D 470 -27.73 7.67 43.54
N ALA D 471 -26.66 8.44 43.41
CA ALA D 471 -26.77 9.90 43.43
C ALA D 471 -25.67 10.61 42.64
N VAL D 472 -25.96 11.85 42.26
CA VAL D 472 -25.09 12.61 41.37
C VAL D 472 -24.77 13.98 41.98
N PHE D 473 -23.49 14.28 42.11
CA PHE D 473 -23.07 15.53 42.72
C PHE D 473 -22.42 16.48 41.72
N THR D 474 -22.36 17.75 42.09
CA THR D 474 -21.55 18.72 41.39
C THR D 474 -20.69 19.44 42.42
N LEU D 475 -19.55 19.98 41.98
CA LEU D 475 -18.71 20.72 42.89
C LEU D 475 -18.96 22.22 42.76
N LYS D 476 -19.05 22.88 43.91
CA LYS D 476 -19.34 24.31 43.97
C LYS D 476 -18.41 24.95 44.99
N GLU D 477 -18.22 26.26 44.88
CA GLU D 477 -17.43 27.00 45.86
C GLU D 477 -17.72 26.56 47.29
N ASP D 478 -19.00 26.61 47.68
CA ASP D 478 -19.41 26.16 48.99
C ASP D 478 -19.10 24.67 49.18
N LEU D 480 -19.87 20.58 47.32
CA LEU D 480 -20.52 19.46 46.66
C LEU D 480 -22.03 19.51 46.78
N HIS D 481 -22.71 19.79 45.67
CA HIS D 481 -24.16 19.91 45.68
C HIS D 481 -24.83 18.62 45.22
N LEU D 482 -25.57 17.97 46.10
CA LEU D 482 -26.41 16.88 45.63
C LEU D 482 -27.43 17.50 44.66
N ILE D 483 -27.46 16.97 43.43
CA ILE D 483 -28.35 17.52 42.41
C ILE D 483 -29.34 16.47 41.94
N GLU D 484 -29.09 15.22 42.31
CA GLU D 484 -29.90 14.12 41.82
C GLU D 484 -29.69 12.88 42.68
N ILE D 485 -30.74 12.08 42.81
CA ILE D 485 -30.67 10.86 43.60
C ILE D 485 -31.39 9.71 42.91
N ALA D 486 -30.92 8.49 43.14
CA ALA D 486 -31.49 7.30 42.52
C ALA D 486 -32.87 7.01 43.06
N PRO D 487 -33.75 6.52 42.20
CA PRO D 487 -35.10 6.11 42.58
C PRO D 487 -35.12 4.69 43.16
N GLY D 488 -35.63 4.55 44.37
CA GLY D 488 -35.64 3.28 45.07
C GLY D 488 -34.57 3.25 46.15
N VAL D 489 -34.23 4.44 46.65
CA VAL D 489 -33.13 4.59 47.59
C VAL D 489 -33.53 5.61 48.65
N ASP D 490 -32.88 5.58 49.81
CA ASP D 490 -33.20 6.53 50.86
C ASP D 490 -32.07 7.49 51.23
N LEU D 491 -32.33 8.77 51.02
CA LEU D 491 -31.39 9.83 51.38
C LEU D 491 -31.23 9.94 52.89
N ASP D 500 -19.06 10.26 55.44
CA ASP D 500 -18.24 10.88 56.47
C ASP D 500 -18.32 12.40 56.40
N PHE D 501 -19.30 12.91 55.68
CA PHE D 501 -19.52 14.36 55.65
C PHE D 501 -20.88 14.70 55.05
N THR D 502 -21.34 15.92 55.29
CA THR D 502 -22.63 16.35 54.78
C THR D 502 -22.46 17.31 53.61
N PRO D 503 -22.96 16.90 52.44
CA PRO D 503 -22.91 17.72 51.24
C PRO D 503 -24.10 18.65 51.09
N VAL D 504 -23.85 19.91 50.73
CA VAL D 504 -24.95 20.81 50.44
C VAL D 504 -26.05 20.02 49.74
N ILE D 505 -27.15 20.69 49.46
CA ILE D 505 -28.26 20.08 48.72
C ILE D 505 -28.81 21.08 47.72
N SER D 506 -29.16 20.60 46.54
CA SER D 506 -29.75 21.47 45.52
C SER D 506 -31.24 21.68 45.78
N PRO D 507 -31.71 22.90 45.54
CA PRO D 507 -33.13 23.17 45.51
C PRO D 507 -33.80 22.31 44.44
N GLU D 508 -33.05 21.98 43.38
CA GLU D 508 -33.57 21.17 42.30
C GLU D 508 -33.35 19.68 42.56
N LEU D 509 -32.75 19.37 43.70
CA LEU D 509 -32.54 17.98 44.09
C LEU D 509 -33.63 17.12 43.46
N LYS D 510 -33.22 16.27 42.52
CA LYS D 510 -34.17 15.49 41.72
C LYS D 510 -33.88 14.01 41.73
N LEU D 511 -34.82 13.22 41.24
CA LEU D 511 -34.60 11.81 41.03
C LEU D 511 -34.00 11.63 39.65
N MET D 512 -33.01 10.74 39.54
CA MET D 512 -32.30 10.56 38.28
C MET D 512 -33.24 10.06 37.18
N ASP D 513 -32.95 10.46 35.95
CA ASP D 513 -33.74 10.07 34.79
C ASP D 513 -34.27 8.64 34.94
N GLU D 514 -35.56 8.46 34.71
CA GLU D 514 -36.17 7.14 34.81
C GLU D 514 -35.62 6.20 33.76
N ARG D 515 -35.58 6.66 32.52
CA ARG D 515 -35.10 5.83 31.41
C ARG D 515 -33.83 5.10 31.79
N LEU D 516 -33.03 5.72 32.64
CA LEU D 516 -31.75 5.15 33.05
C LEU D 516 -31.92 3.78 33.69
N PHE D 517 -33.12 3.50 34.16
CA PHE D 517 -33.36 2.34 35.01
C PHE D 517 -34.25 1.27 34.37
N ILE D 518 -34.50 1.38 33.07
CA ILE D 518 -35.19 0.33 32.34
C ILE D 518 -34.25 -0.41 31.40
N ASP D 519 -34.40 -1.72 31.30
CA ASP D 519 -33.51 -2.50 30.45
C ASP D 519 -33.95 -2.39 28.99
N ALA D 520 -34.36 -1.18 28.61
CA ALA D 520 -34.76 -0.92 27.23
C ALA D 520 -33.85 0.13 26.60
N ALA D 521 -34.27 0.64 25.44
CA ALA D 521 -33.55 1.72 24.79
C ALA D 521 -33.96 3.04 25.42
N MET D 522 -32.98 3.77 25.93
CA MET D 522 -33.25 5.04 26.59
C MET D 522 -33.82 6.11 25.68
N GLY D 523 -33.69 5.91 24.37
CA GLY D 523 -34.13 6.93 23.42
C GLY D 523 -33.35 8.22 23.62
N PHE D 524 -32.18 8.08 24.22
CA PHE D 524 -31.31 9.22 24.49
C PHE D 524 -31.03 10.07 23.24
N VAL D 525 -30.95 11.38 23.43
CA VAL D 525 -30.51 12.30 22.39
C VAL D 525 -29.32 13.12 22.86
N LEU D 526 -28.25 13.09 22.08
CA LEU D 526 -27.03 13.81 22.44
C LEU D 526 -27.27 15.31 22.27
N PRO D 527 -27.07 16.07 23.35
CA PRO D 527 -27.19 17.51 23.28
C PRO D 527 -26.47 18.07 22.06
N GLU D 528 -26.97 19.17 21.52
CA GLU D 528 -26.35 19.80 20.36
C GLU D 528 -24.97 20.32 20.70
N ALA D 529 -24.30 20.87 19.69
CA ALA D 529 -22.93 21.34 19.85
C ALA D 529 -22.90 22.77 20.39
N1A COA E . 10.51 -47.11 -12.05
C2A COA E . 10.23 -47.20 -10.74
N3A COA E . 10.36 -46.16 -9.88
C4A COA E . 10.77 -44.94 -10.32
C5A COA E . 11.08 -44.77 -11.76
C6A COA E . 10.92 -45.96 -12.63
N6A COA E . 11.19 -45.89 -13.95
N7A COA E . 11.46 -43.48 -11.92
C8A COA E . 11.39 -42.88 -10.70
N9A COA E . 10.99 -43.75 -9.75
C1B COA E . 10.80 -43.46 -8.31
C2B COA E . 12.14 -43.38 -7.60
O2B COA E . 12.62 -44.66 -7.19
C3B COA E . 11.83 -42.48 -6.42
O3B COA E . 11.29 -43.26 -5.36
P3B COA E . 11.90 -43.24 -3.86
O7A COA E . 12.56 -41.89 -3.72
O8A COA E . 10.67 -43.43 -3.00
O9A COA E . 12.86 -44.42 -3.87
C4B COA E . 10.72 -41.56 -6.93
O4B COA E . 10.15 -42.20 -8.08
C5B COA E . 11.25 -40.17 -7.27
O5B COA E . 12.16 -40.21 -8.37
P1A COA E . 13.66 -39.59 -8.33
O1A COA E . 13.94 -38.96 -6.99
O2A COA E . 14.63 -40.61 -8.87
O3A COA E . 13.50 -38.39 -9.40
P2A COA E . 12.58 -37.10 -9.10
O4A COA E . 12.69 -36.70 -7.65
O5A COA E . 12.93 -36.09 -10.16
O6A COA E . 11.05 -37.58 -9.36
CBP COA E . 9.03 -37.89 -10.83
CCP COA E . 10.56 -37.87 -10.67
CDP COA E . 8.74 -38.39 -12.24
CEP COA E . 8.45 -38.88 -9.82
CAP COA E . 8.37 -36.51 -10.60
OAP COA E . 9.16 -35.43 -11.15
C9P COA E . 6.95 -36.41 -11.14
O9P COA E . 6.05 -37.10 -10.67
N8P COA E . 6.72 -35.53 -12.13
C7P COA E . 5.40 -35.32 -12.75
C6P COA E . 4.90 -33.89 -12.60
C5P COA E . 5.70 -32.92 -13.45
O5P COA E . 6.66 -33.31 -14.11
N4P COA E . 5.28 -31.66 -13.44
C3P COA E . 5.89 -30.56 -14.18
C2P COA E . 6.30 -29.48 -13.19
S1P COA E . 6.26 -27.87 -13.90
N1A COA F . -30.54 6.59 -38.45
C2A COA F . -29.85 7.74 -38.50
N3A COA F . -29.26 8.29 -37.42
C4A COA F . -29.34 7.69 -36.21
C5A COA F . -30.07 6.42 -36.07
C6A COA F . -30.70 5.89 -37.31
N6A COA F . -31.40 4.73 -37.31
N7A COA F . -29.99 6.06 -34.78
C8A COA F . -29.27 7.00 -34.14
N9A COA F . -28.86 7.97 -34.99
C1B COA F . -28.05 9.17 -34.65
C2B COA F . -28.92 10.16 -33.91
O2B COA F . -29.57 11.07 -34.82
C3B COA F . -27.96 10.86 -32.97
O3B COA F . -27.49 12.08 -33.52
P3B COA F . -28.18 13.51 -33.14
O7A COA F . -28.67 13.34 -31.71
O8A COA F . -27.03 14.48 -33.27
O9A COA F . -29.29 13.70 -34.16
C4B COA F . -26.82 9.87 -32.76
O4B COA F . -26.95 8.87 -33.79
C5B COA F . -26.83 9.26 -31.35
O5B COA F . -28.02 8.49 -31.10
P1A COA F . -29.03 8.75 -29.85
O1A COA F . -28.59 9.93 -29.02
O2A COA F . -30.44 8.74 -30.39
O3A COA F . -28.88 7.42 -28.95
P2A COA F . -27.52 6.93 -28.23
O4A COA F . -26.79 8.10 -27.62
O5A COA F . -27.99 5.81 -27.35
O6A COA F . -26.59 6.34 -29.43
CBP COA F . -25.76 4.48 -30.81
CCP COA F . -26.96 5.19 -30.17
CDP COA F . -26.30 3.24 -31.50
CEP COA F . -25.12 5.39 -31.83
CAP COA F . -24.69 4.10 -29.75
OAP COA F . -25.26 3.85 -28.46
C9P COA F . -23.82 2.93 -30.16
O9P COA F . -22.98 3.08 -31.04
N8P COA F . -24.00 1.76 -29.52
C7P COA F . -23.22 0.56 -29.82
C6P COA F . -22.09 0.28 -28.82
C5P COA F . -22.59 -0.60 -27.69
O5P COA F . -23.79 -0.80 -27.52
N4P COA F . -21.65 -1.14 -26.92
C3P COA F . -21.95 -2.00 -25.78
C2P COA F . -21.63 -1.26 -24.49
S1P COA F . -21.35 -2.41 -23.17
N1A COA G . 30.12 39.36 3.41
C2A COA G . 29.47 39.65 2.25
N3A COA G . 28.96 38.69 1.45
C4A COA G . 29.05 37.38 1.79
C5A COA G . 29.72 36.99 3.03
C6A COA G . 30.29 38.09 3.85
N6A COA G . 30.93 37.85 5.02
N7A COA G . 29.68 35.65 3.10
C8A COA G . 29.02 35.20 2.01
N9A COA G . 28.64 36.24 1.22
C1B COA G . 27.92 36.14 -0.07
C2B COA G . 28.91 35.56 -1.06
O2B COA G . 29.78 36.53 -1.64
C3B COA G . 28.02 34.91 -2.10
O3B COA G . 27.76 35.89 -3.12
P3B COA G . 28.56 35.86 -4.53
O7A COA G . 28.01 34.62 -5.21
O8A COA G . 28.16 37.16 -5.21
O9A COA G . 30.03 35.81 -4.19
C4B COA G . 26.76 34.54 -1.30
O4B COA G . 26.83 35.24 -0.05
C5B COA G . 26.69 33.03 -1.06
O5B COA G . 27.79 32.58 -0.27
P1A COA G . 28.70 31.32 -0.71
O1A COA G . 28.24 30.70 -2.00
O2A COA G . 30.14 31.76 -0.66
O3A COA G . 28.49 30.30 0.52
P2A COA G . 27.19 29.38 0.82
O4A COA G . 26.58 29.00 -0.50
O5A COA G . 27.65 28.29 1.76
O6A COA G . 26.15 30.28 1.65
CBP COA G . 25.12 31.22 3.74
CCP COA G . 26.38 30.75 2.99
CDP COA G . 25.58 31.78 5.07
CEP COA G . 24.42 32.31 2.94
CAP COA G . 24.09 30.08 3.92
OAP COA G . 24.73 28.82 4.11
C9P COA G . 23.06 30.29 5.03
O9P COA G . 22.04 30.93 4.79
N8P COA G . 23.31 29.74 6.23
C7P COA G . 22.42 29.86 7.39
C6P COA G . 21.42 28.70 7.52
C5P COA G . 22.14 27.42 7.93
O5P COA G . 23.36 27.30 7.79
N4P COA G . 21.36 26.45 8.41
C3P COA G . 21.92 25.17 8.83
C2P COA G . 21.51 23.99 7.96
S1P COA G . 21.12 22.59 8.99
#